data_7JWK
#
_entry.id   7JWK
#
_cell.length_a   91.600
_cell.length_b   94.170
_cell.length_c   172.800
_cell.angle_alpha   90.000
_cell.angle_beta   90.000
_cell.angle_gamma   90.000
#
_symmetry.space_group_name_H-M   'P 21 21 21'
#
loop_
_entity.id
_entity.type
_entity.pdbx_description
1 polymer 'Glyceraldehyde-3-phosphate dehydrogenase'
2 non-polymer NICOTINAMIDE-ADENINE-DINUCLEOTIDE
3 non-polymer 'PHOSPHATE ION'
4 non-polymer DI(HYDROXYETHYL)ETHER
5 water water
#
_entity_poly.entity_id   1
_entity_poly.type   'polypeptide(L)'
_entity_poly.pdbx_seq_one_letter_code
;MAHHHHHHRTIKVAINGFGRIGRLVFRSLLSKANVEVVAINDLTQPEVLAHLLKYDSAHGELKRKITVKQNILQIDRKKV
YVFSEKDPQNLPWDEHDIDVVIESTGRFVSEEGASLHLKAGAKRVIISAPAKEKTIRTVVYNVNHKTISSDDKIISAASC
TTNCLAPLVHVLEKNFGIVYGTMLTVHAYTADQRLQDAPHNDLRRARAAAVNIVPTTTGAAKAIGLVVPEANGKLNGMSL
RVPVLTGSIVELSVVLEKSPSVEQVNQAMKRFASASFKYCEDPIVSSDVVSSEYGSIFDSKLTNIVEVDGMKLYKVYAWY
DNESSYVHQLVRVVSYCAKL
;
_entity_poly.pdbx_strand_id   A,B,C,D
#
# COMPACT_ATOMS: atom_id res chain seq x y z
N THR A 10 39.97 12.44 14.66
CA THR A 10 39.35 11.31 13.95
C THR A 10 38.85 10.23 14.91
N ILE A 11 37.54 10.13 15.07
CA ILE A 11 36.96 9.32 16.13
C ILE A 11 36.50 7.99 15.58
N LYS A 12 36.58 6.97 16.43
CA LYS A 12 36.22 5.62 16.06
C LYS A 12 34.82 5.32 16.60
N VAL A 13 33.95 4.84 15.71
CA VAL A 13 32.54 4.67 16.02
C VAL A 13 32.19 3.20 15.88
N ALA A 14 31.38 2.72 16.81
CA ALA A 14 30.69 1.44 16.69
C ALA A 14 29.19 1.72 16.59
N ILE A 15 28.51 0.96 15.74
CA ILE A 15 27.08 1.06 15.61
C ILE A 15 26.48 -0.18 16.24
N ASN A 16 25.71 0.03 17.33
CA ASN A 16 24.96 -1.04 17.96
C ASN A 16 23.53 -1.01 17.43
N GLY A 17 23.13 -2.06 16.72
CA GLY A 17 21.82 -2.07 16.11
C GLY A 17 21.93 -1.57 14.68
N PHE A 18 22.21 -2.49 13.76
CA PHE A 18 22.46 -2.16 12.37
C PHE A 18 21.15 -2.22 11.58
N GLY A 19 20.17 -1.46 12.04
CA GLY A 19 18.83 -1.45 11.48
C GLY A 19 18.59 -0.30 10.52
N ARG A 20 17.34 0.14 10.45
CA ARG A 20 17.02 1.24 9.54
C ARG A 20 17.87 2.46 9.88
N ILE A 21 17.91 2.87 11.14
CA ILE A 21 18.72 4.03 11.50
C ILE A 21 20.21 3.71 11.43
N GLY A 22 20.63 2.57 12.00
CA GLY A 22 22.06 2.27 12.04
C GLY A 22 22.70 2.15 10.66
N ARG A 23 21.98 1.56 9.70
CA ARG A 23 22.55 1.36 8.37
C ARG A 23 22.63 2.67 7.61
N LEU A 24 21.60 3.51 7.73
CA LEU A 24 21.66 4.82 7.09
C LEU A 24 22.73 5.70 7.72
N VAL A 25 22.90 5.61 9.05
CA VAL A 25 24.01 6.33 9.69
C VAL A 25 25.35 5.81 9.16
N PHE A 26 25.48 4.48 9.01
CA PHE A 26 26.70 3.93 8.42
C PHE A 26 26.94 4.50 7.02
N ARG A 27 25.91 4.45 6.17
CA ARG A 27 26.05 5.00 4.82
C ARG A 27 26.54 6.44 4.86
N SER A 28 25.93 7.25 5.71
CA SER A 28 26.29 8.66 5.74
C SER A 28 27.70 8.89 6.29
N LEU A 29 28.13 8.08 7.27
CA LEU A 29 29.46 8.27 7.83
C LEU A 29 30.57 7.91 6.85
N LEU A 30 30.27 7.16 5.79
CA LEU A 30 31.29 6.84 4.80
C LEU A 30 31.90 8.08 4.18
N SER A 31 31.15 9.19 4.14
CA SER A 31 31.63 10.43 3.51
C SER A 31 32.05 11.50 4.52
N LYS A 32 32.07 11.18 5.81
CA LYS A 32 32.55 12.11 6.82
C LYS A 32 34.00 11.77 7.12
N ALA A 33 34.89 12.76 6.89
CA ALA A 33 36.33 12.50 6.91
C ALA A 33 36.84 12.16 8.29
N ASN A 34 36.30 12.80 9.34
CA ASN A 34 36.85 12.69 10.68
C ASN A 34 36.25 11.54 11.48
N VAL A 35 35.45 10.68 10.86
CA VAL A 35 34.69 9.66 11.58
C VAL A 35 34.83 8.34 10.81
N GLU A 36 35.30 7.31 11.51
CA GLU A 36 35.44 5.96 10.97
C GLU A 36 34.59 5.01 11.80
N VAL A 37 33.67 4.29 11.16
CA VAL A 37 32.99 3.19 11.82
C VAL A 37 33.88 1.95 11.73
N VAL A 38 34.30 1.45 12.88
CA VAL A 38 35.20 0.30 12.91
C VAL A 38 34.51 -0.98 13.35
N ALA A 39 33.28 -0.90 13.85
CA ALA A 39 32.59 -2.10 14.29
C ALA A 39 31.09 -1.85 14.23
N ILE A 40 30.35 -2.93 13.94
CA ILE A 40 28.89 -2.91 14.01
C ILE A 40 28.44 -4.18 14.72
N ASN A 41 27.25 -4.11 15.31
CA ASN A 41 26.71 -5.23 16.05
C ASN A 41 25.21 -5.35 15.77
N ASP A 42 24.75 -6.57 15.59
CA ASP A 42 23.32 -6.86 15.39
C ASP A 42 23.08 -8.30 15.83
N LEU A 43 22.03 -8.93 15.32
CA LEU A 43 21.68 -10.28 15.75
C LEU A 43 21.63 -11.27 14.60
N THR A 44 22.53 -11.15 13.62
CA THR A 44 22.46 -12.02 12.44
C THR A 44 23.86 -12.17 11.86
N GLN A 45 23.96 -12.94 10.78
CA GLN A 45 25.25 -13.18 10.14
C GLN A 45 25.72 -11.93 9.42
N PRO A 46 27.04 -11.74 9.29
CA PRO A 46 27.57 -10.59 8.55
C PRO A 46 27.04 -10.47 7.13
N GLU A 47 26.90 -11.60 6.43
CA GLU A 47 26.40 -11.58 5.05
C GLU A 47 25.01 -10.96 4.96
N VAL A 48 24.17 -11.18 5.97
CA VAL A 48 22.83 -10.58 5.96
C VAL A 48 22.94 -9.07 6.07
N LEU A 49 23.77 -8.59 7.00
CA LEU A 49 23.96 -7.15 7.17
C LEU A 49 24.55 -6.52 5.91
N ALA A 50 25.51 -7.20 5.27
CA ALA A 50 26.10 -6.62 4.07
C ALA A 50 25.06 -6.50 2.97
N HIS A 51 24.18 -7.49 2.86
CA HIS A 51 23.15 -7.40 1.84
C HIS A 51 22.15 -6.28 2.15
N LEU A 52 21.75 -6.14 3.42
CA LEU A 52 20.81 -5.08 3.78
C LEU A 52 21.45 -3.70 3.69
N LEU A 53 22.77 -3.62 3.91
CA LEU A 53 23.50 -2.38 3.71
C LEU A 53 23.49 -1.97 2.26
N LYS A 54 23.67 -2.94 1.34
CA LYS A 54 23.82 -2.62 -0.08
C LYS A 54 22.50 -2.18 -0.71
N TYR A 55 21.39 -2.86 -0.37
CA TYR A 55 20.11 -2.66 -1.03
C TYR A 55 19.09 -2.14 -0.03
N ASP A 56 18.45 -1.03 -0.37
CA ASP A 56 17.60 -0.32 0.58
C ASP A 56 16.30 0.06 -0.13
N SER A 57 15.17 -0.45 0.36
CA SER A 57 13.91 -0.30 -0.35
C SER A 57 13.54 1.16 -0.56
N ALA A 58 13.79 2.03 0.44
CA ALA A 58 13.43 3.44 0.30
C ALA A 58 14.54 4.28 -0.31
N HIS A 59 15.80 3.99 0.01
CA HIS A 59 16.88 4.92 -0.31
C HIS A 59 17.85 4.41 -1.37
N GLY A 60 17.51 3.35 -2.11
CA GLY A 60 18.31 2.95 -3.26
C GLY A 60 19.58 2.18 -2.89
N GLU A 61 20.32 1.80 -3.93
CA GLU A 61 21.50 0.95 -3.76
C GLU A 61 22.72 1.77 -3.34
N LEU A 62 23.54 1.18 -2.46
CA LEU A 62 24.84 1.73 -2.11
C LEU A 62 25.85 1.28 -3.16
N LYS A 63 26.33 2.22 -3.98
CA LYS A 63 27.20 1.87 -5.10
C LYS A 63 28.67 1.86 -4.65
N ARG A 64 28.98 0.92 -3.78
CA ARG A 64 30.34 0.62 -3.38
C ARG A 64 30.52 -0.90 -3.43
N LYS A 65 31.75 -1.33 -3.67
CA LYS A 65 32.08 -2.76 -3.57
C LYS A 65 32.00 -3.18 -2.11
N ILE A 66 31.11 -4.12 -1.82
CA ILE A 66 30.86 -4.58 -0.45
C ILE A 66 31.20 -6.06 -0.39
N THR A 67 32.13 -6.42 0.47
CA THR A 67 32.53 -7.81 0.61
C THR A 67 32.48 -8.22 2.07
N VAL A 68 32.36 -9.54 2.28
CA VAL A 68 32.44 -10.14 3.60
C VAL A 68 33.43 -11.28 3.56
N LYS A 69 34.38 -11.28 4.50
CA LYS A 69 35.25 -12.41 4.78
C LYS A 69 35.24 -12.63 6.28
N GLN A 70 34.75 -13.79 6.70
CA GLN A 70 34.60 -14.13 8.13
C GLN A 70 33.72 -13.06 8.78
N ASN A 71 34.11 -12.51 9.94
CA ASN A 71 33.37 -11.44 10.61
C ASN A 71 33.84 -10.05 10.21
N ILE A 72 34.42 -9.90 9.02
CA ILE A 72 34.97 -8.63 8.55
C ILE A 72 34.16 -8.15 7.35
N LEU A 73 33.50 -7.01 7.53
CA LEU A 73 32.83 -6.30 6.44
C LEU A 73 33.80 -5.31 5.81
N GLN A 74 34.07 -5.49 4.51
CA GLN A 74 34.95 -4.59 3.77
C GLN A 74 34.12 -3.73 2.84
N ILE A 75 34.36 -2.43 2.89
CA ILE A 75 33.74 -1.47 1.98
C ILE A 75 34.89 -0.83 1.21
N ASP A 76 35.06 -1.24 -0.04
CA ASP A 76 36.25 -0.92 -0.82
C ASP A 76 37.50 -1.26 -0.01
N ARG A 77 38.15 -0.27 0.61
CA ARG A 77 39.37 -0.51 1.36
C ARG A 77 39.17 -0.50 2.88
N LYS A 78 37.96 -0.19 3.37
CA LYS A 78 37.73 -0.07 4.81
C LYS A 78 37.30 -1.40 5.41
N LYS A 79 37.79 -1.69 6.61
CA LYS A 79 37.50 -2.94 7.30
C LYS A 79 36.69 -2.66 8.56
N VAL A 80 35.55 -3.34 8.69
CA VAL A 80 34.62 -3.12 9.80
C VAL A 80 34.36 -4.46 10.47
N TYR A 81 34.61 -4.53 11.77
CA TYR A 81 34.33 -5.75 12.52
C TYR A 81 32.83 -5.91 12.73
N VAL A 82 32.32 -7.10 12.49
CA VAL A 82 30.89 -7.38 12.63
C VAL A 82 30.71 -8.32 13.81
N PHE A 83 29.94 -7.89 14.79
CA PHE A 83 29.65 -8.71 15.95
C PHE A 83 28.16 -9.08 15.96
N SER A 84 27.84 -10.08 16.77
CA SER A 84 26.45 -10.48 16.97
C SER A 84 26.24 -10.78 18.46
N GLU A 85 26.27 -9.73 19.27
CA GLU A 85 26.25 -9.86 20.72
C GLU A 85 25.00 -9.17 21.26
N LYS A 86 24.09 -9.96 21.83
CA LYS A 86 22.83 -9.42 22.33
C LYS A 86 23.04 -8.59 23.60
N ASP A 87 24.08 -8.88 24.38
CA ASP A 87 24.41 -8.17 25.61
C ASP A 87 25.53 -7.18 25.33
N PRO A 88 25.26 -5.88 25.26
CA PRO A 88 26.33 -4.93 24.91
C PRO A 88 27.51 -4.92 25.88
N GLN A 89 27.33 -5.35 27.13
CA GLN A 89 28.47 -5.39 28.05
C GLN A 89 29.51 -6.44 27.64
N ASN A 90 29.14 -7.38 26.77
CA ASN A 90 30.09 -8.32 26.20
C ASN A 90 30.76 -7.82 24.93
N LEU A 91 30.48 -6.58 24.50
CA LEU A 91 31.12 -6.12 23.27
C LEU A 91 32.54 -5.63 23.56
N PRO A 92 33.48 -5.87 22.65
CA PRO A 92 34.91 -5.59 22.95
C PRO A 92 35.31 -4.16 22.60
N TRP A 93 34.61 -3.19 23.20
CA TRP A 93 34.78 -1.78 22.87
C TRP A 93 36.12 -1.23 23.33
N ASP A 94 36.63 -1.71 24.47
CA ASP A 94 37.93 -1.23 24.93
C ASP A 94 39.04 -1.68 23.99
N GLU A 95 38.96 -2.93 23.51
CA GLU A 95 39.98 -3.47 22.61
C GLU A 95 40.03 -2.68 21.29
N HIS A 96 38.89 -2.19 20.80
CA HIS A 96 38.84 -1.45 19.55
C HIS A 96 38.89 0.06 19.75
N ASP A 97 39.15 0.53 20.97
CA ASP A 97 39.31 1.95 21.28
CA ASP A 97 39.31 1.95 21.28
C ASP A 97 38.13 2.77 20.73
N ILE A 98 36.93 2.36 21.07
CA ILE A 98 35.74 3.01 20.55
C ILE A 98 35.57 4.37 21.20
N ASP A 99 35.46 5.42 20.39
CA ASP A 99 35.23 6.76 20.94
C ASP A 99 33.75 7.01 21.18
N VAL A 100 32.89 6.58 20.28
CA VAL A 100 31.46 6.81 20.39
C VAL A 100 30.74 5.55 19.93
N VAL A 101 29.79 5.06 20.73
CA VAL A 101 28.84 4.07 20.27
C VAL A 101 27.56 4.79 19.84
N ILE A 102 27.06 4.47 18.66
CA ILE A 102 25.72 4.89 18.27
C ILE A 102 24.79 3.74 18.66
N GLU A 103 23.91 4.01 19.61
CA GLU A 103 23.04 3.01 20.19
C GLU A 103 21.71 3.11 19.45
N SER A 104 21.53 2.23 18.47
CA SER A 104 20.34 2.31 17.62
C SER A 104 19.65 0.96 17.54
N THR A 105 19.62 0.21 18.64
CA THR A 105 18.80 -1.00 18.72
C THR A 105 17.34 -0.71 19.10
N GLY A 106 17.06 0.46 19.67
CA GLY A 106 15.79 0.63 20.37
C GLY A 106 15.67 -0.13 21.67
N ARG A 107 16.71 -0.85 22.11
CA ARG A 107 16.56 -1.65 23.31
C ARG A 107 17.42 -1.18 24.48
N PHE A 108 18.21 -0.10 24.32
CA PHE A 108 19.03 0.39 25.42
C PHE A 108 18.94 1.93 25.51
N VAL A 109 17.72 2.44 25.70
CA VAL A 109 17.50 3.89 25.74
C VAL A 109 17.49 4.43 27.16
N SER A 110 17.67 3.59 28.15
CA SER A 110 17.82 4.08 29.52
C SER A 110 19.28 4.40 29.80
N GLU A 111 19.51 5.19 30.85
CA GLU A 111 20.87 5.50 31.27
C GLU A 111 21.65 4.22 31.60
N GLU A 112 21.05 3.34 32.41
CA GLU A 112 21.69 2.08 32.75
C GLU A 112 21.95 1.23 31.51
N GLY A 113 20.96 1.13 30.62
CA GLY A 113 21.15 0.35 29.40
C GLY A 113 22.25 0.91 28.52
N ALA A 114 22.20 2.20 28.23
CA ALA A 114 23.22 2.78 27.38
C ALA A 114 24.60 2.71 28.01
N SER A 115 24.69 2.80 29.34
CA SER A 115 25.98 2.78 30.02
C SER A 115 26.63 1.41 29.99
N LEU A 116 25.91 0.37 29.56
CA LEU A 116 26.57 -0.91 29.40
C LEU A 116 27.70 -0.80 28.37
N HIS A 117 27.57 0.11 27.40
CA HIS A 117 28.64 0.34 26.45
C HIS A 117 29.85 0.99 27.11
N LEU A 118 29.61 1.86 28.09
CA LEU A 118 30.72 2.48 28.80
C LEU A 118 31.48 1.43 29.58
N LYS A 119 30.76 0.54 30.26
CA LYS A 119 31.40 -0.56 30.95
C LYS A 119 32.17 -1.44 29.98
N ALA A 120 31.69 -1.57 28.74
CA ALA A 120 32.41 -2.35 27.74
C ALA A 120 33.67 -1.65 27.24
N GLY A 121 33.85 -0.37 27.56
CA GLY A 121 35.06 0.35 27.18
C GLY A 121 34.84 1.50 26.21
N ALA A 122 33.63 1.77 25.75
CA ALA A 122 33.41 2.93 24.89
C ALA A 122 33.43 4.21 25.72
N LYS A 123 33.90 5.29 25.10
CA LYS A 123 34.05 6.53 25.86
C LYS A 123 32.78 7.36 25.90
N ARG A 124 31.86 7.16 24.96
CA ARG A 124 30.68 8.00 24.85
C ARG A 124 29.63 7.24 24.07
N VAL A 125 28.36 7.47 24.40
CA VAL A 125 27.24 6.81 23.75
C VAL A 125 26.24 7.86 23.27
N ILE A 126 25.80 7.73 22.02
CA ILE A 126 24.74 8.58 21.49
C ILE A 126 23.56 7.67 21.21
N ILE A 127 22.44 7.93 21.89
CA ILE A 127 21.25 7.10 21.74
C ILE A 127 20.44 7.67 20.59
N SER A 128 20.07 6.81 19.65
CA SER A 128 19.30 7.24 18.47
C SER A 128 17.81 7.39 18.77
N ALA A 129 17.46 7.92 19.95
CA ALA A 129 16.09 7.98 20.42
C ALA A 129 16.06 8.82 21.69
N PRO A 130 14.89 9.25 22.15
CA PRO A 130 14.84 9.89 23.47
C PRO A 130 15.32 8.92 24.53
N ALA A 131 15.98 9.46 25.54
CA ALA A 131 16.35 8.65 26.69
C ALA A 131 15.13 8.38 27.56
N LYS A 132 15.22 7.34 28.39
CA LYS A 132 14.14 7.08 29.32
C LYS A 132 14.04 8.14 30.41
N GLU A 133 15.17 8.73 30.81
CA GLU A 133 15.19 9.70 31.90
C GLU A 133 15.34 11.12 31.37
N LYS A 134 14.70 12.06 32.06
CA LYS A 134 14.74 13.48 31.72
C LYS A 134 16.11 14.11 31.98
N THR A 135 16.99 13.42 32.70
CA THR A 135 18.28 13.97 33.08
C THR A 135 19.36 13.76 32.03
N ILE A 136 19.11 12.98 30.98
CA ILE A 136 20.11 12.73 29.96
C ILE A 136 20.16 13.89 28.98
N ARG A 137 21.36 14.35 28.65
CA ARG A 137 21.54 15.38 27.63
C ARG A 137 20.87 14.99 26.32
N THR A 138 19.98 15.85 25.82
CA THR A 138 19.14 15.56 24.66
C THR A 138 19.23 16.71 23.69
N VAL A 139 19.64 16.45 22.44
CA VAL A 139 19.93 17.54 21.52
C VAL A 139 19.28 17.35 20.16
N VAL A 140 18.90 18.47 19.57
CA VAL A 140 18.56 18.57 18.16
C VAL A 140 19.65 19.44 17.53
N TYR A 141 20.37 18.88 16.56
CA TYR A 141 21.46 19.65 15.97
C TYR A 141 20.92 20.93 15.34
N ASN A 142 21.60 22.03 15.64
CA ASN A 142 21.31 23.38 15.21
C ASN A 142 20.10 23.96 15.94
N VAL A 143 19.67 23.36 17.04
CA VAL A 143 18.79 24.01 18.00
C VAL A 143 19.46 24.17 19.36
N ASN A 144 20.02 23.08 19.91
CA ASN A 144 20.68 23.20 21.21
C ASN A 144 21.90 22.30 21.34
N HIS A 145 22.52 21.86 20.24
CA HIS A 145 23.64 20.95 20.39
C HIS A 145 24.85 21.60 21.05
N LYS A 146 24.93 22.93 21.08
CA LYS A 146 26.05 23.54 21.78
C LYS A 146 25.92 23.45 23.29
N THR A 147 24.79 22.94 23.81
CA THR A 147 24.71 22.65 25.24
C THR A 147 25.46 21.38 25.62
N ILE A 148 25.94 20.59 24.66
CA ILE A 148 26.72 19.40 24.99
C ILE A 148 27.99 19.79 25.73
N SER A 149 28.28 19.06 26.81
CA SER A 149 29.52 19.21 27.57
C SER A 149 30.46 18.04 27.28
N SER A 150 31.76 18.32 27.32
CA SER A 150 32.73 17.23 27.19
C SER A 150 32.60 16.22 28.32
N ASP A 151 31.93 16.58 29.42
CA ASP A 151 31.62 15.65 30.50
C ASP A 151 30.40 14.77 30.21
N ASP A 152 29.66 14.99 29.12
CA ASP A 152 28.48 14.18 28.83
C ASP A 152 28.92 12.83 28.25
N LYS A 153 28.74 11.75 29.03
CA LYS A 153 29.08 10.41 28.56
C LYS A 153 27.97 9.78 27.73
N ILE A 154 26.70 10.12 28.00
CA ILE A 154 25.55 9.62 27.24
C ILE A 154 24.79 10.81 26.70
N ILE A 155 24.47 10.78 25.42
CA ILE A 155 23.77 11.87 24.76
C ILE A 155 22.62 11.28 23.95
N SER A 156 21.45 11.90 24.04
CA SER A 156 20.31 11.51 23.22
C SER A 156 20.16 12.48 22.07
N ALA A 157 20.04 11.95 20.85
CA ALA A 157 19.75 12.79 19.69
C ALA A 157 18.25 13.00 19.46
N ALA A 158 17.44 12.77 20.49
CA ALA A 158 15.99 12.96 20.45
C ALA A 158 15.34 11.98 19.49
N SER A 159 14.14 12.29 19.01
CA SER A 159 13.44 11.42 18.07
C SER A 159 13.36 12.10 16.71
N CYS A 160 12.90 11.35 15.71
CA CYS A 160 12.71 11.95 14.39
C CYS A 160 11.72 13.12 14.47
N THR A 161 10.58 12.92 15.15
CA THR A 161 9.60 13.99 15.24
C THR A 161 10.13 15.18 16.04
N THR A 162 10.96 14.93 17.06
CA THR A 162 11.53 16.04 17.82
C THR A 162 12.45 16.88 16.95
N ASN A 163 13.28 16.21 16.14
CA ASN A 163 14.17 16.94 15.24
C ASN A 163 13.38 17.74 14.21
N CYS A 164 12.19 17.26 13.82
CA CYS A 164 11.34 18.05 12.93
C CYS A 164 10.72 19.23 13.66
N LEU A 165 10.20 18.98 14.85
CA LEU A 165 9.40 19.96 15.56
C LEU A 165 10.26 21.08 16.16
N ALA A 166 11.45 20.74 16.63
CA ALA A 166 12.23 21.66 17.46
C ALA A 166 12.61 22.96 16.77
N PRO A 167 13.04 22.98 15.50
CA PRO A 167 13.30 24.29 14.86
C PRO A 167 12.08 25.19 14.86
N LEU A 168 10.89 24.63 14.60
CA LEU A 168 9.67 25.45 14.57
C LEU A 168 9.40 26.07 15.93
N VAL A 169 9.49 25.25 16.99
CA VAL A 169 9.26 25.73 18.34
C VAL A 169 10.33 26.75 18.72
N HIS A 170 11.59 26.48 18.36
CA HIS A 170 12.65 27.44 18.62
C HIS A 170 12.33 28.79 18.01
N VAL A 171 11.93 28.80 16.73
CA VAL A 171 11.67 30.07 16.06
C VAL A 171 10.48 30.78 16.69
N LEU A 172 9.40 30.04 16.96
CA LEU A 172 8.23 30.68 17.55
C LEU A 172 8.55 31.21 18.94
N GLU A 173 9.35 30.48 19.71
CA GLU A 173 9.65 30.93 21.07
C GLU A 173 10.54 32.16 21.06
N LYS A 174 11.59 32.16 20.25
CA LYS A 174 12.51 33.30 20.24
C LYS A 174 11.85 34.56 19.70
N ASN A 175 10.96 34.41 18.70
CA ASN A 175 10.39 35.56 18.03
C ASN A 175 9.08 36.04 18.67
N PHE A 176 8.20 35.13 19.07
CA PHE A 176 6.85 35.52 19.45
C PHE A 176 6.40 35.08 20.83
N GLY A 177 6.99 34.03 21.39
CA GLY A 177 6.56 33.50 22.66
C GLY A 177 5.37 32.56 22.53
N ILE A 178 5.56 31.27 22.89
CA ILE A 178 4.47 30.30 22.90
C ILE A 178 3.79 30.33 24.26
N VAL A 179 2.45 30.34 24.25
CA VAL A 179 1.67 30.21 25.46
C VAL A 179 1.36 28.73 25.66
N TYR A 180 0.69 28.11 24.69
CA TYR A 180 0.42 26.68 24.73
C TYR A 180 0.02 26.22 23.34
N GLY A 181 -0.06 24.91 23.16
CA GLY A 181 -0.49 24.39 21.88
C GLY A 181 -0.47 22.89 21.84
N THR A 182 -0.69 22.37 20.64
CA THR A 182 -0.79 20.95 20.37
C THR A 182 -0.01 20.65 19.11
N MET A 183 0.50 19.43 19.02
CA MET A 183 1.15 18.96 17.80
C MET A 183 0.61 17.59 17.46
N LEU A 184 0.62 17.31 16.17
CA LEU A 184 0.21 16.02 15.64
C LEU A 184 1.17 15.70 14.51
N THR A 185 1.73 14.50 14.53
CA THR A 185 2.55 14.03 13.43
C THR A 185 1.80 12.91 12.74
N VAL A 186 1.69 13.02 11.41
CA VAL A 186 1.26 11.93 10.56
C VAL A 186 2.51 11.31 9.95
N HIS A 187 2.71 10.04 10.23
CA HIS A 187 4.05 9.47 10.38
C HIS A 187 4.10 8.12 9.69
N ALA A 188 5.15 7.90 8.90
CA ALA A 188 5.36 6.62 8.23
C ALA A 188 5.46 5.49 9.24
N TYR A 189 5.06 4.29 8.82
CA TYR A 189 5.20 3.15 9.73
C TYR A 189 6.66 2.76 9.90
N THR A 190 6.97 2.17 11.06
CA THR A 190 8.34 1.80 11.39
C THR A 190 8.37 0.35 11.85
N ALA A 191 9.59 -0.16 12.06
CA ALA A 191 9.81 -1.56 12.41
C ALA A 191 9.21 -1.92 13.78
N ASP A 192 8.80 -0.95 14.58
CA ASP A 192 8.12 -1.22 15.84
C ASP A 192 6.64 -1.61 15.64
N GLN A 193 6.10 -1.45 14.43
CA GLN A 193 4.73 -1.85 14.12
C GLN A 193 4.70 -3.27 13.56
N ARG A 194 3.54 -3.75 13.14
CA ARG A 194 3.38 -5.14 12.70
C ARG A 194 2.93 -5.21 11.25
N LEU A 195 3.50 -6.14 10.48
CA LEU A 195 3.08 -6.29 9.09
C LEU A 195 1.68 -6.91 9.01
N GLN A 196 1.46 -7.97 9.77
CA GLN A 196 0.14 -8.56 10.01
C GLN A 196 -0.19 -8.42 11.48
N ASP A 197 -1.49 -8.25 11.79
CA ASP A 197 -1.98 -8.19 13.16
C ASP A 197 -1.26 -9.22 14.05
N ALA A 198 -0.51 -8.74 15.04
CA ALA A 198 0.30 -9.63 15.88
C ALA A 198 0.45 -9.00 17.25
N PRO A 199 0.85 -9.78 18.26
CA PRO A 199 1.00 -9.21 19.61
C PRO A 199 1.96 -8.03 19.67
N HIS A 200 1.59 -7.06 20.50
CA HIS A 200 2.32 -5.84 20.79
C HIS A 200 1.65 -5.27 22.05
N ASN A 201 2.43 -4.72 22.97
CA ASN A 201 1.82 -4.14 24.16
C ASN A 201 0.99 -2.90 23.85
N ASP A 202 1.30 -2.21 22.76
CA ASP A 202 0.47 -1.14 22.26
C ASP A 202 -0.50 -1.77 21.27
N LEU A 203 -1.77 -1.87 21.68
CA LEU A 203 -2.75 -2.66 20.96
C LEU A 203 -3.12 -2.07 19.60
N ARG A 204 -2.69 -0.84 19.30
CA ARG A 204 -2.88 -0.29 17.97
C ARG A 204 -1.66 -0.48 17.09
N ARG A 205 -0.45 -0.37 17.66
CA ARG A 205 0.77 -0.73 16.95
C ARG A 205 0.79 -2.22 16.61
N ALA A 206 -0.01 -3.03 17.28
CA ALA A 206 -0.18 -4.44 16.93
C ALA A 206 -0.77 -4.66 15.53
N ARG A 207 -1.38 -3.64 14.92
CA ARG A 207 -2.29 -3.86 13.79
C ARG A 207 -1.59 -3.64 12.44
N ALA A 208 -2.03 -4.40 11.43
CA ALA A 208 -1.35 -4.45 10.13
C ALA A 208 -1.02 -3.04 9.66
N ALA A 209 0.27 -2.73 9.56
CA ALA A 209 0.67 -1.32 9.51
C ALA A 209 0.43 -0.70 8.13
N ALA A 210 0.43 -1.48 7.08
CA ALA A 210 0.31 -0.90 5.73
C ALA A 210 -1.13 -0.77 5.26
N VAL A 211 -2.12 -1.02 6.13
CA VAL A 211 -3.52 -0.86 5.70
C VAL A 211 -4.29 -0.10 6.77
N ASN A 212 -3.60 0.50 7.74
CA ASN A 212 -4.27 1.09 8.90
C ASN A 212 -3.74 2.49 9.21
N ILE A 213 -4.64 3.38 9.59
CA ILE A 213 -4.29 4.56 10.36
C ILE A 213 -4.18 4.15 11.83
N VAL A 214 -3.04 4.42 12.47
CA VAL A 214 -2.75 3.87 13.79
C VAL A 214 -2.39 4.98 14.80
N PRO A 215 -3.29 5.31 15.73
CA PRO A 215 -2.97 6.33 16.74
C PRO A 215 -2.02 5.76 17.79
N THR A 216 -1.01 6.55 18.15
CA THR A 216 -0.02 6.08 19.12
C THR A 216 0.78 7.27 19.66
N THR A 217 1.75 6.97 20.49
CA THR A 217 2.56 8.01 21.11
C THR A 217 3.63 8.55 20.15
N THR A 218 4.12 9.75 20.46
CA THR A 218 5.31 10.29 19.81
C THR A 218 6.31 10.73 20.87
N GLY A 219 7.60 10.44 20.60
CA GLY A 219 8.68 10.87 21.47
C GLY A 219 8.86 12.37 21.55
N ALA A 220 8.36 13.11 20.54
CA ALA A 220 8.45 14.57 20.60
C ALA A 220 7.70 15.15 21.79
N ALA A 221 6.74 14.40 22.35
CA ALA A 221 5.94 14.93 23.44
C ALA A 221 6.78 15.13 24.69
N LYS A 222 7.62 14.14 25.01
CA LYS A 222 8.46 14.22 26.21
C LYS A 222 9.86 14.78 25.94
N ALA A 223 10.28 14.88 24.67
CA ALA A 223 11.60 15.40 24.35
C ALA A 223 11.64 16.88 24.03
N ILE A 224 10.52 17.50 23.59
CA ILE A 224 10.56 18.88 23.10
C ILE A 224 10.96 19.84 24.22
N GLY A 225 10.47 19.61 25.43
CA GLY A 225 10.81 20.52 26.52
C GLY A 225 12.27 20.43 26.95
N LEU A 226 12.93 19.32 26.63
CA LEU A 226 14.35 19.18 26.89
C LEU A 226 15.20 19.91 25.84
N VAL A 227 14.71 20.00 24.61
CA VAL A 227 15.48 20.65 23.55
C VAL A 227 15.27 22.15 23.53
N VAL A 228 14.05 22.62 23.78
CA VAL A 228 13.78 24.05 23.89
C VAL A 228 13.24 24.30 25.29
N PRO A 229 14.10 24.60 26.26
CA PRO A 229 13.64 24.61 27.67
C PRO A 229 12.46 25.53 27.92
N GLU A 230 12.42 26.72 27.30
CA GLU A 230 11.33 27.64 27.63
C GLU A 230 9.98 27.16 27.12
N ALA A 231 9.95 26.18 26.23
CA ALA A 231 8.69 25.59 25.78
C ALA A 231 8.26 24.40 26.63
N ASN A 232 8.98 24.13 27.73
CA ASN A 232 8.69 22.98 28.56
C ASN A 232 7.26 23.03 29.10
N GLY A 233 6.50 21.95 28.91
CA GLY A 233 5.18 21.85 29.48
C GLY A 233 4.08 22.53 28.69
N LYS A 234 4.40 23.20 27.58
CA LYS A 234 3.39 23.98 26.86
C LYS A 234 2.69 23.21 25.75
N LEU A 235 3.27 22.10 25.28
CA LEU A 235 2.75 21.37 24.14
C LEU A 235 2.50 19.91 24.51
N ASN A 236 1.49 19.31 23.88
CA ASN A 236 1.36 17.86 23.88
C ASN A 236 0.85 17.43 22.52
N GLY A 237 0.99 16.15 22.24
CA GLY A 237 0.41 15.62 21.03
C GLY A 237 0.68 14.14 20.85
N MET A 238 0.29 13.63 19.68
CA MET A 238 0.40 12.21 19.47
C MET A 238 0.71 11.99 18.00
N SER A 239 0.74 10.72 17.62
CA SER A 239 1.14 10.28 16.30
C SER A 239 0.05 9.45 15.66
N LEU A 240 -0.19 9.68 14.38
CA LEU A 240 -1.03 8.78 13.57
C LEU A 240 -0.10 8.14 12.54
N ARG A 241 0.25 6.89 12.77
CA ARG A 241 1.05 6.13 11.82
C ARG A 241 0.18 5.72 10.64
N VAL A 242 0.71 5.88 9.42
CA VAL A 242 -0.09 5.63 8.22
C VAL A 242 0.74 4.85 7.20
N PRO A 243 0.13 4.31 6.13
CA PRO A 243 0.93 3.44 5.26
C PRO A 243 1.73 4.17 4.18
N VAL A 244 2.84 4.78 4.61
CA VAL A 244 3.91 5.15 3.70
C VAL A 244 5.19 4.60 4.28
N LEU A 245 6.09 4.15 3.40
CA LEU A 245 7.31 3.48 3.83
C LEU A 245 8.19 4.39 4.67
N THR A 246 8.35 5.64 4.26
CA THR A 246 9.12 6.62 5.01
C THR A 246 8.64 8.00 4.59
N GLY A 247 8.79 8.99 5.48
CA GLY A 247 8.26 10.32 5.20
C GLY A 247 7.12 10.67 6.13
N SER A 248 7.14 11.87 6.74
CA SER A 248 6.18 12.23 7.77
C SER A 248 5.97 13.75 7.77
N ILE A 249 4.95 14.20 8.49
CA ILE A 249 4.65 15.63 8.60
C ILE A 249 4.14 15.94 10.00
N VAL A 250 4.51 17.14 10.50
CA VAL A 250 4.05 17.65 11.78
C VAL A 250 3.14 18.85 11.55
N GLU A 251 2.00 18.87 12.24
CA GLU A 251 1.17 20.06 12.35
C GLU A 251 1.28 20.57 13.78
N LEU A 252 1.74 21.81 13.93
CA LEU A 252 1.85 22.46 15.24
C LEU A 252 0.86 23.63 15.29
N SER A 253 -0.04 23.61 16.26
CA SER A 253 -1.03 24.66 16.47
C SER A 253 -0.80 25.26 17.85
N VAL A 254 -0.49 26.56 17.89
CA VAL A 254 -0.09 27.20 19.14
C VAL A 254 -0.73 28.58 19.25
N VAL A 255 -1.01 28.97 20.48
CA VAL A 255 -1.29 30.35 20.81
C VAL A 255 0.04 31.04 21.09
N LEU A 256 0.21 32.22 20.51
CA LEU A 256 1.42 33.01 20.65
C LEU A 256 1.15 34.23 21.51
N GLU A 257 2.21 34.77 22.11
CA GLU A 257 2.08 35.99 22.90
C GLU A 257 1.95 37.21 22.00
N LYS A 258 2.89 37.39 21.07
CA LYS A 258 2.74 38.41 20.06
C LYS A 258 1.74 37.96 19.00
N SER A 259 1.45 38.85 18.07
CA SER A 259 0.44 38.61 17.02
C SER A 259 1.01 38.90 15.64
N PRO A 260 1.98 38.11 15.20
CA PRO A 260 2.54 38.33 13.87
C PRO A 260 1.55 37.97 12.77
N SER A 261 1.81 38.50 11.59
CA SER A 261 1.10 38.08 10.41
C SER A 261 1.65 36.75 9.91
N VAL A 262 0.91 36.14 8.98
CA VAL A 262 1.39 34.93 8.33
C VAL A 262 2.75 35.19 7.70
N GLU A 263 2.89 36.34 7.03
CA GLU A 263 4.14 36.67 6.35
C GLU A 263 5.30 36.78 7.33
N GLN A 264 5.04 37.32 8.52
CA GLN A 264 6.10 37.47 9.50
C GLN A 264 6.52 36.14 10.09
N VAL A 265 5.56 35.25 10.36
CA VAL A 265 5.89 33.92 10.82
C VAL A 265 6.75 33.21 9.78
N ASN A 266 6.34 33.27 8.51
CA ASN A 266 7.11 32.60 7.46
C ASN A 266 8.51 33.18 7.34
N GLN A 267 8.62 34.51 7.43
CA GLN A 267 9.92 35.16 7.36
C GLN A 267 10.80 34.78 8.54
N ALA A 268 10.20 34.64 9.72
CA ALA A 268 10.99 34.20 10.87
C ALA A 268 11.54 32.80 10.65
N MET A 269 10.79 31.94 9.96
CA MET A 269 11.28 30.59 9.68
C MET A 269 12.39 30.61 8.62
N LYS A 270 12.19 31.38 7.55
CA LYS A 270 13.23 31.50 6.51
C LYS A 270 14.56 31.95 7.10
N ARG A 271 14.53 32.84 8.09
CA ARG A 271 15.78 33.35 8.65
C ARG A 271 16.56 32.30 9.43
N PHE A 272 15.89 31.26 9.93
CA PHE A 272 16.54 30.19 10.67
C PHE A 272 16.98 29.05 9.75
N ALA A 273 16.89 29.24 8.44
CA ALA A 273 17.26 28.18 7.51
C ALA A 273 18.73 27.81 7.69
N SER A 274 19.02 26.52 7.57
CA SER A 274 20.38 26.01 7.71
C SER A 274 20.45 24.66 6.99
N ALA A 275 21.59 23.98 7.15
CA ALA A 275 21.70 22.59 6.72
C ALA A 275 20.67 21.69 7.40
N SER A 276 20.16 22.07 8.57
CA SER A 276 19.17 21.26 9.27
C SER A 276 17.73 21.69 9.03
N PHE A 277 17.49 22.90 8.51
CA PHE A 277 16.17 23.50 8.43
C PHE A 277 15.98 24.11 7.05
N LYS A 278 15.14 23.49 6.24
CA LYS A 278 14.88 23.91 4.87
C LYS A 278 13.63 24.77 4.83
N TYR A 279 13.69 25.88 4.07
CA TYR A 279 12.52 26.72 3.83
C TYR A 279 11.92 26.34 2.48
N CYS A 280 10.80 25.64 2.51
CA CYS A 280 10.15 25.18 1.29
C CYS A 280 9.05 26.15 0.89
N GLU A 281 8.89 26.35 -0.43
CA GLU A 281 7.86 27.23 -0.96
C GLU A 281 6.96 26.55 -1.96
N ASP A 282 7.13 25.25 -2.18
CA ASP A 282 6.43 24.52 -3.23
C ASP A 282 5.37 23.59 -2.63
N PRO A 283 4.29 23.33 -3.38
CA PRO A 283 3.23 22.43 -2.86
C PRO A 283 3.59 20.94 -2.98
N ILE A 284 4.35 20.46 -2.01
CA ILE A 284 4.95 19.12 -2.06
C ILE A 284 4.10 18.14 -1.27
N VAL A 285 4.45 16.84 -1.38
CA VAL A 285 3.86 15.74 -0.62
C VAL A 285 5.00 14.89 -0.04
N SER A 286 4.64 13.87 0.75
CA SER A 286 5.65 13.21 1.58
C SER A 286 6.79 12.61 0.75
N SER A 287 6.49 12.05 -0.43
CA SER A 287 7.56 11.37 -1.16
C SER A 287 8.65 12.34 -1.58
N ASP A 288 8.34 13.63 -1.65
CA ASP A 288 9.31 14.63 -2.05
C ASP A 288 10.38 14.89 -0.99
N VAL A 289 10.25 14.34 0.21
CA VAL A 289 11.29 14.49 1.22
C VAL A 289 12.05 13.21 1.47
N VAL A 290 11.74 12.12 0.76
CA VAL A 290 12.43 10.86 0.98
C VAL A 290 13.92 11.07 0.71
N SER A 291 14.77 10.63 1.64
CA SER A 291 16.23 10.76 1.59
C SER A 291 16.73 12.18 1.83
N SER A 292 15.89 13.09 2.31
CA SER A 292 16.34 14.45 2.59
C SER A 292 17.45 14.47 3.64
N GLU A 293 18.37 15.42 3.52
CA GLU A 293 19.42 15.61 4.52
C GLU A 293 19.09 16.71 5.52
N TYR A 294 17.95 17.37 5.34
CA TYR A 294 17.45 18.36 6.30
C TYR A 294 16.73 17.64 7.42
N GLY A 295 16.97 18.11 8.65
CA GLY A 295 16.22 17.56 9.78
C GLY A 295 14.77 17.97 9.78
N SER A 296 14.43 19.06 9.10
CA SER A 296 13.08 19.60 9.06
C SER A 296 12.92 20.41 7.78
N ILE A 297 11.75 20.29 7.15
CA ILE A 297 11.44 20.99 5.91
C ILE A 297 10.15 21.78 6.13
N PHE A 298 10.28 23.10 6.31
CA PHE A 298 9.15 23.96 6.63
C PHE A 298 8.26 24.19 5.40
N ASP A 299 6.96 23.96 5.54
CA ASP A 299 5.99 24.11 4.44
C ASP A 299 5.33 25.48 4.57
N SER A 300 5.95 26.49 3.95
CA SER A 300 5.46 27.85 4.14
C SER A 300 4.10 28.10 3.50
N LYS A 301 3.71 27.33 2.46
CA LYS A 301 2.40 27.52 1.86
C LYS A 301 1.26 27.11 2.78
N LEU A 302 1.52 26.29 3.80
CA LEU A 302 0.44 25.83 4.69
C LEU A 302 0.20 26.74 5.88
N THR A 303 1.17 27.60 6.24
CA THR A 303 1.01 28.48 7.39
C THR A 303 -0.31 29.24 7.31
N ASN A 304 -1.07 29.22 8.41
CA ASN A 304 -2.29 29.98 8.46
C ASN A 304 -2.63 30.28 9.91
N ILE A 305 -3.54 31.24 10.09
CA ILE A 305 -4.00 31.66 11.41
C ILE A 305 -5.49 31.41 11.47
N VAL A 306 -5.95 30.82 12.57
CA VAL A 306 -7.37 30.77 12.88
C VAL A 306 -7.68 31.96 13.79
N GLU A 307 -8.58 32.83 13.36
CA GLU A 307 -8.85 34.10 14.02
C GLU A 307 -10.33 34.16 14.38
N VAL A 308 -10.63 34.18 15.68
CA VAL A 308 -12.00 34.17 16.18
C VAL A 308 -12.09 35.22 17.27
N ASP A 309 -12.90 36.26 17.04
CA ASP A 309 -13.19 37.29 18.05
C ASP A 309 -11.92 37.82 18.73
N GLY A 310 -10.86 38.04 17.95
CA GLY A 310 -9.60 38.47 18.50
C GLY A 310 -8.68 37.39 19.02
N MET A 311 -9.13 36.13 19.12
CA MET A 311 -8.25 35.02 19.48
C MET A 311 -7.54 34.49 18.24
N LYS A 312 -6.26 34.16 18.37
CA LYS A 312 -5.47 33.70 17.22
C LYS A 312 -4.87 32.34 17.52
N LEU A 313 -5.05 31.40 16.60
CA LEU A 313 -4.40 30.09 16.71
C LEU A 313 -3.52 29.92 15.47
N TYR A 314 -2.20 29.85 15.71
CA TYR A 314 -1.20 29.77 14.65
C TYR A 314 -0.91 28.31 14.32
N LYS A 315 -0.95 27.97 13.03
CA LYS A 315 -0.75 26.61 12.57
C LYS A 315 0.39 26.59 11.56
N VAL A 316 1.42 25.78 11.84
CA VAL A 316 2.60 25.67 11.00
C VAL A 316 2.90 24.19 10.76
N TYR A 317 3.55 23.90 9.64
CA TYR A 317 3.76 22.54 9.17
C TYR A 317 5.19 22.35 8.72
N ALA A 318 5.73 21.17 9.00
CA ALA A 318 7.06 20.82 8.51
C ALA A 318 7.09 19.33 8.22
N TRP A 319 7.79 18.98 7.15
CA TRP A 319 8.00 17.60 6.76
C TRP A 319 9.35 17.11 7.27
N TYR A 320 9.52 15.79 7.20
CA TYR A 320 10.78 15.15 7.54
C TYR A 320 10.75 13.73 7.03
N ASP A 321 11.87 13.26 6.48
CA ASP A 321 12.03 11.83 6.28
C ASP A 321 12.45 11.27 7.61
N ASN A 322 11.51 10.62 8.30
CA ASN A 322 11.80 10.15 9.66
C ASN A 322 13.05 9.30 9.71
N GLU A 323 13.43 8.67 8.60
CA GLU A 323 14.74 8.02 8.53
C GLU A 323 15.85 9.04 8.22
N SER A 324 15.91 9.52 6.97
CA SER A 324 17.08 10.25 6.51
C SER A 324 17.26 11.57 7.26
N SER A 325 16.18 12.33 7.46
CA SER A 325 16.27 13.59 8.19
C SER A 325 16.90 13.38 9.55
N TYR A 326 16.42 12.38 10.27
CA TYR A 326 16.95 12.10 11.59
C TYR A 326 18.40 11.65 11.50
N VAL A 327 18.71 10.81 10.50
CA VAL A 327 20.05 10.23 10.39
C VAL A 327 21.10 11.31 10.20
N HIS A 328 20.82 12.30 9.34
CA HIS A 328 21.83 13.32 9.07
C HIS A 328 21.96 14.30 10.24
N GLN A 329 20.88 14.52 10.99
CA GLN A 329 20.96 15.23 12.26
C GLN A 329 21.85 14.49 13.25
N LEU A 330 21.63 13.18 13.41
CA LEU A 330 22.48 12.39 14.29
C LEU A 330 23.93 12.42 13.81
N VAL A 331 24.14 12.34 12.50
CA VAL A 331 25.50 12.40 12.00
C VAL A 331 26.13 13.75 12.34
N ARG A 332 25.36 14.84 12.23
CA ARG A 332 25.90 16.15 12.61
C ARG A 332 26.28 16.19 14.10
N VAL A 333 25.53 15.48 14.95
CA VAL A 333 25.87 15.44 16.37
C VAL A 333 27.18 14.68 16.58
N VAL A 334 27.34 13.55 15.89
CA VAL A 334 28.56 12.76 16.03
C VAL A 334 29.78 13.56 15.60
N SER A 335 29.68 14.27 14.46
CA SER A 335 30.81 15.09 14.00
C SER A 335 31.16 16.17 15.01
N TYR A 336 30.15 16.79 15.62
CA TYR A 336 30.41 17.81 16.62
C TYR A 336 31.11 17.22 17.84
N CYS A 337 30.76 15.98 18.22
CA CYS A 337 31.42 15.35 19.35
C CYS A 337 32.88 15.06 19.05
N ALA A 338 33.24 14.91 17.77
CA ALA A 338 34.64 14.75 17.38
C ALA A 338 35.48 15.94 17.84
N LYS A 339 34.91 17.13 17.81
CA LYS A 339 35.59 18.37 18.18
C LYS A 339 35.44 18.67 19.67
N LEU A 340 35.54 17.66 20.52
CA LEU A 340 35.19 17.81 21.94
C LEU A 340 36.26 17.25 22.88
N THR B 10 -44.36 5.29 -0.27
CA THR B 10 -43.17 4.83 -0.95
C THR B 10 -42.71 5.88 -1.96
N ILE B 11 -41.42 6.21 -1.95
CA ILE B 11 -40.88 7.23 -2.83
C ILE B 11 -39.97 6.56 -3.85
N LYS B 12 -39.97 7.14 -5.06
CA LYS B 12 -39.16 6.69 -6.17
C LYS B 12 -37.88 7.53 -6.22
N VAL B 13 -36.73 6.87 -6.28
CA VAL B 13 -35.44 7.53 -6.22
C VAL B 13 -34.66 7.22 -7.50
N ALA B 14 -33.92 8.22 -7.97
CA ALA B 14 -32.93 8.04 -9.01
C ALA B 14 -31.57 8.38 -8.42
N ILE B 15 -30.52 7.69 -8.87
CA ILE B 15 -29.17 8.00 -8.44
C ILE B 15 -28.39 8.51 -9.63
N ASN B 16 -27.90 9.74 -9.55
CA ASN B 16 -27.06 10.34 -10.59
C ASN B 16 -25.61 10.25 -10.16
N GLY B 17 -24.83 9.43 -10.85
CA GLY B 17 -23.46 9.17 -10.47
C GLY B 17 -23.38 7.88 -9.70
N PHE B 18 -23.19 6.77 -10.41
CA PHE B 18 -23.20 5.44 -9.80
C PHE B 18 -21.78 5.04 -9.39
N GLY B 19 -21.15 5.90 -8.59
CA GLY B 19 -19.76 5.75 -8.19
C GLY B 19 -19.62 5.08 -6.84
N ARG B 20 -18.53 5.41 -6.14
CA ARG B 20 -18.35 4.84 -4.79
C ARG B 20 -19.57 5.14 -3.93
N ILE B 21 -19.99 6.41 -3.85
CA ILE B 21 -21.12 6.76 -3.00
C ILE B 21 -22.44 6.27 -3.60
N GLY B 22 -22.64 6.48 -4.91
CA GLY B 22 -23.90 6.10 -5.54
C GLY B 22 -24.22 4.62 -5.41
N ARG B 23 -23.20 3.76 -5.61
CA ARG B 23 -23.41 2.31 -5.54
C ARG B 23 -23.64 1.84 -4.11
N LEU B 24 -22.91 2.40 -3.14
CA LEU B 24 -23.17 1.99 -1.77
C LEU B 24 -24.53 2.50 -1.30
N VAL B 25 -24.95 3.69 -1.76
CA VAL B 25 -26.30 4.15 -1.45
C VAL B 25 -27.31 3.18 -2.05
N PHE B 26 -27.09 2.78 -3.31
CA PHE B 26 -28.00 1.84 -3.95
C PHE B 26 -28.09 0.57 -3.12
N ARG B 27 -26.93 0.03 -2.73
CA ARG B 27 -26.89 -1.21 -1.95
C ARG B 27 -27.70 -1.09 -0.67
N SER B 28 -27.51 0.01 0.05
CA SER B 28 -28.21 0.21 1.30
C SER B 28 -29.72 0.41 1.08
N LEU B 29 -30.10 1.07 -0.01
CA LEU B 29 -31.52 1.29 -0.25
C LEU B 29 -32.26 0.00 -0.57
N LEU B 30 -31.55 -1.07 -0.96
CA LEU B 30 -32.23 -2.33 -1.24
C LEU B 30 -32.93 -2.89 -0.01
N SER B 31 -32.50 -2.51 1.19
CA SER B 31 -33.10 -3.01 2.43
C SER B 31 -34.07 -2.02 3.06
N LYS B 32 -34.38 -0.91 2.39
CA LYS B 32 -35.32 0.09 2.91
C LYS B 32 -36.60 0.02 2.08
N ALA B 33 -37.71 -0.41 2.69
CA ALA B 33 -38.88 -0.78 1.91
C ALA B 33 -39.72 0.43 1.45
N ASN B 34 -39.58 1.59 2.08
CA ASN B 34 -40.33 2.76 1.64
C ASN B 34 -39.63 3.53 0.54
N VAL B 35 -38.47 3.05 0.07
CA VAL B 35 -37.63 3.74 -0.90
C VAL B 35 -37.29 2.75 -2.00
N GLU B 36 -37.68 3.07 -3.23
CA GLU B 36 -37.35 2.24 -4.39
C GLU B 36 -36.50 3.06 -5.34
N VAL B 37 -35.28 2.59 -5.60
CA VAL B 37 -34.46 3.17 -6.66
C VAL B 37 -34.99 2.63 -7.99
N VAL B 38 -35.55 3.52 -8.82
CA VAL B 38 -36.10 3.08 -10.10
C VAL B 38 -35.19 3.45 -11.27
N ALA B 39 -34.19 4.29 -11.07
CA ALA B 39 -33.31 4.67 -12.17
C ALA B 39 -31.94 5.02 -11.63
N ILE B 40 -30.92 4.79 -12.46
CA ILE B 40 -29.55 5.22 -12.17
C ILE B 40 -28.94 5.80 -13.45
N ASN B 41 -27.94 6.67 -13.27
CA ASN B 41 -27.28 7.32 -14.40
C ASN B 41 -25.78 7.39 -14.17
N ASP B 42 -25.03 7.21 -15.25
CA ASP B 42 -23.58 7.31 -15.21
C ASP B 42 -23.10 7.45 -16.65
N LEU B 43 -21.82 7.18 -16.87
CA LEU B 43 -21.19 7.45 -18.16
C LEU B 43 -20.66 6.18 -18.80
N THR B 44 -21.34 5.06 -18.59
CA THR B 44 -20.79 3.81 -19.09
C THR B 44 -21.91 2.83 -19.43
N GLN B 45 -21.52 1.67 -19.93
CA GLN B 45 -22.47 0.64 -20.29
C GLN B 45 -23.12 0.05 -19.03
N PRO B 46 -24.37 -0.40 -19.13
CA PRO B 46 -25.02 -1.00 -17.95
C PRO B 46 -24.28 -2.21 -17.42
N GLU B 47 -23.67 -3.01 -18.30
CA GLU B 47 -22.89 -4.16 -17.85
C GLU B 47 -21.76 -3.75 -16.91
N VAL B 48 -21.08 -2.64 -17.22
CA VAL B 48 -20.02 -2.14 -16.34
C VAL B 48 -20.61 -1.79 -14.97
N LEU B 49 -21.75 -1.11 -14.96
CA LEU B 49 -22.36 -0.72 -13.69
C LEU B 49 -22.78 -1.94 -12.88
N ALA B 50 -23.34 -2.94 -13.56
CA ALA B 50 -23.79 -4.14 -12.85
C ALA B 50 -22.62 -4.82 -12.16
N HIS B 51 -21.51 -4.99 -12.87
CA HIS B 51 -20.32 -5.63 -12.31
C HIS B 51 -19.76 -4.83 -11.11
N LEU B 52 -19.68 -3.51 -11.23
CA LEU B 52 -19.15 -2.71 -10.12
C LEU B 52 -20.09 -2.71 -8.91
N LEU B 53 -21.40 -2.87 -9.15
CA LEU B 53 -22.35 -3.02 -8.05
C LEU B 53 -22.15 -4.37 -7.35
N LYS B 54 -21.86 -5.41 -8.12
CA LYS B 54 -21.71 -6.75 -7.56
C LYS B 54 -20.43 -6.88 -6.74
N TYR B 55 -19.30 -6.42 -7.28
CA TYR B 55 -17.99 -6.62 -6.66
C TYR B 55 -17.43 -5.30 -6.15
N ASP B 56 -17.08 -5.24 -4.88
CA ASP B 56 -16.64 -3.99 -4.28
C ASP B 56 -15.37 -4.24 -3.49
N SER B 57 -14.28 -3.56 -3.86
CA SER B 57 -12.98 -3.91 -3.30
C SER B 57 -12.96 -3.78 -1.79
N ALA B 58 -13.59 -2.72 -1.23
CA ALA B 58 -13.57 -2.52 0.23
C ALA B 58 -14.72 -3.19 0.96
N HIS B 59 -15.90 -3.31 0.36
CA HIS B 59 -17.08 -3.71 1.12
C HIS B 59 -17.61 -5.08 0.73
N GLY B 60 -16.93 -5.82 -0.15
CA GLY B 60 -17.32 -7.19 -0.41
C GLY B 60 -18.45 -7.28 -1.42
N GLU B 61 -18.78 -8.52 -1.74
CA GLU B 61 -19.70 -8.82 -2.83
C GLU B 61 -21.15 -8.65 -2.38
N LEU B 62 -21.96 -8.05 -3.25
CA LEU B 62 -23.40 -8.01 -3.06
C LEU B 62 -23.97 -9.34 -3.53
N LYS B 63 -24.50 -10.13 -2.59
CA LYS B 63 -24.88 -11.50 -2.89
C LYS B 63 -26.33 -11.62 -3.36
N ARG B 64 -26.66 -10.91 -4.45
CA ARG B 64 -27.94 -11.05 -5.13
C ARG B 64 -27.70 -11.46 -6.57
N LYS B 65 -28.78 -11.92 -7.21
CA LYS B 65 -28.77 -12.13 -8.66
C LYS B 65 -28.87 -10.78 -9.36
N ILE B 66 -27.84 -10.43 -10.12
CA ILE B 66 -27.76 -9.16 -10.83
C ILE B 66 -27.68 -9.47 -12.32
N THR B 67 -28.66 -9.01 -13.07
CA THR B 67 -28.68 -9.22 -14.52
C THR B 67 -28.90 -7.89 -15.23
N VAL B 68 -28.46 -7.85 -16.48
CA VAL B 68 -28.69 -6.73 -17.37
C VAL B 68 -29.32 -7.25 -18.64
N LYS B 69 -30.44 -6.64 -19.06
CA LYS B 69 -31.09 -6.91 -20.33
C LYS B 69 -31.42 -5.55 -20.93
N GLN B 70 -30.74 -5.20 -22.02
CA GLN B 70 -30.84 -3.88 -22.65
C GLN B 70 -30.44 -2.86 -21.58
N ASN B 71 -31.21 -1.79 -21.35
CA ASN B 71 -30.84 -0.83 -20.31
C ASN B 71 -31.58 -1.07 -18.99
N ILE B 72 -31.97 -2.31 -18.71
CA ILE B 72 -32.67 -2.66 -17.49
C ILE B 72 -31.72 -3.45 -16.61
N LEU B 73 -31.45 -2.94 -15.41
CA LEU B 73 -30.71 -3.69 -14.39
C LEU B 73 -31.71 -4.39 -13.48
N GLN B 74 -31.58 -5.70 -13.37
CA GLN B 74 -32.49 -6.49 -12.55
C GLN B 74 -31.75 -7.04 -11.34
N ILE B 75 -32.33 -6.84 -10.16
CA ILE B 75 -31.81 -7.38 -8.91
C ILE B 75 -32.93 -8.19 -8.28
N ASP B 76 -32.82 -9.51 -8.34
CA ASP B 76 -33.88 -10.43 -7.96
C ASP B 76 -35.17 -10.00 -8.64
N ARG B 77 -36.14 -9.50 -7.88
CA ARG B 77 -37.44 -9.18 -8.45
C ARG B 77 -37.55 -7.72 -8.91
N LYS B 78 -36.52 -6.91 -8.68
CA LYS B 78 -36.59 -5.46 -8.89
C LYS B 78 -35.94 -5.07 -10.22
N LYS B 79 -36.60 -4.16 -10.95
CA LYS B 79 -36.12 -3.65 -12.23
C LYS B 79 -35.73 -2.17 -12.09
N VAL B 80 -34.53 -1.84 -12.55
CA VAL B 80 -33.95 -0.50 -12.44
C VAL B 80 -33.50 -0.05 -13.83
N TYR B 81 -33.97 1.12 -14.28
CA TYR B 81 -33.52 1.65 -15.57
C TYR B 81 -32.12 2.28 -15.46
N VAL B 82 -31.30 2.08 -16.50
CA VAL B 82 -29.94 2.59 -16.54
C VAL B 82 -29.83 3.61 -17.66
N PHE B 83 -29.28 4.77 -17.36
CA PHE B 83 -29.11 5.83 -18.36
C PHE B 83 -27.64 6.24 -18.43
N SER B 84 -27.30 6.91 -19.52
CA SER B 84 -25.96 7.41 -19.72
C SER B 84 -26.03 8.82 -20.32
N GLU B 85 -26.55 9.77 -19.55
CA GLU B 85 -26.70 11.17 -19.97
C GLU B 85 -25.73 12.05 -19.18
N LYS B 86 -24.76 12.63 -19.89
CA LYS B 86 -23.80 13.52 -19.22
C LYS B 86 -24.46 14.80 -18.72
N ASP B 87 -25.54 15.23 -19.38
CA ASP B 87 -26.25 16.45 -18.99
C ASP B 87 -27.54 16.05 -18.27
N PRO B 88 -27.64 16.30 -16.96
CA PRO B 88 -28.81 15.83 -16.19
C PRO B 88 -30.15 16.37 -16.70
N GLN B 89 -30.16 17.50 -17.41
CA GLN B 89 -31.41 18.03 -17.92
C GLN B 89 -32.01 17.15 -19.02
N ASN B 90 -31.23 16.23 -19.59
CA ASN B 90 -31.74 15.29 -20.57
C ASN B 90 -32.27 14.01 -19.96
N LEU B 91 -32.26 13.89 -18.62
CA LEU B 91 -32.74 12.68 -17.95
C LEU B 91 -34.26 12.70 -17.85
N PRO B 92 -34.94 11.54 -17.99
CA PRO B 92 -36.40 11.49 -18.08
C PRO B 92 -37.09 11.39 -16.73
N TRP B 93 -36.75 12.31 -15.83
CA TRP B 93 -37.24 12.20 -14.45
C TRP B 93 -38.74 12.42 -14.36
N ASP B 94 -39.30 13.28 -15.21
CA ASP B 94 -40.74 13.47 -15.19
C ASP B 94 -41.46 12.18 -15.56
N GLU B 95 -41.01 11.51 -16.62
CA GLU B 95 -41.66 10.29 -17.08
C GLU B 95 -41.64 9.20 -16.00
N HIS B 96 -40.53 9.07 -15.28
CA HIS B 96 -40.40 8.03 -14.27
C HIS B 96 -40.86 8.49 -12.89
N ASP B 97 -41.41 9.70 -12.78
CA ASP B 97 -42.04 10.19 -11.55
C ASP B 97 -41.08 10.18 -10.36
N ILE B 98 -39.86 10.67 -10.59
CA ILE B 98 -38.82 10.68 -9.57
C ILE B 98 -39.19 11.65 -8.46
N ASP B 99 -39.29 11.14 -7.23
CA ASP B 99 -39.46 11.99 -6.07
C ASP B 99 -38.15 12.64 -5.63
N VAL B 100 -37.08 11.84 -5.51
CA VAL B 100 -35.80 12.31 -4.99
C VAL B 100 -34.68 11.84 -5.91
N VAL B 101 -33.84 12.77 -6.35
CA VAL B 101 -32.60 12.46 -7.03
C VAL B 101 -31.47 12.52 -6.01
N ILE B 102 -30.61 11.50 -6.00
CA ILE B 102 -29.38 11.55 -5.23
C ILE B 102 -28.28 11.96 -6.19
N GLU B 103 -27.76 13.17 -6.00
CA GLU B 103 -26.78 13.73 -6.92
C GLU B 103 -25.39 13.41 -6.38
N SER B 104 -24.78 12.35 -6.92
CA SER B 104 -23.51 11.84 -6.42
C SER B 104 -22.47 11.67 -7.52
N THR B 105 -22.50 12.56 -8.53
CA THR B 105 -21.43 12.59 -9.52
C THR B 105 -20.23 13.42 -9.08
N GLY B 106 -20.41 14.32 -8.11
CA GLY B 106 -19.42 15.32 -7.81
C GLY B 106 -19.32 16.47 -8.80
N ARG B 107 -20.18 16.50 -9.83
CA ARG B 107 -20.10 17.51 -10.87
C ARG B 107 -21.28 18.46 -10.88
N PHE B 108 -22.24 18.33 -9.96
CA PHE B 108 -23.39 19.22 -9.91
C PHE B 108 -23.69 19.59 -8.45
N VAL B 109 -22.70 20.20 -7.80
CA VAL B 109 -22.84 20.60 -6.41
C VAL B 109 -23.28 22.04 -6.25
N SER B 110 -23.45 22.77 -7.36
CA SER B 110 -23.96 24.13 -7.29
C SER B 110 -25.48 24.12 -7.34
N GLU B 111 -26.07 25.22 -6.87
CA GLU B 111 -27.53 25.34 -6.94
C GLU B 111 -28.04 25.22 -8.37
N GLU B 112 -27.38 25.88 -9.33
CA GLU B 112 -27.79 25.74 -10.73
C GLU B 112 -27.54 24.32 -11.25
N GLY B 113 -26.43 23.70 -10.83
CA GLY B 113 -26.14 22.36 -11.32
C GLY B 113 -27.15 21.34 -10.86
N ALA B 114 -27.43 21.31 -9.55
CA ALA B 114 -28.41 20.38 -9.01
C ALA B 114 -29.81 20.66 -9.53
N SER B 115 -30.15 21.94 -9.75
CA SER B 115 -31.48 22.29 -10.22
C SER B 115 -31.76 21.75 -11.61
N LEU B 116 -30.74 21.27 -12.33
CA LEU B 116 -31.01 20.65 -13.63
C LEU B 116 -31.90 19.43 -13.47
N HIS B 117 -31.76 18.73 -12.34
CA HIS B 117 -32.66 17.61 -12.04
C HIS B 117 -34.08 18.07 -11.82
N LEU B 118 -34.27 19.28 -11.25
CA LEU B 118 -35.63 19.81 -11.11
C LEU B 118 -36.22 20.12 -12.47
N LYS B 119 -35.47 20.83 -13.31
CA LYS B 119 -35.94 21.12 -14.67
C LYS B 119 -36.30 19.84 -15.41
N ALA B 120 -35.54 18.78 -15.19
CA ALA B 120 -35.83 17.49 -15.82
C ALA B 120 -37.07 16.81 -15.25
N GLY B 121 -37.60 17.27 -14.13
CA GLY B 121 -38.85 16.73 -13.59
C GLY B 121 -38.79 16.09 -12.21
N ALA B 122 -37.64 15.92 -11.56
CA ALA B 122 -37.65 15.38 -10.20
C ALA B 122 -38.13 16.43 -9.22
N LYS B 123 -38.73 15.97 -8.12
CA LYS B 123 -39.31 16.91 -7.17
C LYS B 123 -38.30 17.44 -6.17
N ARG B 124 -37.17 16.76 -5.97
CA ARG B 124 -36.25 17.12 -4.90
C ARG B 124 -34.93 16.44 -5.16
N VAL B 125 -33.84 17.12 -4.80
CA VAL B 125 -32.48 16.66 -5.04
C VAL B 125 -31.69 16.72 -3.74
N ILE B 126 -30.99 15.64 -3.43
CA ILE B 126 -30.05 15.59 -2.32
C ILE B 126 -28.65 15.48 -2.91
N ILE B 127 -27.82 16.50 -2.66
CA ILE B 127 -26.43 16.49 -3.08
C ILE B 127 -25.62 15.69 -2.07
N SER B 128 -24.82 14.74 -2.57
CA SER B 128 -23.94 13.95 -1.71
C SER B 128 -22.62 14.65 -1.39
N ALA B 129 -22.68 15.95 -1.11
CA ALA B 129 -21.48 16.76 -0.88
C ALA B 129 -21.93 18.13 -0.41
N PRO B 130 -21.02 18.93 0.15
CA PRO B 130 -21.37 20.33 0.43
C PRO B 130 -21.79 21.03 -0.86
N ALA B 131 -22.77 21.91 -0.74
CA ALA B 131 -23.18 22.70 -1.89
C ALA B 131 -22.22 23.86 -2.08
N LYS B 132 -22.16 24.36 -3.31
CA LYS B 132 -21.30 25.49 -3.62
C LYS B 132 -21.74 26.72 -2.83
N GLU B 133 -23.05 26.94 -2.72
CA GLU B 133 -23.59 28.13 -2.06
C GLU B 133 -23.79 27.87 -0.57
N LYS B 134 -23.55 28.91 0.23
CA LYS B 134 -23.78 28.84 1.67
C LYS B 134 -25.26 28.87 2.03
N THR B 135 -26.14 29.13 1.06
CA THR B 135 -27.57 29.26 1.32
C THR B 135 -28.33 27.95 1.19
N ILE B 136 -27.71 26.89 0.67
CA ILE B 136 -28.38 25.60 0.50
C ILE B 136 -28.53 24.91 1.84
N ARG B 137 -29.74 24.43 2.13
CA ARG B 137 -30.00 23.63 3.32
C ARG B 137 -29.01 22.47 3.41
N THR B 138 -28.25 22.41 4.49
CA THR B 138 -27.17 21.43 4.65
C THR B 138 -27.37 20.70 5.97
N VAL B 139 -27.38 19.36 5.95
CA VAL B 139 -27.79 18.63 7.13
C VAL B 139 -26.86 17.46 7.41
N VAL B 140 -26.69 17.19 8.70
CA VAL B 140 -26.10 15.97 9.19
C VAL B 140 -27.19 15.25 9.96
N TYR B 141 -27.53 14.02 9.55
CA TYR B 141 -28.63 13.33 10.21
C TYR B 141 -28.30 13.10 11.69
N ASN B 142 -29.30 13.39 12.53
CA ASN B 142 -29.25 13.33 13.99
C ASN B 142 -28.46 14.49 14.60
N VAL B 143 -28.21 15.52 13.79
CA VAL B 143 -27.73 16.80 14.31
C VAL B 143 -28.77 17.86 13.97
N ASN B 144 -29.10 18.04 12.68
CA ASN B 144 -30.01 19.12 12.33
C ASN B 144 -30.94 18.75 11.18
N HIS B 145 -31.26 17.47 11.00
CA HIS B 145 -32.05 17.10 9.84
C HIS B 145 -33.50 17.56 9.95
N LYS B 146 -34.02 17.73 11.15
CA LYS B 146 -35.37 18.30 11.27
C LYS B 146 -35.46 19.76 10.79
N THR B 147 -34.36 20.41 10.42
CA THR B 147 -34.47 21.74 9.83
C THR B 147 -34.94 21.70 8.38
N ILE B 148 -34.98 20.51 7.76
CA ILE B 148 -35.52 20.40 6.42
C ILE B 148 -36.98 20.84 6.40
N SER B 149 -37.33 21.70 5.43
CA SER B 149 -38.70 22.11 5.19
C SER B 149 -39.13 21.74 3.76
N SER B 150 -40.44 21.86 3.50
CA SER B 150 -40.97 21.58 2.18
C SER B 150 -40.48 22.58 1.13
N ASP B 151 -40.04 23.77 1.53
CA ASP B 151 -39.43 24.72 0.60
C ASP B 151 -38.06 24.27 0.10
N ASP B 152 -37.40 23.37 0.81
CA ASP B 152 -36.07 22.90 0.42
C ASP B 152 -36.22 21.88 -0.71
N LYS B 153 -36.16 22.35 -1.95
CA LYS B 153 -36.11 21.44 -3.09
C LYS B 153 -34.72 20.87 -3.31
N ILE B 154 -33.68 21.57 -2.84
CA ILE B 154 -32.31 21.11 -2.97
C ILE B 154 -31.72 21.05 -1.56
N ILE B 155 -31.20 19.88 -1.19
CA ILE B 155 -30.67 19.62 0.14
C ILE B 155 -29.28 19.05 0.00
N SER B 156 -28.34 19.55 0.81
CA SER B 156 -26.99 19.01 0.89
C SER B 156 -26.88 18.15 2.14
N ALA B 157 -26.40 16.92 1.96
CA ALA B 157 -26.07 16.04 3.09
C ALA B 157 -24.65 16.26 3.59
N ALA B 158 -24.03 17.39 3.22
CA ALA B 158 -22.71 17.79 3.67
C ALA B 158 -21.65 16.81 3.17
N SER B 159 -20.52 16.73 3.87
CA SER B 159 -19.43 15.87 3.48
C SER B 159 -19.23 14.76 4.50
N CYS B 160 -18.39 13.78 4.14
CA CYS B 160 -18.12 12.69 5.06
C CYS B 160 -17.44 13.19 6.33
N THR B 161 -16.49 14.12 6.21
CA THR B 161 -15.84 14.65 7.41
C THR B 161 -16.82 15.45 8.26
N THR B 162 -17.73 16.20 7.62
CA THR B 162 -18.72 16.98 8.37
C THR B 162 -19.64 16.07 9.17
N ASN B 163 -20.04 14.94 8.58
CA ASN B 163 -20.90 13.99 9.29
C ASN B 163 -20.17 13.35 10.47
N CYS B 164 -18.86 13.15 10.37
CA CYS B 164 -18.11 12.67 11.52
C CYS B 164 -17.97 13.75 12.60
N LEU B 165 -17.62 14.97 12.18
CA LEU B 165 -17.30 16.04 13.11
C LEU B 165 -18.53 16.62 13.79
N ALA B 166 -19.66 16.69 13.07
CA ALA B 166 -20.81 17.46 13.54
C ALA B 166 -21.30 17.03 14.92
N PRO B 167 -21.49 15.73 15.22
CA PRO B 167 -21.95 15.38 16.58
C PRO B 167 -20.97 15.81 17.67
N LEU B 168 -19.66 15.76 17.43
CA LEU B 168 -18.73 16.21 18.46
C LEU B 168 -18.89 17.71 18.71
N VAL B 169 -19.00 18.50 17.64
CA VAL B 169 -19.14 19.94 17.78
C VAL B 169 -20.46 20.28 18.46
N HIS B 170 -21.52 19.53 18.12
CA HIS B 170 -22.82 19.73 18.73
C HIS B 170 -22.76 19.47 20.24
N VAL B 171 -22.18 18.33 20.64
CA VAL B 171 -22.14 17.97 22.06
C VAL B 171 -21.31 18.96 22.84
N LEU B 172 -20.12 19.31 22.32
CA LEU B 172 -19.29 20.29 23.01
C LEU B 172 -20.00 21.64 23.10
N GLU B 173 -20.67 22.05 22.03
CA GLU B 173 -21.26 23.38 22.00
C GLU B 173 -22.42 23.47 22.97
N LYS B 174 -23.29 22.45 23.01
CA LYS B 174 -24.44 22.47 23.90
C LYS B 174 -24.06 22.32 25.36
N ASN B 175 -22.99 21.57 25.68
CA ASN B 175 -22.67 21.36 27.09
C ASN B 175 -21.65 22.34 27.63
N PHE B 176 -20.70 22.78 26.82
CA PHE B 176 -19.55 23.49 27.35
C PHE B 176 -19.25 24.81 26.67
N GLY B 177 -19.76 25.04 25.47
CA GLY B 177 -19.46 26.26 24.73
C GLY B 177 -18.07 26.23 24.11
N ILE B 178 -17.99 26.40 22.80
CA ILE B 178 -16.72 26.43 22.09
C ILE B 178 -16.31 27.89 21.88
N VAL B 179 -15.05 28.19 22.19
CA VAL B 179 -14.48 29.52 21.91
C VAL B 179 -13.83 29.52 20.53
N TYR B 180 -12.85 28.65 20.30
CA TYR B 180 -12.24 28.49 18.99
C TYR B 180 -11.46 27.19 19.00
N GLY B 181 -11.09 26.73 17.81
CA GLY B 181 -10.29 25.52 17.72
C GLY B 181 -9.93 25.20 16.30
N THR B 182 -9.40 23.99 16.12
CA THR B 182 -8.88 23.52 14.85
C THR B 182 -9.24 22.05 14.69
N MET B 183 -9.40 21.62 13.46
CA MET B 183 -9.61 20.21 13.19
C MET B 183 -8.66 19.77 12.08
N LEU B 184 -8.24 18.53 12.17
CA LEU B 184 -7.44 17.87 11.15
C LEU B 184 -8.05 16.49 10.91
N THR B 185 -8.30 16.15 9.65
CA THR B 185 -8.72 14.80 9.33
C THR B 185 -7.61 14.09 8.56
N VAL B 186 -7.28 12.89 9.02
CA VAL B 186 -6.40 11.99 8.31
C VAL B 186 -7.31 11.00 7.59
N HIS B 187 -7.24 11.00 6.27
CA HIS B 187 -8.38 10.65 5.43
C HIS B 187 -7.93 9.68 4.35
N ALA B 188 -8.74 8.65 4.11
CA ALA B 188 -8.47 7.73 3.01
C ALA B 188 -8.49 8.45 1.68
N TYR B 189 -7.76 7.90 0.70
CA TYR B 189 -7.78 8.52 -0.62
C TYR B 189 -9.12 8.24 -1.30
N THR B 190 -9.47 9.14 -2.21
CA THR B 190 -10.74 9.07 -2.93
C THR B 190 -10.48 9.21 -4.42
N ALA B 191 -11.54 8.97 -5.20
CA ALA B 191 -11.45 8.96 -6.65
C ALA B 191 -11.05 10.33 -7.23
N ASP B 192 -11.11 11.38 -6.43
CA ASP B 192 -10.67 12.71 -6.86
C ASP B 192 -9.14 12.86 -6.84
N GLN B 193 -8.40 11.87 -6.34
CA GLN B 193 -6.94 11.85 -6.38
C GLN B 193 -6.45 11.03 -7.57
N ARG B 194 -5.14 10.98 -7.74
CA ARG B 194 -4.51 10.32 -8.89
C ARG B 194 -3.77 9.05 -8.45
N LEU B 195 -3.91 7.99 -9.24
CA LEU B 195 -3.16 6.77 -8.97
C LEU B 195 -1.67 6.96 -9.27
N GLN B 196 -1.36 7.58 -10.41
CA GLN B 196 -0.01 8.04 -10.74
C GLN B 196 0.00 9.56 -10.87
N ASP B 197 1.10 10.19 -10.46
CA ASP B 197 1.29 11.63 -10.66
C ASP B 197 0.69 12.09 -11.99
N ALA B 198 -0.35 12.92 -11.93
CA ALA B 198 -1.06 13.36 -13.13
C ALA B 198 -1.67 14.73 -12.90
N PRO B 199 -2.11 15.43 -13.96
CA PRO B 199 -2.67 16.78 -13.78
C PRO B 199 -3.87 16.83 -12.85
N HIS B 200 -3.90 17.88 -12.02
CA HIS B 200 -4.98 18.20 -11.10
C HIS B 200 -4.82 19.67 -10.75
N ASN B 201 -5.93 20.39 -10.60
CA ASN B 201 -5.84 21.81 -10.21
C ASN B 201 -5.26 21.98 -8.81
N ASP B 202 -5.42 20.97 -7.95
CA ASP B 202 -4.77 20.88 -6.65
C ASP B 202 -3.47 20.10 -6.83
N LEU B 203 -2.33 20.81 -6.81
CA LEU B 203 -1.07 20.17 -7.18
C LEU B 203 -0.63 19.09 -6.21
N ARG B 204 -1.28 18.98 -5.06
CA ARG B 204 -0.94 17.87 -4.17
C ARG B 204 -1.87 16.69 -4.43
N ARG B 205 -3.14 16.94 -4.73
CA ARG B 205 -4.00 15.84 -5.14
C ARG B 205 -3.57 15.24 -6.47
N ALA B 206 -2.68 15.91 -7.20
CA ALA B 206 -2.11 15.40 -8.44
C ALA B 206 -1.17 14.21 -8.21
N ARG B 207 -0.74 13.97 -6.98
CA ARG B 207 0.36 13.07 -6.72
C ARG B 207 -0.13 11.69 -6.31
N ALA B 208 0.59 10.66 -6.77
CA ALA B 208 0.27 9.26 -6.57
C ALA B 208 -0.30 9.01 -5.17
N ALA B 209 -1.58 8.65 -5.09
CA ALA B 209 -2.26 8.73 -3.79
C ALA B 209 -1.89 7.59 -2.85
N ALA B 210 -1.48 6.42 -3.38
CA ALA B 210 -1.25 5.28 -2.52
C ALA B 210 0.17 5.22 -1.97
N VAL B 211 0.98 6.26 -2.19
CA VAL B 211 2.33 6.30 -1.64
C VAL B 211 2.61 7.64 -0.99
N ASN B 212 1.60 8.49 -0.80
CA ASN B 212 1.86 9.85 -0.35
C ASN B 212 0.93 10.26 0.78
N ILE B 213 1.48 11.01 1.71
CA ILE B 213 0.70 11.87 2.58
C ILE B 213 0.45 13.16 1.80
N VAL B 214 -0.82 13.53 1.65
CA VAL B 214 -1.21 14.62 0.74
C VAL B 214 -2.03 15.68 1.46
N PRO B 215 -1.47 16.85 1.78
CA PRO B 215 -2.28 17.90 2.43
C PRO B 215 -3.22 18.53 1.43
N THR B 216 -4.49 18.67 1.82
CA THR B 216 -5.49 19.25 0.94
C THR B 216 -6.64 19.81 1.77
N THR B 217 -7.64 20.35 1.08
CA THR B 217 -8.81 20.92 1.74
C THR B 217 -9.74 19.85 2.29
N THR B 218 -10.58 20.27 3.24
CA THR B 218 -11.70 19.43 3.69
C THR B 218 -12.99 20.23 3.62
N GLY B 219 -14.04 19.56 3.09
CA GLY B 219 -15.36 20.15 2.97
C GLY B 219 -16.00 20.51 4.30
N ALA B 220 -15.49 19.95 5.40
CA ALA B 220 -16.00 20.22 6.74
C ALA B 220 -15.64 21.61 7.22
N ALA B 221 -14.66 22.25 6.58
CA ALA B 221 -14.26 23.58 7.01
C ALA B 221 -15.32 24.61 6.65
N LYS B 222 -15.97 24.43 5.49
CA LYS B 222 -17.07 25.31 5.12
C LYS B 222 -18.45 24.77 5.52
N ALA B 223 -18.59 23.45 5.74
CA ALA B 223 -19.89 22.87 6.04
C ALA B 223 -20.27 22.90 7.52
N ILE B 224 -19.29 22.93 8.44
CA ILE B 224 -19.60 22.78 9.86
C ILE B 224 -20.43 23.97 10.36
N GLY B 225 -20.09 25.19 9.94
CA GLY B 225 -20.87 26.33 10.37
C GLY B 225 -22.31 26.30 9.93
N LEU B 226 -22.63 25.53 8.88
CA LEU B 226 -24.01 25.43 8.40
C LEU B 226 -24.81 24.39 9.17
N VAL B 227 -24.16 23.44 9.83
CA VAL B 227 -24.86 22.34 10.47
C VAL B 227 -25.03 22.57 11.97
N VAL B 228 -24.04 23.19 12.61
CA VAL B 228 -24.13 23.64 13.99
C VAL B 228 -23.97 25.15 13.97
N PRO B 229 -25.06 25.93 13.84
CA PRO B 229 -24.91 27.37 13.58
C PRO B 229 -24.14 28.13 14.66
N GLU B 230 -24.21 27.70 15.92
CA GLU B 230 -23.53 28.49 16.96
C GLU B 230 -22.03 28.34 16.87
N ALA B 231 -21.53 27.34 16.15
CA ALA B 231 -20.09 27.15 15.99
C ALA B 231 -19.55 27.83 14.75
N ASN B 232 -20.39 28.55 14.01
CA ASN B 232 -19.95 29.18 12.77
C ASN B 232 -18.76 30.10 13.04
N GLY B 233 -17.75 30.00 12.20
CA GLY B 233 -16.60 30.87 12.32
C GLY B 233 -15.59 30.51 13.40
N LYS B 234 -15.83 29.44 14.16
CA LYS B 234 -14.94 29.14 15.28
C LYS B 234 -13.81 28.18 14.92
N LEU B 235 -13.96 27.41 13.84
CA LEU B 235 -13.03 26.34 13.50
C LEU B 235 -12.48 26.54 12.09
N ASN B 236 -11.26 26.07 11.89
CA ASN B 236 -10.78 25.87 10.54
C ASN B 236 -9.90 24.64 10.58
N GLY B 237 -9.61 24.10 9.41
CA GLY B 237 -8.73 22.96 9.37
C GLY B 237 -8.59 22.42 7.96
N MET B 238 -7.88 21.30 7.86
CA MET B 238 -7.50 20.75 6.57
C MET B 238 -7.48 19.23 6.67
N SER B 239 -7.05 18.60 5.58
CA SER B 239 -7.07 17.15 5.44
C SER B 239 -5.69 16.68 5.01
N LEU B 240 -5.25 15.56 5.57
CA LEU B 240 -4.10 14.83 5.06
C LEU B 240 -4.62 13.51 4.50
N ARG B 241 -4.63 13.41 3.18
CA ARG B 241 -4.98 12.15 2.52
C ARG B 241 -3.79 11.19 2.64
N VAL B 242 -4.08 9.93 2.99
CA VAL B 242 -3.03 8.95 3.23
C VAL B 242 -3.44 7.63 2.59
N PRO B 243 -2.47 6.71 2.39
CA PRO B 243 -2.81 5.49 1.63
C PRO B 243 -3.55 4.40 2.41
N VAL B 244 -4.85 4.61 2.65
CA VAL B 244 -5.76 3.53 3.00
C VAL B 244 -6.97 3.64 2.09
N LEU B 245 -7.54 2.48 1.74
CA LEU B 245 -8.60 2.43 0.74
C LEU B 245 -9.84 3.19 1.22
N THR B 246 -10.21 2.97 2.47
CA THR B 246 -11.30 3.72 3.06
C THR B 246 -11.15 3.66 4.57
N GLY B 247 -11.67 4.67 5.26
CA GLY B 247 -11.51 4.81 6.71
C GLY B 247 -10.72 6.07 7.01
N SER B 248 -11.22 6.85 7.96
CA SER B 248 -10.63 8.15 8.27
C SER B 248 -10.85 8.47 9.74
N ILE B 249 -10.11 9.48 10.23
CA ILE B 249 -10.23 9.93 11.62
C ILE B 249 -10.15 11.45 11.67
N VAL B 250 -10.87 12.05 12.64
CA VAL B 250 -10.83 13.49 12.88
C VAL B 250 -10.23 13.75 14.24
N GLU B 251 -9.26 14.67 14.32
CA GLU B 251 -8.85 15.22 15.60
C GLU B 251 -9.39 16.65 15.72
N LEU B 252 -10.05 16.95 16.84
CA LEU B 252 -10.62 18.27 17.09
C LEU B 252 -9.99 18.83 18.35
N SER B 253 -9.33 19.96 18.24
CA SER B 253 -8.69 20.63 19.36
C SER B 253 -9.33 22.01 19.54
N VAL B 254 -9.99 22.23 20.68
CA VAL B 254 -10.76 23.44 20.92
C VAL B 254 -10.55 23.95 22.34
N VAL B 255 -10.70 25.26 22.49
CA VAL B 255 -10.88 25.91 23.79
C VAL B 255 -12.37 25.96 24.10
N LEU B 256 -12.73 25.65 25.35
CA LEU B 256 -14.11 25.62 25.81
C LEU B 256 -14.34 26.66 26.91
N GLU B 257 -15.60 27.12 27.03
CA GLU B 257 -15.93 28.09 28.07
C GLU B 257 -15.94 27.43 29.44
N LYS B 258 -16.76 26.40 29.62
CA LYS B 258 -16.69 25.59 30.83
C LYS B 258 -15.40 24.77 30.82
N SER B 259 -15.07 24.17 31.97
CA SER B 259 -13.84 23.40 32.14
C SER B 259 -14.18 22.00 32.63
N PRO B 260 -14.82 21.18 31.79
CA PRO B 260 -15.16 19.83 32.23
C PRO B 260 -13.92 18.94 32.33
N SER B 261 -14.06 17.86 33.10
CA SER B 261 -13.04 16.83 33.09
C SER B 261 -13.12 15.99 31.81
N VAL B 262 -12.08 15.18 31.60
CA VAL B 262 -12.09 14.20 30.51
C VAL B 262 -13.28 13.27 30.64
N GLU B 263 -13.58 12.84 31.86
CA GLU B 263 -14.71 11.92 32.08
C GLU B 263 -16.02 12.58 31.71
N GLN B 264 -16.18 13.85 32.07
CA GLN B 264 -17.40 14.58 31.76
C GLN B 264 -17.52 14.86 30.26
N VAL B 265 -16.40 15.07 29.58
CA VAL B 265 -16.46 15.20 28.13
C VAL B 265 -16.91 13.88 27.51
N ASN B 266 -16.27 12.77 27.90
CA ASN B 266 -16.66 11.47 27.37
C ASN B 266 -18.11 11.12 27.69
N GLN B 267 -18.57 11.44 28.91
CA GLN B 267 -19.95 11.14 29.27
C GLN B 267 -20.94 11.94 28.42
N ALA B 268 -20.61 13.19 28.14
CA ALA B 268 -21.47 13.99 27.26
C ALA B 268 -21.53 13.38 25.85
N MET B 269 -20.40 12.87 25.35
CA MET B 269 -20.44 12.18 24.06
C MET B 269 -21.32 10.93 24.15
N LYS B 270 -21.14 10.14 25.21
CA LYS B 270 -21.90 8.89 25.32
C LYS B 270 -23.39 9.16 25.42
N ARG B 271 -23.79 10.24 26.11
CA ARG B 271 -25.21 10.55 26.21
C ARG B 271 -25.83 10.79 24.85
N PHE B 272 -25.05 11.26 23.89
CA PHE B 272 -25.57 11.63 22.58
C PHE B 272 -25.52 10.48 21.58
N ALA B 273 -25.20 9.27 22.04
CA ALA B 273 -25.05 8.14 21.14
C ALA B 273 -26.38 7.77 20.49
N SER B 274 -26.30 7.26 19.28
CA SER B 274 -27.47 6.89 18.49
C SER B 274 -26.98 6.02 17.34
N ALA B 275 -27.90 5.67 16.44
CA ALA B 275 -27.52 4.92 15.24
C ALA B 275 -26.58 5.71 14.34
N SER B 276 -26.46 7.02 14.55
CA SER B 276 -25.52 7.86 13.81
C SER B 276 -24.21 8.08 14.53
N PHE B 277 -24.15 7.82 15.83
CA PHE B 277 -23.03 8.26 16.65
C PHE B 277 -22.72 7.15 17.64
N LYS B 278 -21.60 6.47 17.43
CA LYS B 278 -21.16 5.32 18.23
C LYS B 278 -20.24 5.79 19.36
N TYR B 279 -20.46 5.28 20.58
CA TYR B 279 -19.51 5.50 21.68
C TYR B 279 -18.57 4.30 21.78
N CYS B 280 -17.30 4.50 21.43
CA CYS B 280 -16.33 3.41 21.40
C CYS B 280 -15.36 3.52 22.57
N GLU B 281 -15.06 2.36 23.19
CA GLU B 281 -14.15 2.28 24.33
C GLU B 281 -12.96 1.37 24.07
N ASP B 282 -12.80 0.85 22.86
CA ASP B 282 -11.72 -0.07 22.56
C ASP B 282 -10.63 0.63 21.77
N PRO B 283 -9.40 0.12 21.82
CA PRO B 283 -8.27 0.76 21.09
C PRO B 283 -8.19 0.29 19.64
N ILE B 284 -9.05 0.88 18.80
CA ILE B 284 -9.24 0.42 17.43
C ILE B 284 -8.31 1.18 16.47
N VAL B 285 -8.29 0.76 15.20
CA VAL B 285 -7.58 1.43 14.12
C VAL B 285 -8.56 1.53 12.94
N SER B 286 -8.13 2.20 11.86
CA SER B 286 -9.07 2.59 10.82
C SER B 286 -9.79 1.38 10.18
N SER B 287 -9.13 0.23 10.03
CA SER B 287 -9.82 -0.90 9.38
CA SER B 287 -9.79 -0.93 9.40
C SER B 287 -11.01 -1.41 10.19
N ASP B 288 -11.06 -1.15 11.49
CA ASP B 288 -12.19 -1.59 12.30
C ASP B 288 -13.45 -0.78 12.05
N VAL B 289 -13.39 0.32 11.30
CA VAL B 289 -14.61 1.05 10.96
C VAL B 289 -15.01 0.89 9.51
N VAL B 290 -14.30 0.06 8.73
CA VAL B 290 -14.70 -0.17 7.35
C VAL B 290 -16.09 -0.77 7.35
N SER B 291 -16.99 -0.22 6.51
CA SER B 291 -18.38 -0.64 6.31
C SER B 291 -19.30 -0.30 7.48
N SER B 292 -18.86 0.53 8.41
CA SER B 292 -19.71 0.92 9.54
C SER B 292 -20.93 1.70 9.09
N GLU B 293 -22.06 1.46 9.75
CA GLU B 293 -23.28 2.22 9.51
C GLU B 293 -23.40 3.45 10.39
N TYR B 294 -22.44 3.68 11.29
CA TYR B 294 -22.44 4.87 12.13
C TYR B 294 -21.84 6.03 11.36
N GLY B 295 -22.47 7.20 11.47
CA GLY B 295 -21.91 8.39 10.84
C GLY B 295 -20.60 8.84 11.47
N SER B 296 -20.40 8.52 12.74
CA SER B 296 -19.27 8.99 13.51
C SER B 296 -19.05 8.01 14.65
N ILE B 297 -17.78 7.73 14.96
CA ILE B 297 -17.40 6.73 15.96
C ILE B 297 -16.42 7.40 16.93
N PHE B 298 -16.92 7.79 18.10
CA PHE B 298 -16.15 8.54 19.06
C PHE B 298 -15.15 7.64 19.78
N ASP B 299 -13.88 8.03 19.78
CA ASP B 299 -12.79 7.24 20.37
C ASP B 299 -12.55 7.77 21.79
N SER B 300 -13.29 7.22 22.77
CA SER B 300 -13.25 7.78 24.11
C SER B 300 -11.88 7.64 24.75
N LYS B 301 -11.09 6.64 24.34
CA LYS B 301 -9.78 6.44 24.96
C LYS B 301 -8.78 7.55 24.62
N LEU B 302 -8.98 8.27 23.54
CA LEU B 302 -8.00 9.28 23.13
C LEU B 302 -8.28 10.67 23.73
N THR B 303 -9.47 10.92 24.27
CA THR B 303 -9.79 12.24 24.81
C THR B 303 -8.75 12.66 25.84
N ASN B 304 -8.21 13.86 25.68
CA ASN B 304 -7.26 14.37 26.66
C ASN B 304 -7.30 15.90 26.65
N ILE B 305 -6.67 16.51 27.67
CA ILE B 305 -6.65 17.96 27.85
C ILE B 305 -5.20 18.42 27.98
N VAL B 306 -4.83 19.42 27.19
CA VAL B 306 -3.53 20.08 27.35
C VAL B 306 -3.73 21.22 28.34
N GLU B 307 -3.14 21.10 29.53
CA GLU B 307 -3.31 22.06 30.61
C GLU B 307 -1.99 22.77 30.85
N VAL B 308 -1.99 24.09 30.64
CA VAL B 308 -0.79 24.92 30.80
C VAL B 308 -1.19 26.13 31.63
N ASP B 309 -0.76 26.14 32.90
CA ASP B 309 -1.00 27.26 33.82
C ASP B 309 -2.46 27.72 33.78
N GLY B 310 -3.38 26.76 33.86
CA GLY B 310 -4.79 27.08 33.86
C GLY B 310 -5.44 27.20 32.48
N MET B 311 -4.65 27.29 31.41
CA MET B 311 -5.21 27.23 30.05
C MET B 311 -5.44 25.78 29.66
N LYS B 312 -6.59 25.52 29.05
CA LYS B 312 -6.98 24.17 28.68
C LYS B 312 -7.25 24.09 27.18
N LEU B 313 -6.69 23.05 26.55
CA LEU B 313 -7.01 22.72 25.16
C LEU B 313 -7.58 21.30 25.15
N TYR B 314 -8.83 21.18 24.74
CA TYR B 314 -9.54 19.90 24.73
C TYR B 314 -9.34 19.24 23.38
N LYS B 315 -8.94 17.96 23.40
CA LYS B 315 -8.71 17.19 22.19
C LYS B 315 -9.59 15.94 22.21
N VAL B 316 -10.38 15.77 21.15
CA VAL B 316 -11.32 14.66 20.99
C VAL B 316 -11.19 14.12 19.58
N TYR B 317 -11.56 12.85 19.43
CA TYR B 317 -11.26 12.09 18.21
C TYR B 317 -12.46 11.23 17.84
N ALA B 318 -12.75 11.17 16.53
CA ALA B 318 -13.80 10.32 16.02
C ALA B 318 -13.39 9.72 14.67
N TRP B 319 -13.70 8.44 14.50
CA TRP B 319 -13.48 7.71 13.26
C TRP B 319 -14.71 7.74 12.37
N TYR B 320 -14.49 7.47 11.08
CA TYR B 320 -15.59 7.29 10.16
C TYR B 320 -15.10 6.54 8.93
N ASP B 321 -15.96 5.70 8.38
CA ASP B 321 -15.68 5.16 7.06
C ASP B 321 -16.20 6.23 6.10
N ASN B 322 -15.28 7.02 5.54
CA ASN B 322 -15.72 8.12 4.68
C ASN B 322 -16.70 7.66 3.60
N GLU B 323 -16.67 6.37 3.24
CA GLU B 323 -17.72 5.84 2.36
C GLU B 323 -18.96 5.39 3.14
N SER B 324 -18.88 4.25 3.86
CA SER B 324 -20.11 3.68 4.45
C SER B 324 -20.74 4.58 5.50
N SER B 325 -19.92 5.27 6.32
CA SER B 325 -20.52 6.13 7.33
C SER B 325 -21.36 7.23 6.69
N TYR B 326 -20.79 7.91 5.69
CA TYR B 326 -21.53 8.95 5.00
C TYR B 326 -22.74 8.38 4.26
N VAL B 327 -22.55 7.24 3.59
CA VAL B 327 -23.64 6.58 2.84
C VAL B 327 -24.84 6.34 3.74
N HIS B 328 -24.62 5.77 4.92
CA HIS B 328 -25.75 5.47 5.79
C HIS B 328 -26.38 6.73 6.39
N GLN B 329 -25.58 7.77 6.63
CA GLN B 329 -26.16 9.07 6.97
C GLN B 329 -27.02 9.61 5.85
N LEU B 330 -26.56 9.48 4.60
CA LEU B 330 -27.33 9.99 3.48
C LEU B 330 -28.64 9.22 3.33
N VAL B 331 -28.59 7.89 3.48
CA VAL B 331 -29.81 7.10 3.40
C VAL B 331 -30.79 7.47 4.52
N ARG B 332 -30.30 7.86 5.70
CA ARG B 332 -31.23 8.29 6.75
C ARG B 332 -31.91 9.60 6.37
N VAL B 333 -31.20 10.51 5.68
CA VAL B 333 -31.83 11.71 5.17
C VAL B 333 -32.91 11.35 4.17
N VAL B 334 -32.63 10.39 3.30
CA VAL B 334 -33.58 9.99 2.26
C VAL B 334 -34.84 9.39 2.88
N SER B 335 -34.68 8.50 3.87
CA SER B 335 -35.86 7.96 4.55
C SER B 335 -36.67 9.06 5.20
N TYR B 336 -36.00 10.03 5.82
CA TYR B 336 -36.73 11.15 6.45
C TYR B 336 -37.48 11.95 5.40
N CYS B 337 -36.86 12.21 4.25
CA CYS B 337 -37.54 12.95 3.18
C CYS B 337 -38.75 12.20 2.65
N ALA B 338 -38.74 10.86 2.74
CA ALA B 338 -39.88 10.05 2.31
C ALA B 338 -41.11 10.26 3.18
N LYS B 339 -40.94 10.75 4.40
CA LYS B 339 -42.07 11.01 5.29
C LYS B 339 -42.70 12.38 5.06
N LEU B 340 -41.95 13.33 4.52
CA LEU B 340 -42.42 14.69 4.45
C LEU B 340 -42.83 15.07 3.01
N HIS C 8 -21.23 -38.93 17.42
CA HIS C 8 -19.87 -38.97 17.94
C HIS C 8 -19.65 -37.96 19.07
N ARG C 9 -18.52 -38.06 19.75
CA ARG C 9 -18.24 -37.21 20.89
C ARG C 9 -17.92 -35.78 20.44
N THR C 10 -17.91 -34.87 21.41
CA THR C 10 -17.41 -33.52 21.20
C THR C 10 -15.90 -33.52 21.36
N ILE C 11 -15.18 -33.35 20.26
CA ILE C 11 -13.72 -33.44 20.27
C ILE C 11 -13.14 -32.11 20.74
N LYS C 12 -12.16 -32.19 21.64
CA LYS C 12 -11.60 -31.03 22.31
C LYS C 12 -10.32 -30.59 21.61
N VAL C 13 -10.29 -29.33 21.18
CA VAL C 13 -9.21 -28.80 20.37
C VAL C 13 -8.40 -27.82 21.20
N ALA C 14 -7.08 -27.84 21.01
CA ALA C 14 -6.20 -26.77 21.46
C ALA C 14 -5.47 -26.20 20.25
N ILE C 15 -5.30 -24.88 20.25
CA ILE C 15 -4.63 -24.18 19.16
C ILE C 15 -3.32 -23.65 19.72
N ASN C 16 -2.21 -24.12 19.15
CA ASN C 16 -0.88 -23.67 19.53
C ASN C 16 -0.43 -22.64 18.50
N GLY C 17 -0.31 -21.39 18.93
CA GLY C 17 0.03 -20.31 18.01
C GLY C 17 -1.24 -19.60 17.60
N PHE C 18 -1.56 -18.53 18.30
CA PHE C 18 -2.83 -17.83 18.12
C PHE C 18 -2.63 -16.62 17.21
N GLY C 19 -2.13 -16.91 16.01
CA GLY C 19 -1.76 -15.92 15.01
C GLY C 19 -2.83 -15.78 13.95
N ARG C 20 -2.41 -15.37 12.76
CA ARG C 20 -3.38 -15.18 11.68
C ARG C 20 -4.20 -16.43 11.45
N ILE C 21 -3.56 -17.58 11.28
CA ILE C 21 -4.29 -18.82 11.03
C ILE C 21 -5.01 -19.28 12.29
N GLY C 22 -4.32 -19.27 13.44
CA GLY C 22 -4.93 -19.79 14.66
C GLY C 22 -6.20 -19.06 15.05
N ARG C 23 -6.15 -17.72 15.07
CA ARG C 23 -7.32 -16.92 15.44
C ARG C 23 -8.46 -17.14 14.46
N LEU C 24 -8.16 -17.19 13.17
CA LEU C 24 -9.20 -17.45 12.16
C LEU C 24 -9.73 -18.88 12.27
N VAL C 25 -8.88 -19.86 12.58
CA VAL C 25 -9.41 -21.18 12.88
C VAL C 25 -10.33 -21.11 14.11
N PHE C 26 -9.94 -20.33 15.12
CA PHE C 26 -10.76 -20.22 16.31
C PHE C 26 -12.12 -19.61 15.99
N ARG C 27 -12.14 -18.56 15.16
CA ARG C 27 -13.43 -17.96 14.79
C ARG C 27 -14.31 -18.97 14.08
N SER C 28 -13.74 -19.69 13.11
CA SER C 28 -14.54 -20.62 12.33
C SER C 28 -15.07 -21.77 13.18
N LEU C 29 -14.33 -22.15 14.22
CA LEU C 29 -14.73 -23.28 15.05
C LEU C 29 -15.83 -22.94 16.05
N LEU C 30 -16.03 -21.65 16.37
CA LEU C 30 -17.14 -21.27 17.24
C LEU C 30 -18.48 -21.74 16.69
N SER C 31 -18.61 -21.85 15.37
CA SER C 31 -19.85 -22.22 14.72
C SER C 31 -19.90 -23.70 14.35
N LYS C 32 -19.10 -24.53 15.03
CA LYS C 32 -19.14 -25.98 14.89
C LYS C 32 -19.39 -26.58 16.25
N ALA C 33 -20.51 -27.30 16.40
CA ALA C 33 -20.85 -27.92 17.68
C ALA C 33 -20.14 -29.25 17.91
N ASN C 34 -19.58 -29.85 16.86
CA ASN C 34 -18.85 -31.11 17.04
C ASN C 34 -17.46 -30.90 17.62
N VAL C 35 -17.06 -29.65 17.86
CA VAL C 35 -15.68 -29.31 18.17
C VAL C 35 -15.69 -28.11 19.11
N GLU C 36 -14.98 -28.23 20.24
CA GLU C 36 -14.84 -27.11 21.17
C GLU C 36 -13.35 -26.84 21.42
N VAL C 37 -12.94 -25.59 21.21
CA VAL C 37 -11.59 -25.17 21.56
C VAL C 37 -11.56 -24.91 23.06
N VAL C 38 -10.81 -25.72 23.80
CA VAL C 38 -10.71 -25.51 25.25
C VAL C 38 -9.44 -24.78 25.67
N ALA C 39 -8.46 -24.63 24.78
CA ALA C 39 -7.24 -23.96 25.17
C ALA C 39 -6.51 -23.40 23.97
N ILE C 40 -5.77 -22.31 24.20
CA ILE C 40 -4.94 -21.67 23.19
C ILE C 40 -3.61 -21.31 23.85
N ASN C 41 -2.56 -21.22 23.02
CA ASN C 41 -1.24 -20.95 23.56
C ASN C 41 -0.53 -19.94 22.65
N ASP C 42 0.17 -19.01 23.26
CA ASP C 42 0.97 -18.05 22.48
C ASP C 42 2.04 -17.48 23.40
N LEU C 43 2.53 -16.29 23.09
CA LEU C 43 3.69 -15.74 23.75
C LEU C 43 3.41 -14.38 24.39
N THR C 44 2.16 -14.14 24.78
CA THR C 44 1.75 -12.81 25.18
C THR C 44 0.57 -12.92 26.15
N GLN C 45 0.18 -11.79 26.73
CA GLN C 45 -0.84 -11.80 27.76
C GLN C 45 -2.21 -12.16 27.18
N PRO C 46 -3.14 -12.64 28.02
CA PRO C 46 -4.47 -12.96 27.50
C PRO C 46 -5.20 -11.76 26.91
N GLU C 47 -5.03 -10.58 27.49
CA GLU C 47 -5.75 -9.40 27.01
C GLU C 47 -5.36 -9.08 25.57
N VAL C 48 -4.08 -9.27 25.23
CA VAL C 48 -3.62 -9.01 23.87
C VAL C 48 -4.29 -9.96 22.89
N LEU C 49 -4.27 -11.27 23.19
CA LEU C 49 -4.90 -12.25 22.31
C LEU C 49 -6.40 -12.01 22.16
N ALA C 50 -7.06 -11.60 23.25
CA ALA C 50 -8.49 -11.31 23.17
C ALA C 50 -8.75 -10.14 22.21
N HIS C 51 -7.94 -9.08 22.33
CA HIS C 51 -8.11 -7.93 21.46
C HIS C 51 -7.89 -8.31 20.00
N LEU C 52 -6.87 -9.13 19.73
CA LEU C 52 -6.58 -9.56 18.36
C LEU C 52 -7.66 -10.47 17.81
N LEU C 53 -8.29 -11.27 18.67
CA LEU C 53 -9.41 -12.09 18.22
C LEU C 53 -10.58 -11.21 17.81
N LYS C 54 -10.84 -10.15 18.58
CA LYS C 54 -12.03 -9.34 18.33
C LYS C 54 -11.92 -8.53 17.04
N TYR C 55 -10.78 -7.89 16.80
CA TYR C 55 -10.60 -6.94 15.70
C TYR C 55 -9.58 -7.51 14.73
N ASP C 56 -9.99 -7.69 13.48
CA ASP C 56 -9.15 -8.33 12.48
C ASP C 56 -9.10 -7.41 11.27
N SER C 57 -7.88 -6.95 10.91
CA SER C 57 -7.77 -5.91 9.88
C SER C 57 -8.43 -6.34 8.58
N ALA C 58 -8.26 -7.61 8.20
CA ALA C 58 -8.78 -8.07 6.93
C ALA C 58 -10.21 -8.61 7.01
N HIS C 59 -10.59 -9.25 8.10
CA HIS C 59 -11.81 -10.05 8.11
C HIS C 59 -12.88 -9.46 9.02
N GLY C 60 -12.64 -8.30 9.61
CA GLY C 60 -13.70 -7.62 10.31
C GLY C 60 -13.83 -8.04 11.76
N GLU C 61 -14.79 -7.42 12.42
CA GLU C 61 -14.96 -7.60 13.85
C GLU C 61 -15.68 -8.89 14.18
N LEU C 62 -15.21 -9.60 15.21
CA LEU C 62 -15.98 -10.69 15.79
C LEU C 62 -17.06 -10.10 16.70
N LYS C 63 -18.32 -10.18 16.28
CA LYS C 63 -19.43 -9.53 16.99
C LYS C 63 -19.94 -10.46 18.10
N ARG C 64 -19.10 -10.61 19.11
CA ARG C 64 -19.42 -11.40 20.29
C ARG C 64 -18.84 -10.72 21.51
N LYS C 65 -19.43 -11.03 22.67
CA LYS C 65 -18.90 -10.52 23.93
C LYS C 65 -17.62 -11.27 24.28
N ILE C 66 -16.51 -10.54 24.35
CA ILE C 66 -15.19 -11.12 24.57
C ILE C 66 -14.58 -10.44 25.79
N THR C 67 -14.46 -11.18 26.90
CA THR C 67 -13.85 -10.68 28.13
C THR C 67 -12.73 -11.59 28.58
N VAL C 68 -11.91 -11.10 29.51
CA VAL C 68 -10.80 -11.87 30.07
C VAL C 68 -10.79 -11.73 31.58
N LYS C 69 -10.77 -12.85 32.29
CA LYS C 69 -10.54 -12.90 33.72
C LYS C 69 -9.42 -13.90 33.99
N GLN C 70 -8.31 -13.41 34.54
CA GLN C 70 -7.13 -14.23 34.86
C GLN C 70 -6.65 -14.84 33.55
N ASN C 71 -6.47 -16.16 33.45
CA ASN C 71 -6.06 -16.80 32.21
C ASN C 71 -7.23 -17.41 31.45
N ILE C 72 -8.44 -16.92 31.69
CA ILE C 72 -9.66 -17.47 31.08
C ILE C 72 -10.21 -16.45 30.10
N LEU C 73 -10.26 -16.84 28.82
CA LEU C 73 -10.87 -16.05 27.77
C LEU C 73 -12.32 -16.50 27.60
N GLN C 74 -13.26 -15.56 27.68
CA GLN C 74 -14.68 -15.87 27.65
C GLN C 74 -15.34 -15.26 26.43
N ILE C 75 -16.02 -16.09 25.64
CA ILE C 75 -16.66 -15.72 24.38
C ILE C 75 -18.14 -16.02 24.52
N ASP C 76 -18.97 -14.98 24.65
CA ASP C 76 -20.34 -15.10 25.13
C ASP C 76 -20.32 -16.02 26.35
N ARG C 77 -20.70 -17.28 26.19
CA ARG C 77 -20.61 -18.22 27.32
C ARG C 77 -19.68 -19.40 27.03
N LYS C 78 -18.50 -19.13 26.49
CA LYS C 78 -17.49 -20.15 26.22
C LYS C 78 -16.21 -19.76 26.94
N LYS C 79 -15.71 -20.65 27.80
CA LYS C 79 -14.48 -20.42 28.54
C LYS C 79 -13.32 -21.14 27.87
N VAL C 80 -12.21 -20.43 27.67
CA VAL C 80 -11.03 -20.96 26.99
C VAL C 80 -9.82 -20.68 27.86
N TYR C 81 -9.07 -21.74 28.21
CA TYR C 81 -7.82 -21.55 28.94
C TYR C 81 -6.77 -20.95 28.02
N VAL C 82 -6.04 -19.95 28.51
CA VAL C 82 -5.01 -19.28 27.73
C VAL C 82 -3.67 -19.51 28.40
N PHE C 83 -2.74 -20.11 27.66
CA PHE C 83 -1.41 -20.44 28.14
C PHE C 83 -0.36 -19.62 27.38
N SER C 84 0.88 -19.70 27.86
CA SER C 84 2.00 -18.92 27.34
C SER C 84 3.31 -19.70 27.58
N GLU C 85 3.45 -20.81 26.87
CA GLU C 85 4.60 -21.69 26.99
C GLU C 85 5.34 -21.73 25.66
N LYS C 86 6.58 -21.23 25.65
CA LYS C 86 7.39 -21.29 24.42
C LYS C 86 7.61 -22.74 23.99
N ASP C 87 7.82 -23.64 24.96
CA ASP C 87 8.12 -25.03 24.67
C ASP C 87 6.85 -25.85 24.86
N PRO C 88 6.31 -26.45 23.80
CA PRO C 88 5.00 -27.13 23.91
C PRO C 88 5.03 -28.42 24.71
N GLN C 89 6.18 -29.03 24.98
CA GLN C 89 6.11 -30.19 25.86
C GLN C 89 5.74 -29.80 27.29
N ASN C 90 5.70 -28.50 27.61
CA ASN C 90 5.29 -28.03 28.92
C ASN C 90 3.80 -27.72 29.03
N LEU C 91 3.04 -27.95 27.94
CA LEU C 91 1.61 -27.64 27.90
C LEU C 91 0.80 -28.80 28.46
N PRO C 92 -0.24 -28.49 29.25
CA PRO C 92 -1.00 -29.52 29.98
C PRO C 92 -2.09 -30.18 29.12
N TRP C 93 -1.67 -30.82 28.04
CA TRP C 93 -2.63 -31.41 27.11
C TRP C 93 -3.25 -32.69 27.67
N ASP C 94 -2.48 -33.48 28.42
CA ASP C 94 -3.04 -34.66 29.05
C ASP C 94 -4.17 -34.27 30.02
N GLU C 95 -3.92 -33.24 30.83
CA GLU C 95 -4.87 -32.84 31.86
C GLU C 95 -6.20 -32.35 31.25
N HIS C 96 -6.12 -31.50 30.23
CA HIS C 96 -7.30 -30.98 29.56
C HIS C 96 -7.88 -31.91 28.49
N ASP C 97 -7.44 -33.18 28.46
CA ASP C 97 -7.95 -34.22 27.55
C ASP C 97 -8.08 -33.71 26.12
N ILE C 98 -6.97 -33.21 25.58
CA ILE C 98 -6.93 -32.65 24.24
C ILE C 98 -6.94 -33.76 23.21
N ASP C 99 -7.96 -33.78 22.36
CA ASP C 99 -8.00 -34.73 21.24
C ASP C 99 -7.16 -34.27 20.06
N VAL C 100 -7.26 -32.99 19.69
CA VAL C 100 -6.58 -32.46 18.51
C VAL C 100 -5.88 -31.18 18.88
N VAL C 101 -4.59 -31.08 18.55
CA VAL C 101 -3.84 -29.83 18.63
C VAL C 101 -3.67 -29.32 17.21
N ILE C 102 -4.06 -28.07 17.00
CA ILE C 102 -3.79 -27.37 15.76
C ILE C 102 -2.48 -26.63 15.94
N GLU C 103 -1.44 -27.10 15.26
CA GLU C 103 -0.10 -26.56 15.40
C GLU C 103 0.07 -25.46 14.37
N SER C 104 -0.11 -24.21 14.78
CA SER C 104 -0.12 -23.08 13.86
C SER C 104 0.85 -21.99 14.32
N THR C 105 1.97 -22.39 14.93
CA THR C 105 3.00 -21.42 15.27
C THR C 105 3.98 -21.17 14.14
N GLY C 106 4.04 -22.07 13.16
CA GLY C 106 5.14 -22.06 12.21
C GLY C 106 6.47 -22.57 12.76
N ARG C 107 6.54 -22.95 14.04
CA ARG C 107 7.80 -23.31 14.65
C ARG C 107 7.96 -24.80 14.93
N PHE C 108 6.97 -25.62 14.60
CA PHE C 108 7.00 -27.04 14.95
C PHE C 108 6.40 -27.86 13.80
N VAL C 109 6.89 -27.61 12.59
CA VAL C 109 6.40 -28.34 11.41
C VAL C 109 7.18 -29.61 11.17
N SER C 110 8.21 -29.90 11.97
CA SER C 110 8.90 -31.17 11.86
C SER C 110 8.14 -32.24 12.63
N GLU C 111 8.37 -33.51 12.28
CA GLU C 111 7.72 -34.59 13.01
C GLU C 111 8.07 -34.54 14.50
N GLU C 112 9.36 -34.35 14.81
CA GLU C 112 9.78 -34.28 16.21
C GLU C 112 9.15 -33.09 16.93
N GLY C 113 9.22 -31.91 16.33
CA GLY C 113 8.61 -30.73 16.96
C GLY C 113 7.12 -30.91 17.20
N ALA C 114 6.40 -31.38 16.20
CA ALA C 114 4.96 -31.56 16.35
C ALA C 114 4.64 -32.68 17.35
N SER C 115 5.59 -33.58 17.62
CA SER C 115 5.39 -34.64 18.59
C SER C 115 5.49 -34.16 20.03
N LEU C 116 6.11 -32.99 20.26
CA LEU C 116 6.12 -32.41 21.60
C LEU C 116 4.71 -32.29 22.15
N HIS C 117 3.72 -32.09 21.28
CA HIS C 117 2.33 -32.09 21.69
C HIS C 117 1.85 -33.47 22.13
N LEU C 118 2.32 -34.52 21.45
CA LEU C 118 1.96 -35.87 21.87
C LEU C 118 2.51 -36.17 23.26
N LYS C 119 3.80 -35.92 23.46
CA LYS C 119 4.41 -36.10 24.77
C LYS C 119 3.73 -35.25 25.85
N ALA C 120 3.07 -34.17 25.46
CA ALA C 120 2.33 -33.37 26.41
C ALA C 120 0.99 -33.98 26.79
N GLY C 121 0.49 -34.92 26.01
CA GLY C 121 -0.79 -35.57 26.27
C GLY C 121 -1.82 -35.43 25.16
N ALA C 122 -1.59 -34.61 24.15
CA ALA C 122 -2.55 -34.49 23.05
C ALA C 122 -2.58 -35.78 22.24
N LYS C 123 -3.78 -36.17 21.83
CA LYS C 123 -3.95 -37.43 21.09
C LYS C 123 -3.56 -37.30 19.62
N ARG C 124 -3.72 -36.13 19.02
CA ARG C 124 -3.44 -35.96 17.61
C ARG C 124 -3.05 -34.50 17.33
N VAL C 125 -2.18 -34.30 16.35
CA VAL C 125 -1.70 -32.98 15.97
C VAL C 125 -2.01 -32.77 14.49
N ILE C 126 -2.55 -31.60 14.16
CA ILE C 126 -2.68 -31.17 12.77
C ILE C 126 -1.78 -29.96 12.58
N ILE C 127 -0.79 -30.10 11.69
CA ILE C 127 0.10 -28.98 11.37
C ILE C 127 -0.56 -28.11 10.31
N SER C 128 -0.56 -26.80 10.53
CA SER C 128 -1.14 -25.84 9.58
C SER C 128 -0.12 -25.40 8.53
N ALA C 129 0.66 -26.34 8.02
CA ALA C 129 1.74 -26.08 7.08
C ALA C 129 2.23 -27.42 6.56
N PRO C 130 2.98 -27.44 5.46
CA PRO C 130 3.64 -28.69 5.05
C PRO C 130 4.61 -29.13 6.13
N ALA C 131 4.65 -30.44 6.38
CA ALA C 131 5.61 -30.96 7.32
C ALA C 131 7.01 -30.95 6.72
N LYS C 132 8.02 -31.00 7.58
CA LYS C 132 9.39 -31.11 7.12
C LYS C 132 9.61 -32.43 6.38
N GLU C 133 9.16 -33.53 6.98
CA GLU C 133 9.40 -34.85 6.41
C GLU C 133 8.35 -35.20 5.37
N LYS C 134 8.78 -35.84 4.28
CA LYS C 134 7.84 -36.31 3.27
C LYS C 134 7.02 -37.51 3.74
N THR C 135 7.28 -38.04 4.94
CA THR C 135 6.54 -39.18 5.46
C THR C 135 5.28 -38.81 6.24
N ILE C 136 5.06 -37.54 6.56
CA ILE C 136 3.86 -37.15 7.29
C ILE C 136 2.67 -37.12 6.33
N ARG C 137 1.56 -37.73 6.75
CA ARG C 137 0.35 -37.67 5.95
C ARG C 137 -0.04 -36.22 5.71
N THR C 138 -0.20 -35.87 4.43
CA THR C 138 -0.46 -34.51 4.00
C THR C 138 -1.71 -34.51 3.12
N VAL C 139 -2.70 -33.68 3.46
CA VAL C 139 -4.00 -33.76 2.82
C VAL C 139 -4.50 -32.36 2.44
N VAL C 140 -5.10 -32.28 1.26
CA VAL C 140 -5.95 -31.18 0.84
C VAL C 140 -7.37 -31.71 0.90
N TYR C 141 -8.21 -31.10 1.74
CA TYR C 141 -9.57 -31.61 1.89
C TYR C 141 -10.32 -31.58 0.56
N ASN C 142 -11.03 -32.68 0.29
CA ASN C 142 -11.77 -32.97 -0.94
C ASN C 142 -10.88 -33.23 -2.14
N VAL C 143 -9.59 -33.48 -1.92
CA VAL C 143 -8.71 -34.05 -2.94
C VAL C 143 -8.16 -35.39 -2.51
N ASN C 144 -7.64 -35.48 -1.27
CA ASN C 144 -7.14 -36.77 -0.79
C ASN C 144 -7.33 -36.98 0.70
N HIS C 145 -8.26 -36.29 1.36
CA HIS C 145 -8.36 -36.42 2.81
C HIS C 145 -8.91 -37.77 3.23
N LYS C 146 -9.60 -38.50 2.35
CA LYS C 146 -10.03 -39.85 2.67
C LYS C 146 -8.84 -40.76 2.98
N THR C 147 -7.63 -40.39 2.55
CA THR C 147 -6.44 -41.17 2.87
C THR C 147 -6.05 -41.07 4.33
N ILE C 148 -6.71 -40.22 5.12
CA ILE C 148 -6.38 -40.15 6.53
C ILE C 148 -6.73 -41.47 7.19
N SER C 149 -5.78 -42.02 7.93
CA SER C 149 -5.99 -43.20 8.75
C SER C 149 -6.19 -42.82 10.20
N SER C 150 -7.05 -43.56 10.91
CA SER C 150 -7.26 -43.31 12.32
C SER C 150 -6.01 -43.58 13.15
N ASP C 151 -5.04 -44.33 12.62
CA ASP C 151 -3.73 -44.49 13.25
C ASP C 151 -2.81 -43.30 13.02
N ASP C 152 -3.23 -42.27 12.28
CA ASP C 152 -2.37 -41.13 12.01
C ASP C 152 -2.32 -40.22 13.22
N LYS C 153 -1.16 -40.13 13.86
CA LYS C 153 -0.97 -39.25 15.01
C LYS C 153 -0.63 -37.82 14.59
N ILE C 154 0.12 -37.65 13.49
CA ILE C 154 0.48 -36.34 12.98
C ILE C 154 -0.03 -36.23 11.55
N ILE C 155 -0.75 -35.15 11.26
CA ILE C 155 -1.32 -34.88 9.95
C ILE C 155 -0.94 -33.47 9.54
N SER C 156 -0.57 -33.29 8.28
CA SER C 156 -0.34 -31.98 7.71
C SER C 156 -1.50 -31.62 6.80
N ALA C 157 -1.97 -30.37 6.91
CA ALA C 157 -2.97 -29.83 6.02
C ALA C 157 -2.35 -29.11 4.81
N ALA C 158 -1.08 -29.39 4.50
CA ALA C 158 -0.34 -28.71 3.44
C ALA C 158 -0.36 -27.20 3.63
N SER C 159 -0.18 -26.47 2.54
CA SER C 159 -0.04 -25.02 2.58
C SER C 159 -1.23 -24.36 1.86
N CYS C 160 -1.36 -23.04 2.03
CA CYS C 160 -2.44 -22.34 1.36
C CYS C 160 -2.36 -22.55 -0.16
N THR C 161 -1.16 -22.43 -0.74
CA THR C 161 -1.03 -22.58 -2.18
C THR C 161 -1.33 -24.02 -2.61
N THR C 162 -0.94 -25.01 -1.79
CA THR C 162 -1.24 -26.40 -2.13
C THR C 162 -2.74 -26.64 -2.18
N ASN C 163 -3.49 -26.05 -1.24
CA ASN C 163 -4.94 -26.23 -1.25
C ASN C 163 -5.57 -25.55 -2.46
N CYS C 164 -4.99 -24.44 -2.92
CA CYS C 164 -5.48 -23.84 -4.14
C CYS C 164 -5.14 -24.70 -5.35
N LEU C 165 -3.90 -25.18 -5.44
CA LEU C 165 -3.42 -25.83 -6.64
C LEU C 165 -3.93 -27.26 -6.77
N ALA C 166 -4.05 -28.00 -5.67
CA ALA C 166 -4.34 -29.43 -5.74
C ALA C 166 -5.60 -29.76 -6.55
N PRO C 167 -6.75 -29.10 -6.38
CA PRO C 167 -7.92 -29.49 -7.19
C PRO C 167 -7.70 -29.34 -8.69
N LEU C 168 -7.00 -28.27 -9.11
CA LEU C 168 -6.69 -28.12 -10.54
C LEU C 168 -5.86 -29.30 -11.05
N VAL C 169 -4.76 -29.60 -10.35
CA VAL C 169 -3.87 -30.68 -10.72
C VAL C 169 -4.61 -32.01 -10.71
N HIS C 170 -5.40 -32.25 -9.65
CA HIS C 170 -6.18 -33.48 -9.58
C HIS C 170 -7.11 -33.61 -10.79
N VAL C 171 -7.73 -32.51 -11.23
CA VAL C 171 -8.66 -32.60 -12.34
C VAL C 171 -7.92 -32.83 -13.66
N LEU C 172 -6.84 -32.07 -13.89
CA LEU C 172 -6.09 -32.25 -15.13
C LEU C 172 -5.53 -33.66 -15.24
N GLU C 173 -5.05 -34.23 -14.13
CA GLU C 173 -4.45 -35.55 -14.17
C GLU C 173 -5.48 -36.64 -14.47
N LYS C 174 -6.64 -36.59 -13.82
CA LYS C 174 -7.63 -37.66 -13.97
C LYS C 174 -8.35 -37.61 -15.31
N ASN C 175 -8.46 -36.43 -15.90
CA ASN C 175 -9.14 -36.27 -17.19
C ASN C 175 -8.19 -36.30 -18.37
N PHE C 176 -6.99 -35.70 -18.26
CA PHE C 176 -6.14 -35.54 -19.43
C PHE C 176 -4.71 -36.01 -19.26
N GLY C 177 -4.25 -36.27 -18.03
CA GLY C 177 -2.88 -36.68 -17.79
C GLY C 177 -1.89 -35.54 -17.98
N ILE C 178 -1.20 -35.17 -16.93
CA ILE C 178 -0.14 -34.17 -17.02
C ILE C 178 1.15 -34.86 -17.40
N VAL C 179 1.92 -34.22 -18.29
CA VAL C 179 3.27 -34.66 -18.60
C VAL C 179 4.29 -33.89 -17.77
N TYR C 180 4.26 -32.57 -17.85
CA TYR C 180 5.11 -31.75 -16.99
C TYR C 180 4.62 -30.31 -17.09
N GLY C 181 5.14 -29.46 -16.21
CA GLY C 181 4.72 -28.07 -16.24
C GLY C 181 5.26 -27.29 -15.07
N THR C 182 4.72 -26.08 -14.92
CA THR C 182 5.20 -25.11 -13.96
C THR C 182 4.01 -24.39 -13.34
N MET C 183 4.18 -23.94 -12.10
CA MET C 183 3.19 -23.06 -11.49
C MET C 183 3.88 -21.86 -10.87
N LEU C 184 3.13 -20.78 -10.77
CA LEU C 184 3.61 -19.56 -10.14
C LEU C 184 2.44 -19.00 -9.35
N THR C 185 2.69 -18.68 -8.08
CA THR C 185 1.68 -18.02 -7.28
C THR C 185 2.11 -16.58 -7.04
N VAL C 186 1.16 -15.67 -7.23
CA VAL C 186 1.31 -14.27 -6.86
C VAL C 186 0.49 -14.09 -5.59
N HIS C 187 1.18 -13.76 -4.49
CA HIS C 187 0.77 -14.18 -3.16
C HIS C 187 0.83 -12.98 -2.23
N ALA C 188 -0.22 -12.79 -1.44
CA ALA C 188 -0.23 -11.74 -0.42
C ALA C 188 0.94 -11.91 0.55
N TYR C 189 1.34 -10.81 1.19
CA TYR C 189 2.43 -10.93 2.15
C TYR C 189 1.93 -11.55 3.45
N THR C 190 2.84 -12.21 4.15
CA THR C 190 2.53 -12.90 5.39
C THR C 190 3.47 -12.44 6.48
N ALA C 191 3.17 -12.88 7.70
CA ALA C 191 3.96 -12.48 8.86
C ALA C 191 5.39 -13.00 8.82
N ASP C 192 5.71 -13.93 7.93
CA ASP C 192 7.11 -14.33 7.77
C ASP C 192 7.93 -13.28 7.05
N GLN C 193 7.31 -12.27 6.46
CA GLN C 193 8.06 -11.22 5.78
C GLN C 193 8.31 -10.06 6.75
N ARG C 194 8.90 -9.00 6.26
CA ARG C 194 9.32 -7.88 7.09
C ARG C 194 8.61 -6.61 6.68
N LEU C 195 8.21 -5.81 7.68
CA LEU C 195 7.57 -4.53 7.37
C LEU C 195 8.60 -3.52 6.84
N GLN C 196 9.74 -3.45 7.49
CA GLN C 196 10.87 -2.64 7.04
C GLN C 196 12.03 -3.58 6.81
N ASP C 197 12.90 -3.28 5.84
CA ASP C 197 14.08 -4.13 5.58
C ASP C 197 14.73 -4.52 6.91
N ALA C 198 14.91 -5.82 7.13
CA ALA C 198 15.38 -6.33 8.43
C ALA C 198 15.90 -7.75 8.22
N PRO C 199 16.76 -8.24 9.12
CA PRO C 199 17.37 -9.57 8.94
C PRO C 199 16.35 -10.68 8.71
N HIS C 200 16.67 -11.56 7.78
CA HIS C 200 15.90 -12.75 7.46
C HIS C 200 16.87 -13.62 6.69
N ASN C 201 16.83 -14.95 6.93
CA ASN C 201 17.78 -15.78 6.19
C ASN C 201 17.42 -15.87 4.70
N ASP C 202 16.14 -15.72 4.36
CA ASP C 202 15.74 -15.50 2.96
C ASP C 202 15.93 -14.00 2.71
N LEU C 203 17.00 -13.66 2.00
CA LEU C 203 17.37 -12.26 1.79
C LEU C 203 16.37 -11.49 0.96
N ARG C 204 15.37 -12.15 0.35
CA ARG C 204 14.33 -11.36 -0.31
C ARG C 204 13.11 -11.18 0.60
N ARG C 205 12.75 -12.21 1.38
CA ARG C 205 11.75 -12.02 2.42
C ARG C 205 12.20 -11.00 3.47
N ALA C 206 13.50 -10.70 3.56
CA ALA C 206 14.00 -9.63 4.40
C ALA C 206 13.46 -8.25 4.01
N ARG C 207 12.94 -8.08 2.80
CA ARG C 207 12.73 -6.74 2.25
C ARG C 207 11.31 -6.24 2.52
N ALA C 208 11.18 -4.92 2.70
CA ALA C 208 9.90 -4.29 3.06
C ALA C 208 8.73 -4.84 2.24
N ALA C 209 7.83 -5.58 2.88
CA ALA C 209 6.88 -6.42 2.14
C ALA C 209 5.80 -5.61 1.41
N ALA C 210 5.43 -4.44 1.92
CA ALA C 210 4.29 -3.73 1.37
C ALA C 210 4.68 -2.79 0.23
N VAL C 211 5.95 -2.82 -0.21
CA VAL C 211 6.38 -2.00 -1.34
C VAL C 211 7.21 -2.81 -2.31
N ASN C 212 7.24 -4.13 -2.16
CA ASN C 212 8.10 -4.94 -3.02
C ASN C 212 7.36 -6.11 -3.61
N ILE C 213 7.75 -6.44 -4.83
CA ILE C 213 7.53 -7.77 -5.40
C ILE C 213 8.70 -8.64 -4.93
N VAL C 214 8.40 -9.74 -4.23
CA VAL C 214 9.43 -10.51 -3.52
C VAL C 214 9.45 -11.96 -4.02
N PRO C 215 10.44 -12.36 -4.83
CA PRO C 215 10.50 -13.76 -5.26
C PRO C 215 10.92 -14.67 -4.11
N THR C 216 10.24 -15.79 -3.94
CA THR C 216 10.57 -16.69 -2.84
C THR C 216 9.96 -18.07 -3.11
N THR C 217 10.11 -18.96 -2.13
CA THR C 217 9.62 -20.32 -2.28
C THR C 217 8.12 -20.41 -2.03
N THR C 218 7.54 -21.52 -2.50
CA THR C 218 6.17 -21.91 -2.20
C THR C 218 6.18 -23.35 -1.69
N GLY C 219 5.40 -23.59 -0.63
CA GLY C 219 5.26 -24.94 -0.08
C GLY C 219 4.53 -25.89 -1.00
N ALA C 220 3.81 -25.35 -1.99
CA ALA C 220 3.13 -26.16 -3.00
C ALA C 220 4.08 -26.98 -3.85
N ALA C 221 5.34 -26.56 -3.96
CA ALA C 221 6.30 -27.33 -4.75
C ALA C 221 6.59 -28.68 -4.09
N LYS C 222 6.72 -28.68 -2.76
CA LYS C 222 7.03 -29.89 -2.01
C LYS C 222 5.78 -30.70 -1.66
N ALA C 223 4.63 -30.04 -1.47
CA ALA C 223 3.42 -30.72 -1.00
C ALA C 223 2.55 -31.28 -2.13
N ILE C 224 2.63 -30.72 -3.34
CA ILE C 224 1.72 -31.14 -4.41
C ILE C 224 1.89 -32.64 -4.71
N GLY C 225 3.13 -33.14 -4.65
CA GLY C 225 3.33 -34.53 -4.98
C GLY C 225 2.74 -35.49 -3.97
N LEU C 226 2.66 -35.06 -2.71
CA LEU C 226 2.06 -35.87 -1.65
C LEU C 226 0.54 -35.85 -1.69
N VAL C 227 -0.07 -34.85 -2.33
CA VAL C 227 -1.52 -34.75 -2.35
C VAL C 227 -2.10 -35.37 -3.62
N VAL C 228 -1.45 -35.18 -4.76
CA VAL C 228 -1.86 -35.85 -5.99
C VAL C 228 -0.70 -36.73 -6.43
N PRO C 229 -0.66 -37.98 -5.97
CA PRO C 229 0.56 -38.78 -6.15
C PRO C 229 1.02 -38.88 -7.60
N GLU C 230 0.13 -39.16 -8.53
CA GLU C 230 0.56 -39.39 -9.90
C GLU C 230 1.05 -38.10 -10.61
N ALA C 231 1.01 -36.95 -9.95
CA ALA C 231 1.65 -35.74 -10.45
C ALA C 231 3.01 -35.50 -9.80
N ASN C 232 3.45 -36.37 -8.91
CA ASN C 232 4.72 -36.20 -8.22
C ASN C 232 5.87 -36.08 -9.21
N GLY C 233 6.69 -35.03 -9.04
CA GLY C 233 7.86 -34.81 -9.87
C GLY C 233 7.59 -34.08 -11.17
N LYS C 234 6.34 -33.78 -11.51
CA LYS C 234 6.02 -33.21 -12.81
C LYS C 234 6.06 -31.69 -12.83
N LEU C 235 5.94 -31.05 -11.67
CA LEU C 235 5.80 -29.60 -11.59
C LEU C 235 6.86 -29.05 -10.64
N ASN C 236 7.17 -27.77 -10.84
CA ASN C 236 7.92 -27.01 -9.87
C ASN C 236 7.47 -25.57 -10.01
N GLY C 237 7.83 -24.74 -9.04
CA GLY C 237 7.42 -23.35 -9.16
C GLY C 237 7.81 -22.56 -7.95
N MET C 238 7.46 -21.28 -8.00
CA MET C 238 7.84 -20.39 -6.92
C MET C 238 6.72 -19.38 -6.71
N SER C 239 6.98 -18.46 -5.77
CA SER C 239 6.01 -17.48 -5.33
C SER C 239 6.56 -16.08 -5.54
N LEU C 240 5.68 -15.15 -5.90
CA LEU C 240 5.99 -13.73 -5.92
C LEU C 240 5.08 -13.08 -4.88
N ARG C 241 5.67 -12.68 -3.76
CA ARG C 241 4.93 -12.00 -2.71
C ARG C 241 4.76 -10.55 -3.12
N VAL C 242 3.56 -10.02 -2.97
CA VAL C 242 3.24 -8.67 -3.46
C VAL C 242 2.40 -7.95 -2.41
N PRO C 243 2.31 -6.61 -2.49
CA PRO C 243 1.61 -5.82 -1.42
C PRO C 243 0.09 -5.88 -1.44
N VAL C 244 -0.50 -7.03 -1.12
CA VAL C 244 -1.89 -7.07 -0.67
C VAL C 244 -1.93 -7.77 0.67
N LEU C 245 -2.90 -7.38 1.50
CA LEU C 245 -2.98 -7.87 2.86
C LEU C 245 -3.32 -9.36 2.90
N THR C 246 -4.25 -9.80 2.06
CA THR C 246 -4.55 -11.22 1.93
C THR C 246 -5.23 -11.43 0.58
N GLY C 247 -5.10 -12.63 0.02
CA GLY C 247 -5.61 -12.88 -1.32
C GLY C 247 -4.48 -13.19 -2.30
N SER C 248 -4.61 -14.29 -3.05
CA SER C 248 -3.55 -14.78 -3.92
C SER C 248 -4.13 -15.50 -5.15
N ILE C 249 -3.28 -15.76 -6.13
CA ILE C 249 -3.68 -16.43 -7.37
C ILE C 249 -2.54 -17.34 -7.83
N VAL C 250 -2.90 -18.50 -8.39
CA VAL C 250 -1.94 -19.42 -8.98
CA VAL C 250 -1.96 -19.45 -8.97
C VAL C 250 -2.17 -19.50 -10.48
N GLU C 251 -1.08 -19.50 -11.24
CA GLU C 251 -1.10 -19.81 -12.65
C GLU C 251 -0.42 -21.15 -12.81
N LEU C 252 -1.10 -22.10 -13.44
CA LEU C 252 -0.57 -23.43 -13.70
C LEU C 252 -0.47 -23.63 -15.20
N SER C 253 0.75 -23.86 -15.70
CA SER C 253 1.01 -24.08 -17.11
C SER C 253 1.54 -25.50 -17.28
N VAL C 254 0.81 -26.35 -18.01
CA VAL C 254 1.16 -27.76 -18.11
C VAL C 254 1.02 -28.26 -19.53
N VAL C 255 1.82 -29.28 -19.84
CA VAL C 255 1.64 -30.10 -21.04
C VAL C 255 0.78 -31.29 -20.65
N LEU C 256 -0.24 -31.60 -21.45
CA LEU C 256 -1.17 -32.67 -21.17
C LEU C 256 -1.01 -33.79 -22.19
N GLU C 257 -1.38 -35.01 -21.78
CA GLU C 257 -1.31 -36.15 -22.69
C GLU C 257 -2.41 -36.05 -23.74
N LYS C 258 -3.63 -35.76 -23.30
CA LYS C 258 -4.75 -35.51 -24.20
C LYS C 258 -4.70 -34.08 -24.72
N SER C 259 -5.68 -33.74 -25.56
CA SER C 259 -5.77 -32.43 -26.18
C SER C 259 -7.21 -31.89 -26.09
N PRO C 260 -7.69 -31.63 -24.87
CA PRO C 260 -9.04 -31.06 -24.74
C PRO C 260 -9.07 -29.61 -25.21
N SER C 261 -10.27 -29.16 -25.55
CA SER C 261 -10.45 -27.75 -25.85
C SER C 261 -10.52 -26.96 -24.53
N VAL C 262 -10.45 -25.63 -24.67
CA VAL C 262 -10.67 -24.77 -23.50
C VAL C 262 -11.98 -25.14 -22.81
N GLU C 263 -13.06 -25.22 -23.58
CA GLU C 263 -14.38 -25.51 -23.01
C GLU C 263 -14.40 -26.87 -22.32
N GLN C 264 -13.72 -27.87 -22.87
CA GLN C 264 -13.65 -29.17 -22.21
C GLN C 264 -12.85 -29.10 -20.92
N VAL C 265 -11.80 -28.28 -20.87
CA VAL C 265 -11.06 -28.12 -19.62
C VAL C 265 -11.93 -27.48 -18.55
N ASN C 266 -12.65 -26.41 -18.93
CA ASN C 266 -13.47 -25.71 -17.95
C ASN C 266 -14.57 -26.60 -17.41
N GLN C 267 -15.19 -27.41 -18.28
CA GLN C 267 -16.28 -28.26 -17.82
C GLN C 267 -15.79 -29.31 -16.84
N ALA C 268 -14.62 -29.91 -17.11
CA ALA C 268 -14.04 -30.84 -16.15
C ALA C 268 -13.79 -30.14 -14.81
N MET C 269 -13.36 -28.88 -14.84
CA MET C 269 -13.22 -28.14 -13.59
C MET C 269 -14.57 -27.97 -12.90
N LYS C 270 -15.60 -27.57 -13.65
CA LYS C 270 -16.92 -27.32 -13.07
C LYS C 270 -17.57 -28.58 -12.50
N ARG C 271 -17.30 -29.74 -13.09
CA ARG C 271 -17.87 -30.98 -12.55
C ARG C 271 -17.28 -31.36 -11.20
N PHE C 272 -16.09 -30.87 -10.85
CA PHE C 272 -15.45 -31.17 -9.58
C PHE C 272 -15.71 -30.10 -8.53
N ALA C 273 -16.65 -29.18 -8.77
CA ALA C 273 -16.98 -28.17 -7.79
C ALA C 273 -17.47 -28.79 -6.49
N SER C 274 -17.19 -28.13 -5.38
CA SER C 274 -17.67 -28.57 -4.08
C SER C 274 -17.61 -27.37 -3.14
N ALA C 275 -17.75 -27.63 -1.84
CA ALA C 275 -17.53 -26.60 -0.82
C ALA C 275 -16.08 -26.17 -0.75
N SER C 276 -15.17 -26.94 -1.33
CA SER C 276 -13.76 -26.60 -1.36
C SER C 276 -13.33 -25.95 -2.65
N PHE C 277 -14.14 -26.05 -3.70
CA PHE C 277 -13.68 -25.72 -5.05
C PHE C 277 -14.80 -25.00 -5.79
N LYS C 278 -14.62 -23.71 -5.97
CA LYS C 278 -15.63 -22.85 -6.57
C LYS C 278 -15.31 -22.67 -8.05
N TYR C 279 -16.32 -22.83 -8.89
CA TYR C 279 -16.22 -22.53 -10.31
C TYR C 279 -16.71 -21.10 -10.53
N CYS C 280 -15.81 -20.20 -10.88
CA CYS C 280 -16.15 -18.80 -11.08
C CYS C 280 -16.24 -18.50 -12.57
N GLU C 281 -17.14 -17.57 -12.91
CA GLU C 281 -17.34 -17.16 -14.29
C GLU C 281 -17.23 -15.65 -14.46
N ASP C 282 -16.96 -14.93 -13.43
CA ASP C 282 -16.93 -13.49 -13.49
C ASP C 282 -15.50 -12.95 -13.49
N PRO C 283 -15.26 -11.80 -14.09
CA PRO C 283 -13.89 -11.24 -14.12
C PRO C 283 -13.52 -10.55 -12.82
N ILE C 284 -13.15 -11.36 -11.83
CA ILE C 284 -12.87 -10.90 -10.46
C ILE C 284 -11.39 -10.55 -10.27
N VAL C 285 -11.09 -9.95 -9.11
CA VAL C 285 -9.73 -9.64 -8.68
C VAL C 285 -9.57 -10.12 -7.25
N SER C 286 -8.38 -9.95 -6.67
CA SER C 286 -8.08 -10.66 -5.42
C SER C 286 -9.01 -10.24 -4.28
N SER C 287 -9.39 -8.95 -4.18
CA SER C 287 -10.23 -8.55 -3.05
CA SER C 287 -10.23 -8.55 -3.06
C SER C 287 -11.55 -9.30 -3.04
N ASP C 288 -11.99 -9.81 -4.19
CA ASP C 288 -13.26 -10.51 -4.26
C ASP C 288 -13.22 -11.86 -3.59
N VAL C 289 -12.03 -12.39 -3.24
CA VAL C 289 -11.96 -13.66 -2.54
C VAL C 289 -11.61 -13.51 -1.06
N VAL C 290 -11.41 -12.28 -0.58
CA VAL C 290 -11.14 -12.11 0.85
C VAL C 290 -12.28 -12.69 1.67
N SER C 291 -11.94 -13.59 2.59
CA SER C 291 -12.82 -14.27 3.57
C SER C 291 -13.58 -15.43 2.96
N SER C 292 -13.26 -15.82 1.72
CA SER C 292 -13.91 -16.96 1.08
C SER C 292 -13.72 -18.23 1.91
N GLU C 293 -14.76 -19.06 1.96
CA GLU C 293 -14.66 -20.37 2.57
C GLU C 293 -14.27 -21.47 1.60
N TYR C 294 -14.14 -21.16 0.32
CA TYR C 294 -13.66 -22.14 -0.65
C TYR C 294 -12.16 -22.25 -0.57
N GLY C 295 -11.65 -23.49 -0.62
CA GLY C 295 -10.20 -23.68 -0.66
C GLY C 295 -9.58 -23.18 -1.94
N SER C 296 -10.36 -23.12 -3.02
CA SER C 296 -9.86 -22.77 -4.34
C SER C 296 -11.00 -22.20 -5.18
N ILE C 297 -10.73 -21.12 -5.90
CA ILE C 297 -11.74 -20.45 -6.74
C ILE C 297 -11.19 -20.46 -8.17
N PHE C 298 -11.74 -21.33 -9.00
CA PHE C 298 -11.28 -21.49 -10.38
C PHE C 298 -11.78 -20.33 -11.23
N ASP C 299 -10.87 -19.73 -12.00
CA ASP C 299 -11.18 -18.54 -12.80
C ASP C 299 -11.32 -18.98 -14.27
N SER C 300 -12.52 -19.46 -14.61
CA SER C 300 -12.71 -20.10 -15.90
C SER C 300 -12.51 -19.17 -17.08
N LYS C 301 -12.65 -17.85 -16.88
CA LYS C 301 -12.44 -16.92 -17.97
C LYS C 301 -10.98 -16.82 -18.40
N LEU C 302 -10.03 -17.18 -17.53
CA LEU C 302 -8.63 -17.04 -17.87
C LEU C 302 -8.07 -18.27 -18.58
N THR C 303 -8.78 -19.39 -18.59
CA THR C 303 -8.27 -20.61 -19.24
C THR C 303 -7.88 -20.35 -20.69
N ASN C 304 -6.67 -20.74 -21.08
CA ASN C 304 -6.28 -20.57 -22.47
C ASN C 304 -5.19 -21.56 -22.82
N ILE C 305 -5.04 -21.79 -24.12
CA ILE C 305 -4.09 -22.76 -24.68
C ILE C 305 -3.10 -22.03 -25.58
N VAL C 306 -1.81 -22.22 -25.33
CA VAL C 306 -0.76 -21.77 -26.24
C VAL C 306 -0.55 -22.87 -27.28
N GLU C 307 -0.85 -22.57 -28.56
CA GLU C 307 -0.75 -23.54 -29.65
C GLU C 307 0.34 -23.14 -30.64
N VAL C 308 1.35 -23.98 -30.78
CA VAL C 308 2.47 -23.72 -31.67
C VAL C 308 2.81 -25.01 -32.43
N ASP C 309 2.37 -25.09 -33.67
CA ASP C 309 2.69 -26.22 -34.55
C ASP C 309 2.29 -27.56 -33.92
N GLY C 310 1.05 -27.64 -33.43
CA GLY C 310 0.53 -28.85 -32.84
C GLY C 310 0.93 -29.08 -31.40
N MET C 311 1.85 -28.30 -30.86
CA MET C 311 2.21 -28.38 -29.45
C MET C 311 1.30 -27.48 -28.65
N LYS C 312 0.80 -28.01 -27.54
CA LYS C 312 -0.17 -27.31 -26.71
C LYS C 312 0.36 -27.16 -25.29
N LEU C 313 0.21 -25.96 -24.75
CA LEU C 313 0.47 -25.67 -23.34
C LEU C 313 -0.81 -25.12 -22.72
N TYR C 314 -1.34 -25.81 -21.72
CA TYR C 314 -2.59 -25.41 -21.10
C TYR C 314 -2.31 -24.53 -19.89
N LYS C 315 -3.04 -23.43 -19.77
CA LYS C 315 -2.85 -22.50 -18.66
C LYS C 315 -4.17 -22.32 -17.94
N VAL C 316 -4.21 -22.67 -16.66
CA VAL C 316 -5.37 -22.50 -15.79
C VAL C 316 -4.99 -21.64 -14.59
N TYR C 317 -6.01 -21.07 -13.96
CA TYR C 317 -5.84 -20.07 -12.93
C TYR C 317 -6.85 -20.28 -11.81
N ALA C 318 -6.39 -20.22 -10.56
CA ALA C 318 -7.30 -20.28 -9.43
C ALA C 318 -6.87 -19.27 -8.38
N TRP C 319 -7.85 -18.67 -7.72
CA TRP C 319 -7.68 -17.72 -6.64
C TRP C 319 -7.79 -18.41 -5.29
N TYR C 320 -7.29 -17.73 -4.26
CA TYR C 320 -7.52 -18.20 -2.90
C TYR C 320 -7.23 -17.08 -1.92
N ASP C 321 -7.98 -17.05 -0.83
CA ASP C 321 -7.61 -16.23 0.30
C ASP C 321 -6.66 -17.09 1.12
N ASN C 322 -5.36 -16.81 1.00
CA ASN C 322 -4.36 -17.64 1.65
C ASN C 322 -4.63 -17.80 3.14
N GLU C 323 -5.33 -16.84 3.76
CA GLU C 323 -5.80 -17.03 5.13
C GLU C 323 -7.10 -17.85 5.14
N SER C 324 -8.21 -17.23 4.72
CA SER C 324 -9.53 -17.82 4.96
C SER C 324 -9.75 -19.12 4.20
N SER C 325 -9.30 -19.18 2.94
CA SER C 325 -9.47 -20.41 2.17
C SER C 325 -8.80 -21.58 2.86
N TYR C 326 -7.54 -21.39 3.29
CA TYR C 326 -6.82 -22.43 4.01
C TYR C 326 -7.49 -22.74 5.35
N VAL C 327 -7.89 -21.71 6.09
CA VAL C 327 -8.51 -21.90 7.40
C VAL C 327 -9.73 -22.82 7.28
N HIS C 328 -10.56 -22.59 6.28
CA HIS C 328 -11.78 -23.40 6.18
C HIS C 328 -11.49 -24.81 5.70
N GLN C 329 -10.42 -24.99 4.91
CA GLN C 329 -9.96 -26.33 4.55
C GLN C 329 -9.47 -27.08 5.77
N LEU C 330 -8.61 -26.45 6.58
CA LEU C 330 -8.15 -27.04 7.84
C LEU C 330 -9.33 -27.43 8.72
N VAL C 331 -10.31 -26.53 8.88
CA VAL C 331 -11.46 -26.85 9.73
C VAL C 331 -12.21 -28.06 9.19
N ARG C 332 -12.30 -28.22 7.87
CA ARG C 332 -12.95 -29.41 7.33
C ARG C 332 -12.15 -30.67 7.67
N VAL C 333 -10.83 -30.56 7.76
CA VAL C 333 -10.02 -31.69 8.16
C VAL C 333 -10.28 -32.03 9.62
N VAL C 334 -10.42 -31.01 10.47
CA VAL C 334 -10.73 -31.26 11.88
C VAL C 334 -12.10 -31.91 12.03
N SER C 335 -13.09 -31.47 11.22
CA SER C 335 -14.42 -32.08 11.27
C SER C 335 -14.40 -33.52 10.79
N TYR C 336 -13.47 -33.88 9.90
CA TYR C 336 -13.33 -35.26 9.45
C TYR C 336 -12.66 -36.12 10.48
N CYS C 337 -11.74 -35.54 11.28
CA CYS C 337 -11.13 -36.29 12.38
C CYS C 337 -12.12 -36.48 13.53
N ALA C 338 -13.06 -35.55 13.69
CA ALA C 338 -14.11 -35.68 14.70
C ALA C 338 -14.89 -36.98 14.53
N LYS C 339 -15.34 -37.25 13.30
CA LYS C 339 -16.14 -38.44 13.04
C LYS C 339 -15.26 -39.68 12.92
N LEU C 340 -14.30 -39.65 12.00
CA LEU C 340 -13.43 -40.81 11.74
C LEU C 340 -12.54 -41.16 12.92
N THR D 10 22.31 18.67 -33.84
CA THR D 10 21.40 18.96 -32.74
C THR D 10 19.96 18.82 -33.21
N ILE D 11 19.35 17.68 -32.90
CA ILE D 11 18.05 17.32 -33.44
C ILE D 11 16.94 17.82 -32.54
N LYS D 12 15.86 18.33 -33.16
CA LYS D 12 14.74 18.94 -32.47
C LYS D 12 13.66 17.91 -32.20
N VAL D 13 13.24 17.80 -30.94
CA VAL D 13 12.27 16.80 -30.51
C VAL D 13 11.08 17.49 -29.87
N ALA D 14 9.88 16.96 -30.14
CA ALA D 14 8.66 17.35 -29.45
C ALA D 14 8.07 16.15 -28.71
N ILE D 15 7.42 16.41 -27.57
CA ILE D 15 6.86 15.37 -26.72
C ILE D 15 5.35 15.59 -26.61
N ASN D 16 4.57 14.66 -27.15
CA ASN D 16 3.11 14.73 -27.11
C ASN D 16 2.60 13.80 -26.02
N GLY D 17 2.06 14.38 -24.95
CA GLY D 17 1.68 13.58 -23.80
C GLY D 17 2.74 13.62 -22.72
N PHE D 18 2.68 14.65 -21.88
CA PHE D 18 3.67 14.91 -20.84
C PHE D 18 3.34 14.11 -19.57
N GLY D 19 3.13 12.80 -19.72
CA GLY D 19 2.71 11.92 -18.64
C GLY D 19 3.88 11.29 -17.92
N ARG D 20 3.64 10.13 -17.29
CA ARG D 20 4.74 9.43 -16.64
C ARG D 20 5.87 9.22 -17.63
N ILE D 21 5.55 8.69 -18.80
CA ILE D 21 6.59 8.40 -19.79
C ILE D 21 7.14 9.70 -20.39
N GLY D 22 6.24 10.62 -20.77
CA GLY D 22 6.69 11.84 -21.43
C GLY D 22 7.61 12.70 -20.58
N ARG D 23 7.31 12.80 -19.27
CA ARG D 23 8.15 13.59 -18.38
C ARG D 23 9.49 12.91 -18.12
N LEU D 24 9.50 11.59 -17.96
CA LEU D 24 10.76 10.91 -17.73
C LEU D 24 11.64 10.95 -18.96
N VAL D 25 11.04 10.82 -20.14
CA VAL D 25 11.80 11.01 -21.38
C VAL D 25 12.40 12.40 -21.42
N PHE D 26 11.62 13.41 -21.05
CA PHE D 26 12.14 14.77 -20.98
C PHE D 26 13.34 14.87 -20.05
N ARG D 27 13.25 14.24 -18.87
CA ARG D 27 14.35 14.30 -17.89
C ARG D 27 15.61 13.65 -18.43
N SER D 28 15.48 12.48 -19.04
CA SER D 28 16.67 11.82 -19.60
C SER D 28 17.26 12.64 -20.75
N LEU D 29 16.42 13.29 -21.56
CA LEU D 29 16.94 14.01 -22.72
C LEU D 29 17.75 15.24 -22.31
N LEU D 30 17.55 15.76 -21.09
CA LEU D 30 18.35 16.89 -20.63
C LEU D 30 19.84 16.59 -20.63
N SER D 31 20.21 15.34 -20.37
CA SER D 31 21.61 14.94 -20.38
C SER D 31 22.10 14.49 -21.76
N LYS D 32 21.20 14.35 -22.73
CA LYS D 32 21.58 13.91 -24.08
C LYS D 32 21.93 15.14 -24.91
N ALA D 33 23.23 15.32 -25.15
CA ALA D 33 23.72 16.53 -25.79
C ALA D 33 23.37 16.60 -27.27
N ASN D 34 23.16 15.45 -27.93
CA ASN D 34 22.80 15.47 -29.33
C ASN D 34 21.35 15.90 -29.57
N VAL D 35 20.54 15.98 -28.52
CA VAL D 35 19.08 16.16 -28.63
C VAL D 35 18.64 17.35 -27.79
N GLU D 36 17.75 18.17 -28.34
CA GLU D 36 17.14 19.30 -27.63
C GLU D 36 15.63 19.26 -27.81
N VAL D 37 14.90 19.07 -26.71
CA VAL D 37 13.44 19.10 -26.75
C VAL D 37 13.00 20.56 -26.85
N VAL D 38 12.27 20.88 -27.92
CA VAL D 38 11.86 22.26 -28.14
C VAL D 38 10.39 22.53 -27.78
N ALA D 39 9.56 21.49 -27.63
CA ALA D 39 8.16 21.71 -27.35
C ALA D 39 7.53 20.47 -26.72
N ILE D 40 6.51 20.69 -25.89
CA ILE D 40 5.72 19.63 -25.27
C ILE D 40 4.24 19.96 -25.40
N ASN D 41 3.40 18.94 -25.20
CA ASN D 41 1.95 19.07 -25.38
C ASN D 41 1.21 18.23 -24.35
N ASP D 42 0.17 18.81 -23.77
CA ASP D 42 -0.68 18.05 -22.86
C ASP D 42 -2.04 18.74 -22.77
N LEU D 43 -2.79 18.45 -21.70
CA LEU D 43 -4.17 18.87 -21.56
C LEU D 43 -4.37 19.68 -20.27
N THR D 44 -3.37 20.48 -19.89
CA THR D 44 -3.44 21.26 -18.67
C THR D 44 -2.60 22.53 -18.85
N GLN D 45 -2.60 23.37 -17.82
CA GLN D 45 -1.82 24.60 -17.86
C GLN D 45 -0.33 24.27 -17.77
N PRO D 46 0.53 25.14 -18.33
CA PRO D 46 1.98 24.90 -18.22
C PRO D 46 2.47 24.78 -16.80
N GLU D 47 1.91 25.58 -15.88
CA GLU D 47 2.38 25.56 -14.50
C GLU D 47 2.17 24.19 -13.87
N VAL D 48 1.11 23.49 -14.26
CA VAL D 48 0.86 22.13 -13.77
C VAL D 48 1.90 21.16 -14.33
N LEU D 49 2.21 21.28 -15.63
CA LEU D 49 3.25 20.44 -16.22
C LEU D 49 4.62 20.69 -15.62
N ALA D 50 4.91 21.95 -15.25
CA ALA D 50 6.20 22.26 -14.63
C ALA D 50 6.32 21.62 -13.25
N HIS D 51 5.24 21.64 -12.48
CA HIS D 51 5.30 21.10 -11.12
C HIS D 51 5.49 19.60 -11.16
N LEU D 52 4.71 18.91 -11.98
CA LEU D 52 4.85 17.46 -12.14
C LEU D 52 6.22 17.08 -12.67
N LEU D 53 6.83 17.95 -13.49
CA LEU D 53 8.18 17.67 -13.97
C LEU D 53 9.19 17.76 -12.83
N LYS D 54 9.00 18.71 -11.91
CA LYS D 54 9.98 18.93 -10.86
C LYS D 54 9.90 17.87 -9.78
N TYR D 55 8.69 17.43 -9.43
CA TYR D 55 8.47 16.51 -8.32
C TYR D 55 7.89 15.21 -8.84
N ASP D 56 8.57 14.11 -8.57
CA ASP D 56 8.20 12.80 -9.09
C ASP D 56 8.15 11.81 -7.93
N SER D 57 6.98 11.21 -7.70
CA SER D 57 6.80 10.35 -6.53
C SER D 57 7.80 9.19 -6.51
N ALA D 58 8.02 8.53 -7.66
CA ALA D 58 8.90 7.37 -7.70
C ALA D 58 10.36 7.70 -7.94
N HIS D 59 10.68 8.79 -8.65
CA HIS D 59 12.05 8.99 -9.10
C HIS D 59 12.71 10.24 -8.56
N GLY D 60 12.11 10.93 -7.60
CA GLY D 60 12.79 12.02 -6.94
C GLY D 60 12.68 13.35 -7.67
N GLU D 61 13.25 14.37 -7.04
CA GLU D 61 13.13 15.74 -7.49
C GLU D 61 14.15 16.03 -8.60
N LEU D 62 13.69 16.69 -9.67
CA LEU D 62 14.61 17.24 -10.65
C LEU D 62 15.21 18.52 -10.05
N LYS D 63 16.51 18.48 -9.78
CA LYS D 63 17.16 19.56 -9.01
C LYS D 63 17.75 20.60 -9.97
N ARG D 64 16.84 21.28 -10.66
CA ARG D 64 17.19 22.39 -11.54
C ARG D 64 16.16 23.50 -11.35
N LYS D 65 16.51 24.69 -11.86
CA LYS D 65 15.63 25.84 -11.74
C LYS D 65 14.56 25.76 -12.83
N ILE D 66 13.31 25.68 -12.40
CA ILE D 66 12.19 25.39 -13.29
C ILE D 66 11.16 26.51 -13.14
N THR D 67 10.93 27.26 -14.21
CA THR D 67 10.00 28.37 -14.21
C THR D 67 9.14 28.32 -15.46
N VAL D 68 7.97 28.97 -15.37
CA VAL D 68 7.06 29.09 -16.51
C VAL D 68 6.85 30.57 -16.79
N LYS D 69 7.07 30.96 -18.04
CA LYS D 69 6.81 32.31 -18.52
C LYS D 69 5.79 32.20 -19.65
N GLN D 70 4.57 32.65 -19.39
CA GLN D 70 3.46 32.48 -20.33
C GLN D 70 3.34 31.00 -20.73
N ASN D 71 3.68 30.70 -21.99
CA ASN D 71 3.72 29.32 -22.45
C ASN D 71 5.15 28.82 -22.64
N ILE D 72 6.13 29.51 -22.03
CA ILE D 72 7.53 29.10 -22.09
C ILE D 72 7.89 28.41 -20.79
N LEU D 73 8.40 27.19 -20.88
CA LEU D 73 8.97 26.47 -19.76
C LEU D 73 10.49 26.56 -19.83
N GLN D 74 11.12 26.92 -18.74
CA GLN D 74 12.56 27.17 -18.69
C GLN D 74 13.21 26.23 -17.69
N ILE D 75 14.17 25.44 -18.15
CA ILE D 75 14.90 24.48 -17.32
C ILE D 75 16.37 24.88 -17.35
N ASP D 76 16.86 25.44 -16.25
CA ASP D 76 18.17 26.10 -16.24
C ASP D 76 18.27 27.01 -17.46
N ARG D 77 19.13 26.67 -18.43
CA ARG D 77 19.31 27.51 -19.62
C ARG D 77 18.49 27.04 -20.82
N LYS D 78 17.74 25.95 -20.69
CA LYS D 78 16.92 25.43 -21.78
C LYS D 78 15.56 26.10 -21.79
N LYS D 79 15.11 26.52 -22.97
CA LYS D 79 13.79 27.10 -23.15
C LYS D 79 12.91 26.13 -23.95
N VAL D 80 11.64 26.02 -23.57
CA VAL D 80 10.74 24.99 -24.12
C VAL D 80 9.34 25.58 -24.29
N TYR D 81 8.78 25.43 -25.49
CA TYR D 81 7.42 25.87 -25.77
C TYR D 81 6.41 24.84 -25.25
N VAL D 82 5.30 25.33 -24.69
CA VAL D 82 4.26 24.46 -24.14
C VAL D 82 2.96 24.72 -24.88
N PHE D 83 2.28 23.66 -25.28
CA PHE D 83 1.02 23.76 -26.01
C PHE D 83 -0.05 22.92 -25.33
N SER D 84 -1.33 23.16 -25.72
CA SER D 84 -2.46 22.44 -25.19
C SER D 84 -3.46 22.16 -26.32
N GLU D 85 -3.09 21.25 -27.22
CA GLU D 85 -3.91 20.86 -28.35
C GLU D 85 -4.33 19.40 -28.17
N LYS D 86 -5.62 19.18 -27.93
CA LYS D 86 -6.14 17.82 -27.87
C LYS D 86 -5.98 17.11 -29.21
N ASP D 87 -6.10 17.85 -30.32
CA ASP D 87 -5.91 17.30 -31.65
C ASP D 87 -4.51 17.62 -32.14
N PRO D 88 -3.65 16.62 -32.36
CA PRO D 88 -2.28 16.91 -32.81
C PRO D 88 -2.20 17.58 -34.18
N GLN D 89 -3.26 17.53 -34.98
CA GLN D 89 -3.27 18.23 -36.27
C GLN D 89 -2.93 19.71 -36.10
N ASN D 90 -3.39 20.31 -35.00
CA ASN D 90 -3.30 21.74 -34.79
C ASN D 90 -1.98 22.17 -34.14
N LEU D 91 -1.02 21.23 -33.99
CA LEU D 91 0.27 21.53 -33.34
C LEU D 91 1.26 22.08 -34.37
N PRO D 92 1.95 23.20 -34.05
CA PRO D 92 2.77 23.91 -35.05
C PRO D 92 4.15 23.31 -35.23
N TRP D 93 4.18 22.06 -35.69
CA TRP D 93 5.45 21.35 -35.77
C TRP D 93 6.32 21.85 -36.93
N ASP D 94 5.72 22.17 -38.07
CA ASP D 94 6.52 22.72 -39.15
C ASP D 94 7.09 24.08 -38.77
N GLU D 95 6.34 24.87 -38.00
CA GLU D 95 6.82 26.19 -37.61
C GLU D 95 8.02 26.09 -36.67
N HIS D 96 8.08 25.04 -35.86
CA HIS D 96 9.19 24.84 -34.92
C HIS D 96 10.21 23.83 -35.44
N ASP D 97 10.06 23.35 -36.67
CA ASP D 97 11.06 22.50 -37.34
C ASP D 97 11.37 21.25 -36.52
N ILE D 98 10.31 20.51 -36.20
CA ILE D 98 10.43 19.31 -35.37
C ILE D 98 10.95 18.15 -36.22
N ASP D 99 11.99 17.49 -35.73
CA ASP D 99 12.53 16.29 -36.38
C ASP D 99 11.86 15.01 -35.90
N VAL D 100 11.60 14.89 -34.59
CA VAL D 100 10.99 13.68 -34.03
C VAL D 100 9.93 14.06 -33.01
N VAL D 101 8.73 13.50 -33.15
CA VAL D 101 7.71 13.56 -32.12
C VAL D 101 7.72 12.24 -31.35
N ILE D 102 7.79 12.33 -30.03
CA ILE D 102 7.58 11.16 -29.17
C ILE D 102 6.10 11.14 -28.79
N GLU D 103 5.38 10.14 -29.30
CA GLU D 103 3.93 10.00 -29.07
C GLU D 103 3.73 9.19 -27.80
N SER D 104 3.54 9.89 -26.68
CA SER D 104 3.39 9.23 -25.38
C SER D 104 2.07 9.59 -24.71
N THR D 105 1.02 9.84 -25.49
CA THR D 105 -0.28 10.11 -24.88
C THR D 105 -1.02 8.83 -24.52
N GLY D 106 -0.73 7.73 -25.20
CA GLY D 106 -1.56 6.54 -25.14
C GLY D 106 -2.80 6.57 -26.00
N ARG D 107 -3.08 7.67 -26.69
CA ARG D 107 -4.31 7.82 -27.46
C ARG D 107 -4.10 7.90 -28.97
N PHE D 108 -2.86 7.76 -29.46
CA PHE D 108 -2.59 7.79 -30.90
C PHE D 108 -1.55 6.73 -31.26
N VAL D 109 -1.85 5.47 -30.94
CA VAL D 109 -0.92 4.38 -31.18
C VAL D 109 -1.18 3.66 -32.49
N SER D 110 -2.24 4.00 -33.20
CA SER D 110 -2.49 3.47 -34.53
C SER D 110 -1.76 4.30 -35.59
N GLU D 111 -1.66 3.74 -36.80
CA GLU D 111 -0.92 4.41 -37.86
C GLU D 111 -1.56 5.74 -38.23
N GLU D 112 -2.88 5.75 -38.44
CA GLU D 112 -3.59 6.98 -38.74
C GLU D 112 -3.38 8.02 -37.65
N GLY D 113 -3.56 7.62 -36.39
CA GLY D 113 -3.39 8.52 -35.26
C GLY D 113 -2.03 9.17 -35.19
N ALA D 114 -0.97 8.35 -35.15
CA ALA D 114 0.39 8.87 -35.11
C ALA D 114 0.71 9.71 -36.34
N SER D 115 0.17 9.35 -37.50
CA SER D 115 0.47 10.09 -38.72
C SER D 115 -0.08 11.51 -38.70
N LEU D 116 -0.88 11.89 -37.70
CA LEU D 116 -1.36 13.26 -37.63
C LEU D 116 -0.21 14.23 -37.39
N HIS D 117 0.83 13.78 -36.66
CA HIS D 117 2.01 14.61 -36.45
C HIS D 117 2.74 14.89 -37.76
N LEU D 118 2.77 13.90 -38.66
CA LEU D 118 3.43 14.10 -39.95
C LEU D 118 2.76 15.23 -40.72
N LYS D 119 1.44 15.18 -40.84
CA LYS D 119 0.72 16.25 -41.55
C LYS D 119 0.80 17.58 -40.82
N ALA D 120 1.04 17.58 -39.51
CA ALA D 120 1.17 18.82 -38.76
C ALA D 120 2.52 19.50 -38.97
N GLY D 121 3.50 18.81 -39.52
CA GLY D 121 4.78 19.43 -39.84
C GLY D 121 6.04 18.68 -39.41
N ALA D 122 5.90 17.69 -38.53
CA ALA D 122 7.04 16.95 -38.01
C ALA D 122 7.40 15.79 -38.93
N LYS D 123 8.69 15.43 -38.91
CA LYS D 123 9.26 14.53 -39.91
C LYS D 123 9.22 13.05 -39.51
N ARG D 124 9.23 12.73 -38.23
CA ARG D 124 9.28 11.34 -37.80
C ARG D 124 8.59 11.20 -36.45
N VAL D 125 7.88 10.09 -36.26
CA VAL D 125 7.13 9.81 -35.05
C VAL D 125 7.65 8.52 -34.44
N ILE D 126 7.86 8.54 -33.12
CA ILE D 126 8.17 7.35 -32.33
C ILE D 126 7.07 7.18 -31.30
N ILE D 127 6.33 6.08 -31.39
CA ILE D 127 5.23 5.81 -30.47
C ILE D 127 5.77 5.05 -29.27
N SER D 128 5.46 5.53 -28.07
CA SER D 128 5.92 4.91 -26.82
C SER D 128 5.02 3.76 -26.37
N ALA D 129 4.53 2.96 -27.31
CA ALA D 129 3.68 1.82 -27.04
C ALA D 129 3.65 0.96 -28.29
N PRO D 130 3.23 -0.31 -28.19
CA PRO D 130 3.03 -1.09 -29.41
C PRO D 130 2.04 -0.39 -30.31
N ALA D 131 2.29 -0.44 -31.62
CA ALA D 131 1.33 0.14 -32.55
C ALA D 131 0.14 -0.79 -32.73
N LYS D 132 -0.98 -0.20 -33.12
CA LYS D 132 -2.16 -1.01 -33.45
C LYS D 132 -1.85 -1.93 -34.62
N GLU D 133 -1.25 -1.41 -35.68
CA GLU D 133 -0.92 -2.19 -36.86
C GLU D 133 0.35 -2.98 -36.65
N LYS D 134 0.44 -4.13 -37.33
CA LYS D 134 1.64 -4.95 -37.30
C LYS D 134 2.66 -4.54 -38.35
N THR D 135 2.27 -3.68 -39.30
CA THR D 135 3.13 -3.18 -40.37
C THR D 135 4.04 -2.05 -39.92
N ILE D 136 3.93 -1.59 -38.69
CA ILE D 136 4.77 -0.50 -38.21
C ILE D 136 6.09 -1.08 -37.73
N ARG D 137 7.18 -0.36 -38.00
CA ARG D 137 8.49 -0.73 -37.48
C ARG D 137 8.48 -0.69 -35.95
N THR D 138 8.64 -1.86 -35.32
CA THR D 138 8.71 -1.98 -33.87
C THR D 138 10.11 -2.42 -33.46
N VAL D 139 10.73 -1.69 -32.54
CA VAL D 139 12.13 -1.92 -32.17
C VAL D 139 12.29 -1.92 -30.66
N VAL D 140 13.12 -2.83 -30.18
CA VAL D 140 13.71 -2.76 -28.86
C VAL D 140 15.18 -2.43 -29.05
N TYR D 141 15.64 -1.36 -28.41
CA TYR D 141 17.03 -0.96 -28.60
C TYR D 141 17.97 -2.04 -28.07
N ASN D 142 19.00 -2.33 -28.87
CA ASN D 142 20.00 -3.36 -28.67
C ASN D 142 19.45 -4.78 -28.85
N VAL D 143 18.34 -4.93 -29.57
CA VAL D 143 17.88 -6.23 -30.04
C VAL D 143 17.68 -6.16 -31.56
N ASN D 144 16.93 -5.15 -32.02
CA ASN D 144 16.65 -5.03 -33.45
C ASN D 144 16.58 -3.57 -33.91
N HIS D 145 17.21 -2.63 -33.22
CA HIS D 145 17.09 -1.23 -33.60
C HIS D 145 17.77 -0.92 -34.94
N LYS D 146 18.71 -1.75 -35.40
CA LYS D 146 19.38 -1.46 -36.65
C LYS D 146 18.49 -1.75 -37.87
N THR D 147 17.40 -2.49 -37.68
CA THR D 147 16.39 -2.66 -38.73
C THR D 147 15.60 -1.38 -39.01
N ILE D 148 15.85 -0.30 -38.25
CA ILE D 148 15.27 0.99 -38.60
C ILE D 148 15.84 1.45 -39.92
N SER D 149 14.98 1.68 -40.90
CA SER D 149 15.37 2.31 -42.15
C SER D 149 15.01 3.78 -42.10
N SER D 150 15.86 4.62 -42.72
CA SER D 150 15.59 6.05 -42.74
C SER D 150 14.28 6.38 -43.46
N ASP D 151 13.68 5.42 -44.17
CA ASP D 151 12.37 5.62 -44.77
C ASP D 151 11.25 5.53 -43.73
N ASP D 152 11.46 4.78 -42.64
CA ASP D 152 10.44 4.63 -41.61
C ASP D 152 10.06 5.97 -40.99
N LYS D 153 8.86 6.46 -41.30
CA LYS D 153 8.33 7.68 -40.70
C LYS D 153 7.67 7.41 -39.35
N ILE D 154 7.05 6.26 -39.17
CA ILE D 154 6.45 5.86 -37.91
C ILE D 154 7.24 4.70 -37.34
N ILE D 155 7.61 4.79 -36.07
CA ILE D 155 8.38 3.78 -35.37
C ILE D 155 7.74 3.55 -34.01
N SER D 156 7.56 2.28 -33.65
CA SER D 156 7.09 1.91 -32.32
C SER D 156 8.27 1.40 -31.50
N ALA D 157 8.42 1.94 -30.29
CA ALA D 157 9.44 1.47 -29.36
C ALA D 157 8.92 0.31 -28.50
N ALA D 158 7.81 -0.31 -28.91
CA ALA D 158 7.18 -1.44 -28.23
C ALA D 158 6.69 -1.04 -26.85
N SER D 159 6.57 -1.99 -25.93
CA SER D 159 6.05 -1.72 -24.59
C SER D 159 7.15 -1.96 -23.56
N CYS D 160 6.88 -1.55 -22.31
CA CYS D 160 7.86 -1.79 -21.25
C CYS D 160 8.17 -3.26 -21.11
N THR D 161 7.14 -4.11 -21.09
CA THR D 161 7.37 -5.56 -20.97
C THR D 161 8.11 -6.09 -22.19
N THR D 162 7.80 -5.59 -23.38
CA THR D 162 8.52 -6.03 -24.57
C THR D 162 10.00 -5.71 -24.46
N ASN D 163 10.33 -4.51 -23.97
CA ASN D 163 11.74 -4.16 -23.82
C ASN D 163 12.44 -5.02 -22.78
N CYS D 164 11.71 -5.47 -21.77
CA CYS D 164 12.30 -6.39 -20.80
C CYS D 164 12.44 -7.79 -21.35
N LEU D 165 11.44 -8.25 -22.10
CA LEU D 165 11.41 -9.65 -22.52
C LEU D 165 12.28 -9.91 -23.74
N ALA D 166 12.46 -8.91 -24.61
CA ALA D 166 13.12 -9.12 -25.91
C ALA D 166 14.55 -9.64 -25.79
N PRO D 167 15.44 -9.06 -24.97
CA PRO D 167 16.80 -9.64 -24.90
C PRO D 167 16.78 -11.10 -24.50
N LEU D 168 15.94 -11.46 -23.52
CA LEU D 168 15.82 -12.86 -23.11
C LEU D 168 15.47 -13.75 -24.30
N VAL D 169 14.46 -13.35 -25.06
CA VAL D 169 14.01 -14.20 -26.17
C VAL D 169 15.07 -14.24 -27.26
N HIS D 170 15.68 -13.10 -27.55
CA HIS D 170 16.75 -13.04 -28.53
C HIS D 170 17.89 -13.98 -28.14
N VAL D 171 18.32 -13.95 -26.88
CA VAL D 171 19.44 -14.79 -26.47
C VAL D 171 19.07 -16.27 -26.56
N LEU D 172 17.88 -16.64 -26.09
CA LEU D 172 17.51 -18.04 -26.15
C LEU D 172 17.33 -18.50 -27.60
N GLU D 173 16.76 -17.64 -28.46
CA GLU D 173 16.56 -18.03 -29.86
C GLU D 173 17.90 -18.24 -30.55
N LYS D 174 18.81 -17.27 -30.44
CA LYS D 174 20.07 -17.34 -31.15
C LYS D 174 20.93 -18.50 -30.65
N ASN D 175 20.99 -18.70 -29.33
CA ASN D 175 21.88 -19.70 -28.76
C ASN D 175 21.28 -21.11 -28.72
N PHE D 176 19.96 -21.24 -28.57
CA PHE D 176 19.39 -22.55 -28.30
C PHE D 176 18.11 -22.87 -29.05
N GLY D 177 17.43 -21.88 -29.65
CA GLY D 177 16.16 -22.13 -30.30
C GLY D 177 14.98 -22.33 -29.36
N ILE D 178 13.98 -21.45 -29.45
CA ILE D 178 12.72 -21.61 -28.73
C ILE D 178 11.80 -22.48 -29.56
N VAL D 179 11.07 -23.37 -28.90
CA VAL D 179 9.99 -24.11 -29.56
C VAL D 179 8.66 -23.44 -29.26
N TYR D 180 8.26 -23.41 -27.99
CA TYR D 180 7.04 -22.74 -27.56
C TYR D 180 7.15 -22.39 -26.07
N GLY D 181 6.42 -21.37 -25.66
CA GLY D 181 6.59 -20.91 -24.29
C GLY D 181 5.48 -20.00 -23.81
N THR D 182 5.57 -19.66 -22.53
CA THR D 182 4.64 -18.76 -21.87
C THR D 182 5.45 -17.72 -21.09
N MET D 183 4.90 -16.50 -21.00
CA MET D 183 5.49 -15.47 -20.18
C MET D 183 4.40 -14.87 -19.31
N LEU D 184 4.80 -14.48 -18.10
CA LEU D 184 3.93 -13.81 -17.15
C LEU D 184 4.68 -12.64 -16.56
N THR D 185 4.05 -11.46 -16.56
CA THR D 185 4.66 -10.30 -15.93
C THR D 185 3.84 -9.91 -14.72
N VAL D 186 4.52 -9.76 -13.59
CA VAL D 186 3.95 -9.21 -12.39
C VAL D 186 4.40 -7.77 -12.34
N HIS D 187 3.44 -6.86 -12.39
CA HIS D 187 3.67 -5.58 -13.03
C HIS D 187 3.08 -4.48 -12.18
N ALA D 188 3.86 -3.43 -11.97
CA ALA D 188 3.35 -2.29 -11.22
C ALA D 188 2.07 -1.74 -11.87
N TYR D 189 1.19 -1.17 -11.04
CA TYR D 189 0.00 -0.55 -11.60
C TYR D 189 0.38 0.72 -12.36
N THR D 190 -0.43 1.06 -13.36
CA THR D 190 -0.17 2.20 -14.23
C THR D 190 -1.36 3.14 -14.25
N ALA D 191 -1.20 4.27 -14.94
CA ALA D 191 -2.25 5.29 -14.97
C ALA D 191 -3.51 4.80 -15.66
N ASP D 192 -3.43 3.69 -16.40
CA ASP D 192 -4.58 3.10 -17.07
C ASP D 192 -5.51 2.38 -16.10
N GLN D 193 -5.09 2.18 -14.86
CA GLN D 193 -5.91 1.54 -13.85
C GLN D 193 -6.64 2.60 -13.01
N ARG D 194 -7.42 2.14 -12.04
CA ARG D 194 -8.31 2.99 -11.27
C ARG D 194 -7.90 2.98 -9.81
N LEU D 195 -7.89 4.17 -9.20
CA LEU D 195 -7.54 4.26 -7.77
C LEU D 195 -8.66 3.69 -6.90
N GLN D 196 -9.91 3.99 -7.24
CA GLN D 196 -11.10 3.41 -6.63
C GLN D 196 -11.91 2.74 -7.71
N ASP D 197 -12.53 1.59 -7.39
CA ASP D 197 -13.41 0.88 -8.31
C ASP D 197 -14.19 1.87 -9.17
N ALA D 198 -14.07 1.79 -10.49
CA ALA D 198 -14.67 2.80 -11.37
C ALA D 198 -14.75 2.22 -12.77
N PRO D 199 -15.59 2.79 -13.64
CA PRO D 199 -15.74 2.23 -14.99
C PRO D 199 -14.42 2.12 -15.76
N HIS D 200 -14.29 1.01 -16.48
CA HIS D 200 -13.20 0.69 -17.37
C HIS D 200 -13.75 -0.33 -18.35
N ASN D 201 -13.32 -0.25 -19.61
CA ASN D 201 -13.67 -1.29 -20.57
C ASN D 201 -13.18 -2.66 -20.12
N ASP D 202 -12.08 -2.71 -19.38
CA ASP D 202 -11.55 -3.94 -18.80
C ASP D 202 -12.05 -3.98 -17.36
N LEU D 203 -12.94 -4.95 -17.07
CA LEU D 203 -13.61 -5.01 -15.78
C LEU D 203 -12.68 -5.36 -14.63
N ARG D 204 -11.44 -5.75 -14.91
CA ARG D 204 -10.50 -5.98 -13.84
C ARG D 204 -9.59 -4.77 -13.60
N ARG D 205 -9.11 -4.13 -14.68
CA ARG D 205 -8.48 -2.82 -14.54
C ARG D 205 -9.43 -1.78 -13.93
N ALA D 206 -10.74 -2.06 -13.88
CA ALA D 206 -11.68 -1.18 -13.21
C ALA D 206 -11.47 -1.09 -11.71
N ARG D 207 -10.71 -2.00 -11.11
CA ARG D 207 -10.73 -2.19 -9.66
C ARG D 207 -9.56 -1.50 -8.98
N ALA D 208 -9.82 -0.94 -7.80
CA ALA D 208 -8.84 -0.25 -6.95
C ALA D 208 -7.45 -0.86 -7.09
N ALA D 209 -6.50 -0.14 -7.70
CA ALA D 209 -5.27 -0.81 -8.12
C ALA D 209 -4.30 -1.05 -6.98
N ALA D 210 -4.37 -0.27 -5.91
CA ALA D 210 -3.39 -0.40 -4.84
C ALA D 210 -3.78 -1.44 -3.79
N VAL D 211 -4.88 -2.17 -3.99
CA VAL D 211 -5.28 -3.19 -3.02
C VAL D 211 -5.65 -4.47 -3.74
N ASN D 212 -5.26 -4.61 -5.01
CA ASN D 212 -5.72 -5.74 -5.79
C ASN D 212 -4.62 -6.35 -6.63
N ILE D 213 -4.66 -7.67 -6.76
CA ILE D 213 -4.00 -8.36 -7.87
C ILE D 213 -4.99 -8.39 -9.03
N VAL D 214 -4.54 -7.95 -10.21
CA VAL D 214 -5.44 -7.66 -11.33
C VAL D 214 -4.97 -8.36 -12.60
N PRO D 215 -5.58 -9.48 -12.99
CA PRO D 215 -5.18 -10.13 -14.25
C PRO D 215 -5.63 -9.28 -15.44
N THR D 216 -4.76 -9.14 -16.41
CA THR D 216 -5.06 -8.33 -17.59
C THR D 216 -4.04 -8.66 -18.68
N THR D 217 -4.10 -7.92 -19.78
CA THR D 217 -3.30 -8.15 -20.96
C THR D 217 -1.94 -7.45 -20.87
N THR D 218 -1.02 -7.89 -21.72
CA THR D 218 0.27 -7.24 -21.89
C THR D 218 0.54 -7.11 -23.39
N GLY D 219 1.08 -5.95 -23.78
CA GLY D 219 1.43 -5.73 -25.17
C GLY D 219 2.54 -6.63 -25.66
N ALA D 220 3.38 -7.14 -24.74
CA ALA D 220 4.47 -8.03 -25.12
C ALA D 220 3.97 -9.29 -25.81
N ALA D 221 2.71 -9.68 -25.57
CA ALA D 221 2.19 -10.90 -26.17
C ALA D 221 2.19 -10.81 -27.68
N LYS D 222 1.76 -9.66 -28.22
CA LYS D 222 1.77 -9.42 -29.66
C LYS D 222 3.16 -9.01 -30.13
N ALA D 223 3.68 -7.93 -29.56
CA ALA D 223 4.89 -7.25 -30.04
C ALA D 223 6.13 -8.13 -30.09
N ILE D 224 6.13 -9.28 -29.43
CA ILE D 224 7.35 -10.07 -29.31
C ILE D 224 7.78 -10.62 -30.66
N GLY D 225 6.83 -11.10 -31.46
CA GLY D 225 7.17 -11.55 -32.80
C GLY D 225 7.66 -10.43 -33.70
N LEU D 226 7.23 -9.19 -33.44
CA LEU D 226 7.66 -8.08 -34.27
C LEU D 226 9.11 -7.71 -33.99
N VAL D 227 9.59 -7.94 -32.77
CA VAL D 227 10.93 -7.51 -32.41
C VAL D 227 11.95 -8.64 -32.60
N VAL D 228 11.55 -9.87 -32.31
CA VAL D 228 12.39 -11.05 -32.54
C VAL D 228 11.65 -11.93 -33.55
N PRO D 229 11.90 -11.74 -34.85
CA PRO D 229 11.05 -12.41 -35.87
C PRO D 229 10.96 -13.92 -35.72
N GLU D 230 12.09 -14.60 -35.50
CA GLU D 230 12.06 -16.06 -35.43
C GLU D 230 11.19 -16.57 -34.30
N ALA D 231 10.83 -15.71 -33.35
CA ALA D 231 10.01 -16.11 -32.21
C ALA D 231 8.53 -15.88 -32.43
N ASN D 232 8.12 -15.52 -33.64
CA ASN D 232 6.74 -15.14 -33.85
C ASN D 232 5.82 -16.34 -33.71
N GLY D 233 4.75 -16.17 -32.93
CA GLY D 233 3.79 -17.23 -32.71
C GLY D 233 4.18 -18.23 -31.67
N LYS D 234 5.38 -18.15 -31.10
CA LYS D 234 5.83 -19.17 -30.17
C LYS D 234 5.34 -18.95 -28.73
N LEU D 235 5.08 -17.71 -28.33
CA LEU D 235 4.79 -17.41 -26.94
C LEU D 235 3.42 -16.74 -26.80
N ASN D 236 2.81 -16.92 -25.63
CA ASN D 236 1.70 -16.07 -25.22
C ASN D 236 1.78 -15.86 -23.72
N GLY D 237 1.11 -14.81 -23.24
CA GLY D 237 1.10 -14.58 -21.82
C GLY D 237 0.19 -13.43 -21.44
N MET D 238 0.18 -13.13 -20.15
CA MET D 238 -0.62 -12.04 -19.64
C MET D 238 0.14 -11.35 -18.52
N SER D 239 -0.56 -10.48 -17.82
CA SER D 239 0.00 -9.59 -16.83
C SER D 239 -0.86 -9.68 -15.58
N LEU D 240 -0.21 -9.54 -14.42
CA LEU D 240 -0.89 -9.44 -13.14
C LEU D 240 -0.40 -8.13 -12.52
N ARG D 241 -1.24 -7.09 -12.61
CA ARG D 241 -0.93 -5.80 -12.00
C ARG D 241 -1.09 -5.92 -10.49
N VAL D 242 -0.11 -5.38 -9.76
CA VAL D 242 -0.07 -5.53 -8.31
C VAL D 242 0.30 -4.20 -7.66
N PRO D 243 0.07 -4.07 -6.32
CA PRO D 243 0.25 -2.73 -5.73
C PRO D 243 1.70 -2.35 -5.47
N VAL D 244 2.45 -2.04 -6.54
CA VAL D 244 3.71 -1.33 -6.38
C VAL D 244 3.69 -0.16 -7.34
N LEU D 245 4.27 0.97 -6.91
CA LEU D 245 4.18 2.20 -7.69
C LEU D 245 4.89 2.06 -9.02
N THR D 246 6.04 1.41 -9.03
CA THR D 246 6.76 1.15 -10.28
C THR D 246 7.71 -0.01 -10.03
N GLY D 247 8.02 -0.76 -11.08
CA GLY D 247 8.88 -1.93 -10.94
C GLY D 247 8.08 -3.19 -11.21
N SER D 248 8.69 -4.12 -11.96
CA SER D 248 7.98 -5.24 -12.55
C SER D 248 8.97 -6.36 -12.84
N ILE D 249 8.44 -7.57 -13.01
CA ILE D 249 9.25 -8.75 -13.29
C ILE D 249 8.53 -9.62 -14.32
N VAL D 250 9.32 -10.27 -15.18
CA VAL D 250 8.78 -11.24 -16.14
CA VAL D 250 8.82 -11.23 -16.17
C VAL D 250 9.36 -12.61 -15.83
N GLU D 251 8.49 -13.62 -15.87
CA GLU D 251 8.89 -15.02 -15.83
C GLU D 251 8.64 -15.63 -17.22
N LEU D 252 9.71 -16.09 -17.87
CA LEU D 252 9.59 -16.75 -19.17
C LEU D 252 9.87 -18.24 -19.00
N SER D 253 8.89 -19.07 -19.34
CA SER D 253 9.03 -20.52 -19.34
C SER D 253 8.94 -21.02 -20.77
N VAL D 254 10.02 -21.62 -21.27
CA VAL D 254 10.07 -22.06 -22.66
C VAL D 254 10.64 -23.46 -22.78
N VAL D 255 10.20 -24.17 -23.80
CA VAL D 255 10.85 -25.39 -24.27
C VAL D 255 11.87 -24.99 -25.32
N LEU D 256 13.08 -25.55 -25.22
CA LEU D 256 14.15 -25.23 -26.15
C LEU D 256 14.51 -26.45 -26.97
N GLU D 257 14.98 -26.20 -28.19
CA GLU D 257 15.40 -27.31 -29.04
C GLU D 257 16.64 -28.00 -28.46
N LYS D 258 17.67 -27.21 -28.15
CA LYS D 258 18.86 -27.72 -27.49
C LYS D 258 18.58 -27.91 -25.99
N SER D 259 19.56 -28.49 -25.30
CA SER D 259 19.42 -28.82 -23.87
C SER D 259 20.58 -28.24 -23.05
N PRO D 260 20.72 -26.92 -22.98
CA PRO D 260 21.80 -26.34 -22.19
C PRO D 260 21.57 -26.50 -20.70
N SER D 261 22.67 -26.43 -19.95
CA SER D 261 22.59 -26.39 -18.50
C SER D 261 22.21 -24.99 -18.02
N VAL D 262 21.89 -24.90 -16.73
CA VAL D 262 21.59 -23.59 -16.14
C VAL D 262 22.77 -22.65 -16.36
N GLU D 263 24.00 -23.14 -16.15
CA GLU D 263 25.18 -22.31 -16.30
C GLU D 263 25.32 -21.78 -17.72
N GLN D 264 25.07 -22.62 -18.72
CA GLN D 264 25.16 -22.17 -20.11
C GLN D 264 24.07 -21.14 -20.44
N VAL D 265 22.87 -21.29 -19.86
CA VAL D 265 21.86 -20.26 -20.08
C VAL D 265 22.31 -18.95 -19.45
N ASN D 266 22.75 -19.00 -18.19
CA ASN D 266 23.18 -17.77 -17.52
C ASN D 266 24.38 -17.16 -18.23
N GLN D 267 25.29 -18.00 -18.75
CA GLN D 267 26.46 -17.49 -19.46
C GLN D 267 26.05 -16.78 -20.75
N ALA D 268 25.14 -17.37 -21.52
CA ALA D 268 24.66 -16.71 -22.73
C ALA D 268 24.03 -15.36 -22.41
N MET D 269 23.22 -15.29 -21.35
CA MET D 269 22.64 -14.01 -20.95
C MET D 269 23.73 -13.01 -20.59
N LYS D 270 24.69 -13.45 -19.77
CA LYS D 270 25.82 -12.59 -19.40
C LYS D 270 26.62 -12.13 -20.62
N ARG D 271 26.74 -12.96 -21.65
CA ARG D 271 27.56 -12.51 -22.78
C ARG D 271 26.85 -11.40 -23.56
N PHE D 272 25.55 -11.27 -23.42
CA PHE D 272 24.76 -10.26 -24.12
C PHE D 272 24.58 -8.97 -23.31
N ALA D 273 25.30 -8.82 -22.21
CA ALA D 273 25.09 -7.66 -21.35
C ALA D 273 25.48 -6.38 -22.10
N SER D 274 24.77 -5.29 -21.79
CA SER D 274 25.03 -4.01 -22.42
C SER D 274 24.46 -2.91 -21.53
N ALA D 275 24.60 -1.66 -22.00
CA ALA D 275 23.89 -0.56 -21.38
C ALA D 275 22.38 -0.80 -21.34
N SER D 276 21.87 -1.64 -22.23
CA SER D 276 20.45 -1.96 -22.33
CA SER D 276 20.45 -1.95 -22.30
C SER D 276 20.06 -3.20 -21.53
N PHE D 277 21.03 -3.99 -21.08
CA PHE D 277 20.77 -5.32 -20.52
C PHE D 277 21.78 -5.61 -19.42
N LYS D 278 21.29 -5.76 -18.20
CA LYS D 278 22.09 -5.95 -16.99
C LYS D 278 22.11 -7.40 -16.55
N TYR D 279 23.29 -7.91 -16.19
CA TYR D 279 23.43 -9.25 -15.64
C TYR D 279 23.51 -9.14 -14.11
N CYS D 280 22.42 -9.46 -13.43
CA CYS D 280 22.36 -9.36 -11.98
C CYS D 280 22.68 -10.71 -11.34
N GLU D 281 23.39 -10.66 -10.21
CA GLU D 281 23.77 -11.86 -9.48
C GLU D 281 23.36 -11.83 -8.02
N ASP D 282 22.63 -10.81 -7.58
CA ASP D 282 22.26 -10.63 -6.19
C ASP D 282 20.77 -10.93 -5.99
N PRO D 283 20.36 -11.37 -4.79
CA PRO D 283 18.93 -11.62 -4.53
C PRO D 283 18.15 -10.33 -4.29
N ILE D 284 17.73 -9.68 -5.37
CA ILE D 284 17.16 -8.36 -5.29
C ILE D 284 15.63 -8.46 -5.26
N VAL D 285 14.97 -7.33 -5.05
CA VAL D 285 13.51 -7.22 -5.15
C VAL D 285 13.17 -6.00 -6.01
N SER D 286 11.86 -5.77 -6.22
CA SER D 286 11.47 -4.81 -7.25
C SER D 286 11.95 -3.40 -6.94
N SER D 287 12.01 -3.00 -5.66
CA SER D 287 12.42 -1.63 -5.38
C SER D 287 13.89 -1.39 -5.75
N ASP D 288 14.68 -2.45 -5.93
CA ASP D 288 16.08 -2.29 -6.32
C ASP D 288 16.27 -1.95 -7.78
N VAL D 289 15.22 -2.03 -8.61
CA VAL D 289 15.36 -1.63 -10.00
C VAL D 289 14.67 -0.32 -10.29
N VAL D 290 14.06 0.32 -9.29
CA VAL D 290 13.42 1.61 -9.51
C VAL D 290 14.47 2.59 -10.03
N SER D 291 14.11 3.32 -11.10
CA SER D 291 14.93 4.31 -11.80
C SER D 291 16.11 3.70 -12.54
N SER D 292 16.14 2.38 -12.73
CA SER D 292 17.21 1.78 -13.50
C SER D 292 17.24 2.35 -14.91
N GLU D 293 18.45 2.47 -15.45
CA GLU D 293 18.63 2.86 -16.84
C GLU D 293 18.74 1.68 -17.79
N TYR D 294 18.78 0.44 -17.28
CA TYR D 294 18.84 -0.74 -18.13
C TYR D 294 17.43 -1.13 -18.58
N GLY D 295 17.32 -1.55 -19.84
CA GLY D 295 16.02 -1.99 -20.33
C GLY D 295 15.53 -3.26 -19.66
N SER D 296 16.44 -4.08 -19.15
CA SER D 296 16.11 -5.41 -18.65
C SER D 296 17.21 -5.89 -17.71
N ILE D 297 16.84 -6.34 -16.51
CA ILE D 297 17.80 -6.78 -15.50
C ILE D 297 17.60 -8.28 -15.29
N PHE D 298 18.53 -9.08 -15.81
CA PHE D 298 18.43 -10.53 -15.75
C PHE D 298 18.78 -11.03 -14.36
N ASP D 299 17.92 -11.86 -13.78
CA ASP D 299 18.06 -12.33 -12.39
C ASP D 299 18.66 -13.73 -12.45
N SER D 300 19.99 -13.80 -12.48
CA SER D 300 20.64 -15.08 -12.77
C SER D 300 20.43 -16.10 -11.65
N LYS D 301 20.16 -15.66 -10.42
CA LYS D 301 19.96 -16.61 -9.32
C LYS D 301 18.65 -17.39 -9.44
N LEU D 302 17.70 -16.91 -10.23
CA LEU D 302 16.41 -17.58 -10.34
C LEU D 302 16.33 -18.60 -11.48
N THR D 303 17.30 -18.61 -12.40
CA THR D 303 17.24 -19.54 -13.54
C THR D 303 17.15 -20.97 -13.06
N ASN D 304 16.22 -21.74 -13.63
CA ASN D 304 16.14 -23.17 -13.31
C ASN D 304 15.45 -23.92 -14.45
N ILE D 305 15.49 -25.24 -14.35
CA ILE D 305 14.95 -26.16 -15.33
C ILE D 305 13.99 -27.10 -14.62
N VAL D 306 12.81 -27.29 -15.18
CA VAL D 306 11.90 -28.33 -14.72
C VAL D 306 12.18 -29.57 -15.57
N GLU D 307 12.79 -30.58 -14.97
CA GLU D 307 13.28 -31.75 -15.69
C GLU D 307 12.40 -32.94 -15.32
N VAL D 308 11.76 -33.54 -16.34
CA VAL D 308 10.78 -34.61 -16.13
C VAL D 308 10.96 -35.62 -17.27
N ASP D 309 11.49 -36.79 -16.95
CA ASP D 309 11.69 -37.88 -17.91
C ASP D 309 12.33 -37.39 -19.20
N GLY D 310 13.38 -36.59 -19.05
CA GLY D 310 14.06 -36.02 -20.20
C GLY D 310 13.39 -34.80 -20.80
N MET D 311 12.14 -34.50 -20.45
CA MET D 311 11.52 -33.25 -20.86
C MET D 311 12.09 -32.11 -20.01
N LYS D 312 12.45 -31.01 -20.65
CA LYS D 312 12.98 -29.85 -19.95
C LYS D 312 12.12 -28.64 -20.23
N LEU D 313 11.83 -27.88 -19.17
CA LEU D 313 11.14 -26.61 -19.25
C LEU D 313 12.04 -25.56 -18.61
N TYR D 314 12.55 -24.64 -19.43
CA TYR D 314 13.49 -23.62 -18.98
C TYR D 314 12.73 -22.40 -18.45
N LYS D 315 13.22 -21.85 -17.32
CA LYS D 315 12.56 -20.71 -16.66
C LYS D 315 13.60 -19.64 -16.33
N VAL D 316 13.37 -18.43 -16.85
CA VAL D 316 14.28 -17.31 -16.68
C VAL D 316 13.46 -16.08 -16.34
N TYR D 317 14.11 -15.14 -15.66
CA TYR D 317 13.43 -14.03 -15.00
C TYR D 317 14.20 -12.74 -15.25
N ALA D 318 13.48 -11.67 -15.53
CA ALA D 318 14.11 -10.38 -15.74
C ALA D 318 13.28 -9.29 -15.11
N TRP D 319 13.94 -8.36 -14.45
CA TRP D 319 13.27 -7.23 -13.84
C TRP D 319 13.28 -6.03 -14.78
N TYR D 320 12.36 -5.11 -14.52
CA TYR D 320 12.41 -3.84 -15.22
C TYR D 320 11.59 -2.81 -14.46
N ASP D 321 12.09 -1.59 -14.45
CA ASP D 321 11.28 -0.45 -14.05
C ASP D 321 10.48 -0.07 -15.30
N ASN D 322 9.20 -0.44 -15.28
CA ASN D 322 8.33 -0.22 -16.43
C ASN D 322 8.31 1.24 -16.85
N GLU D 323 8.57 2.16 -15.92
CA GLU D 323 8.82 3.55 -16.34
C GLU D 323 10.26 3.72 -16.83
N SER D 324 11.23 3.73 -15.90
CA SER D 324 12.59 4.16 -16.22
C SER D 324 13.29 3.25 -17.22
N SER D 325 13.10 1.93 -17.13
CA SER D 325 13.76 1.05 -18.10
C SER D 325 13.29 1.35 -19.52
N TYR D 326 11.98 1.53 -19.68
CA TYR D 326 11.43 1.82 -21.00
C TYR D 326 11.91 3.18 -21.50
N VAL D 327 11.89 4.18 -20.62
CA VAL D 327 12.26 5.53 -20.99
C VAL D 327 13.67 5.57 -21.58
N HIS D 328 14.64 5.01 -20.86
CA HIS D 328 16.02 5.09 -21.33
C HIS D 328 16.22 4.29 -22.62
N GLN D 329 15.47 3.21 -22.81
CA GLN D 329 15.46 2.53 -24.09
C GLN D 329 14.95 3.44 -25.20
N LEU D 330 13.81 4.07 -24.97
CA LEU D 330 13.26 5.01 -25.94
C LEU D 330 14.26 6.12 -26.26
N VAL D 331 15.00 6.59 -25.25
CA VAL D 331 16.01 7.62 -25.48
C VAL D 331 17.14 7.10 -26.37
N ARG D 332 17.55 5.85 -26.16
CA ARG D 332 18.57 5.26 -27.02
C ARG D 332 18.11 5.23 -28.48
N VAL D 333 16.85 4.88 -28.71
CA VAL D 333 16.30 4.90 -30.06
C VAL D 333 16.30 6.32 -30.62
N VAL D 334 15.96 7.31 -29.80
CA VAL D 334 15.92 8.68 -30.29
C VAL D 334 17.32 9.16 -30.63
N SER D 335 18.33 8.76 -29.84
CA SER D 335 19.69 9.12 -30.17
C SER D 335 20.20 8.35 -31.39
N TYR D 336 19.70 7.12 -31.60
CA TYR D 336 20.11 6.36 -32.77
C TYR D 336 19.59 7.01 -34.06
N CYS D 337 18.34 7.44 -34.06
CA CYS D 337 17.80 8.22 -35.16
C CYS D 337 18.60 9.50 -35.35
#